data_5M30
#
_entry.id   5M30
#
_cell.length_a   93.240
_cell.length_b   153.670
_cell.length_c   154.810
_cell.angle_alpha   90.00
_cell.angle_beta   90.00
_cell.angle_gamma   90.00
#
_symmetry.space_group_name_H-M   'P 21 21 21'
#
loop_
_entity.id
_entity.type
_entity.pdbx_description
1 polymer 'Type VI secretion protein'
2 polymer 'Anti-vesicular stomatitis virus N VHH'
3 water water
#
loop_
_entity_poly.entity_id
_entity_poly.type
_entity_poly.pdbx_seq_one_letter_code
_entity_poly.pdbx_strand_id
1 'polypeptide(L)'
;MKIYRPLWEDGAFLMPQQFQQQAAWDVHLADSVARMGLAHPWGVVAAEFDDSLLPLSRLNATRLIVRFPDGTLIDTERAD
NLPPVCDLSTVSDRSLVDIVLALPLLNANGGNLDNGSESERPRRWKSERVNVQELAGHEQSEVAVLRHNLTLRMAHQENA
AWLTCPVTRLVRDAQGQWCRDPRFIPPLLTLSASPSLMTELLELLHHLQARRQRLMSMRRENNARLADFAVADVSLFWLL
NALNSAEPVLKELLDMPYRHPELLYRELARLAGSLLTFSLEHNVDAVPAYHHETPENVFPPLLSLLNRLLEASLPSRVVF
IELKQKGVMWEGALHDARLREGADFWLSVRSSMPGHELQTKFPQLCKAGSPDDVSEVVNVALSGVIIRPVTHVPAAIPLR
LENQYFALDLSTDAARAMLDAGRCTFYTPASLGDVKLELFAVLRT
;
A,B,C
2 'polypeptide(L)'
;QVQLVESGGGLVQAGGTLKLSCAASGSISGIVVMAWYRQAPGKQRELVASITSGGTTNYADSVKGRFTISKDNAENTLYL
RMNSLKPEDTAVYYCKAFFRRDYVGYDYWGQGTQVTVSSHHHHHH
;
D,E,F
#
# COMPACT_ATOMS: atom_id res chain seq x y z
N PHE A 19 -22.39 -15.17 10.70
CA PHE A 19 -21.65 -15.41 11.92
C PHE A 19 -20.16 -15.75 11.60
N GLN A 20 -19.82 -17.05 11.46
CA GLN A 20 -18.49 -17.55 11.13
C GLN A 20 -18.25 -17.50 9.61
N GLN A 21 -19.35 -17.51 8.82
CA GLN A 21 -19.36 -17.49 7.35
C GLN A 21 -18.79 -16.19 6.78
N GLN A 22 -19.10 -15.03 7.42
CA GLN A 22 -18.61 -13.70 7.00
C GLN A 22 -17.11 -13.58 7.24
N ALA A 23 -16.61 -14.04 8.42
CA ALA A 23 -15.20 -14.06 8.81
C ALA A 23 -14.38 -14.88 7.80
N ALA A 24 -14.94 -16.02 7.33
CA ALA A 24 -14.34 -16.86 6.30
C ALA A 24 -14.41 -16.10 4.97
N TRP A 25 -13.29 -16.08 4.22
CA TRP A 25 -13.13 -15.44 2.89
C TRP A 25 -13.15 -13.87 3.00
N ASP A 26 -13.56 -13.29 4.17
CA ASP A 26 -13.47 -11.85 4.43
C ASP A 26 -11.96 -11.60 4.67
N VAL A 27 -11.33 -12.56 5.38
CA VAL A 27 -9.91 -12.67 5.69
C VAL A 27 -9.14 -12.84 4.35
N HIS A 28 -9.73 -13.60 3.40
CA HIS A 28 -9.15 -13.79 2.06
C HIS A 28 -9.13 -12.49 1.25
N LEU A 29 -10.15 -11.66 1.41
CA LEU A 29 -10.26 -10.37 0.74
C LEU A 29 -9.15 -9.43 1.25
N ALA A 30 -8.95 -9.35 2.59
CA ALA A 30 -7.91 -8.48 3.18
C ALA A 30 -6.51 -9.00 2.79
N ASP A 31 -6.33 -10.36 2.79
CA ASP A 31 -5.07 -11.03 2.40
C ASP A 31 -4.73 -10.74 0.93
N SER A 32 -5.72 -10.89 0.02
CA SER A 32 -5.54 -10.61 -1.41
C SER A 32 -5.15 -9.17 -1.68
N VAL A 33 -5.59 -8.23 -0.82
CA VAL A 33 -5.20 -6.83 -0.91
C VAL A 33 -3.75 -6.67 -0.42
N ALA A 34 -3.37 -7.34 0.69
CA ALA A 34 -2.00 -7.26 1.25
C ALA A 34 -0.95 -7.83 0.29
N ARG A 35 -1.34 -8.89 -0.43
CA ARG A 35 -0.51 -9.62 -1.39
C ARG A 35 -0.24 -8.82 -2.68
N MET A 36 -0.85 -7.65 -2.84
CA MET A 36 -0.62 -6.74 -3.99
C MET A 36 0.63 -5.92 -3.78
N GLY A 37 1.02 -5.74 -2.52
CA GLY A 37 2.20 -4.95 -2.20
C GLY A 37 3.29 -5.71 -1.48
N LEU A 38 2.96 -6.89 -0.90
CA LEU A 38 3.82 -7.75 -0.10
C LEU A 38 3.76 -9.20 -0.49
N ALA A 39 4.91 -9.85 -0.41
CA ALA A 39 5.04 -11.23 -0.82
C ALA A 39 4.59 -12.19 0.26
N HIS A 40 4.84 -11.83 1.54
CA HIS A 40 4.57 -12.60 2.74
C HIS A 40 3.83 -11.76 3.78
N PRO A 41 2.54 -11.43 3.59
CA PRO A 41 1.83 -10.64 4.59
C PRO A 41 1.33 -11.46 5.80
N TRP A 42 2.27 -12.00 6.57
CA TRP A 42 1.98 -12.78 7.77
C TRP A 42 3.21 -12.77 8.64
N GLY A 43 3.06 -13.11 9.90
CA GLY A 43 4.16 -13.10 10.85
C GLY A 43 3.75 -12.52 12.17
N VAL A 44 4.75 -12.29 13.03
CA VAL A 44 4.61 -11.78 14.38
C VAL A 44 4.66 -10.25 14.42
N VAL A 45 3.80 -9.66 15.27
CA VAL A 45 3.76 -8.22 15.57
C VAL A 45 4.24 -8.07 17.00
N ALA A 46 3.83 -9.00 17.90
CA ALA A 46 4.23 -9.05 19.32
C ALA A 46 4.09 -10.49 19.81
N ALA A 47 5.11 -10.95 20.54
CA ALA A 47 5.18 -12.28 21.16
C ALA A 47 5.99 -12.15 22.48
N GLU A 48 5.27 -11.96 23.59
CA GLU A 48 5.83 -11.77 24.92
C GLU A 48 5.50 -12.95 25.82
N PHE A 49 6.46 -13.33 26.68
CA PHE A 49 6.34 -14.49 27.55
C PHE A 49 6.73 -14.27 29.01
N ASP A 50 6.17 -15.13 29.89
CA ASP A 50 6.44 -15.18 31.32
C ASP A 50 7.56 -16.19 31.59
N ASP A 51 8.80 -15.68 31.67
CA ASP A 51 10.02 -16.45 31.88
C ASP A 51 10.10 -17.07 33.30
N SER A 52 9.30 -16.56 34.25
CA SER A 52 9.26 -17.00 35.64
C SER A 52 8.97 -18.48 35.86
N LEU A 53 8.21 -19.14 34.98
CA LEU A 53 7.88 -20.55 35.22
C LEU A 53 8.74 -21.54 34.41
N LEU A 54 9.84 -21.05 33.80
CA LEU A 54 10.80 -21.86 33.05
C LEU A 54 11.50 -22.92 33.95
N PRO A 55 11.93 -22.61 35.21
CA PRO A 55 12.51 -23.65 36.08
C PRO A 55 11.53 -24.76 36.44
N LEU A 56 10.22 -24.43 36.47
CA LEU A 56 9.11 -25.35 36.76
C LEU A 56 8.58 -26.06 35.48
N SER A 57 9.36 -25.96 34.37
CA SER A 57 9.10 -26.51 33.03
C SER A 57 7.69 -26.14 32.46
N ARG A 58 7.29 -24.88 32.68
CA ARG A 58 6.01 -24.32 32.24
C ARG A 58 6.24 -23.00 31.45
N LEU A 59 5.66 -22.89 30.24
CA LEU A 59 5.79 -21.67 29.44
C LEU A 59 4.44 -21.02 29.21
N ASN A 60 4.37 -19.72 29.45
CA ASN A 60 3.14 -18.97 29.26
C ASN A 60 3.36 -17.70 28.44
N ALA A 61 2.43 -17.40 27.54
CA ALA A 61 2.46 -16.20 26.73
C ALA A 61 1.73 -15.11 27.49
N THR A 62 2.21 -13.87 27.41
CA THR A 62 1.61 -12.73 28.08
C THR A 62 0.89 -11.84 27.05
N ARG A 63 1.53 -11.66 25.88
CA ARG A 63 0.99 -10.87 24.77
C ARG A 63 1.35 -11.55 23.46
N LEU A 64 0.34 -11.72 22.58
CA LEU A 64 0.51 -12.30 21.24
C LEU A 64 -0.35 -11.57 20.22
N ILE A 65 0.32 -10.95 19.23
CA ILE A 65 -0.31 -10.34 18.07
C ILE A 65 0.42 -10.98 16.91
N VAL A 66 -0.25 -11.94 16.27
CA VAL A 66 0.28 -12.77 15.20
C VAL A 66 -0.73 -12.91 14.04
N ARG A 67 -0.22 -12.78 12.80
CA ARG A 67 -1.02 -12.97 11.59
C ARG A 67 -0.54 -14.24 10.89
N PHE A 68 -1.45 -15.19 10.67
CA PHE A 68 -1.13 -16.49 10.04
C PHE A 68 -1.11 -16.39 8.50
N PRO A 69 -0.45 -17.33 7.77
CA PRO A 69 -0.32 -17.19 6.28
C PRO A 69 -1.59 -17.20 5.41
N ASP A 70 -2.72 -17.47 6.05
CA ASP A 70 -4.05 -17.44 5.44
C ASP A 70 -4.66 -16.05 5.63
N GLY A 71 -3.94 -15.20 6.38
CA GLY A 71 -4.36 -13.84 6.65
C GLY A 71 -5.08 -13.62 7.96
N THR A 72 -5.24 -14.68 8.78
CA THR A 72 -5.92 -14.53 10.08
C THR A 72 -5.11 -13.74 11.11
N LEU A 73 -5.68 -12.69 11.61
CA LEU A 73 -5.02 -11.95 12.65
C LEU A 73 -5.55 -12.39 14.00
N ILE A 74 -4.64 -12.78 14.90
CA ILE A 74 -4.97 -13.09 16.28
C ILE A 74 -4.32 -11.97 17.11
N ASP A 75 -5.06 -11.45 18.09
CA ASP A 75 -4.63 -10.35 18.98
C ASP A 75 -5.18 -10.64 20.36
N THR A 76 -4.29 -11.05 21.30
CA THR A 76 -4.66 -11.39 22.68
C THR A 76 -5.02 -10.16 23.50
N GLU A 77 -4.59 -8.93 23.08
CA GLU A 77 -4.94 -7.66 23.72
C GLU A 77 -6.40 -7.30 23.43
N ARG A 78 -6.92 -7.73 22.26
CA ARG A 78 -8.31 -7.38 22.03
C ARG A 78 -9.21 -8.59 21.89
N ALA A 79 -9.24 -9.23 20.73
CA ALA A 79 -10.21 -10.27 20.46
C ALA A 79 -9.92 -11.66 21.01
N ASP A 80 -8.66 -12.02 21.10
CA ASP A 80 -8.28 -13.36 21.46
C ASP A 80 -7.87 -13.55 22.89
N ASN A 81 -7.94 -14.81 23.33
CA ASN A 81 -7.54 -15.29 24.64
C ASN A 81 -6.23 -16.03 24.48
N LEU A 82 -5.30 -15.78 25.41
CA LEU A 82 -3.97 -16.38 25.44
C LEU A 82 -4.05 -17.92 25.39
N PRO A 83 -3.12 -18.60 24.67
CA PRO A 83 -3.17 -20.05 24.60
C PRO A 83 -2.87 -20.69 25.96
N PRO A 84 -3.35 -21.93 26.23
CA PRO A 84 -3.03 -22.56 27.51
C PRO A 84 -1.52 -22.77 27.68
N VAL A 85 -1.07 -22.95 28.93
CA VAL A 85 0.34 -23.14 29.29
C VAL A 85 1.00 -24.27 28.45
N CYS A 86 2.26 -24.04 28.06
CA CYS A 86 3.06 -25.00 27.32
C CYS A 86 3.82 -25.85 28.33
N ASP A 87 3.50 -27.16 28.40
CA ASP A 87 4.13 -28.12 29.31
C ASP A 87 5.41 -28.68 28.69
N LEU A 88 6.55 -28.28 29.25
CA LEU A 88 7.89 -28.68 28.79
C LEU A 88 8.38 -30.01 29.39
N SER A 89 7.50 -30.73 30.14
CA SER A 89 7.79 -32.02 30.77
C SER A 89 8.06 -33.08 29.70
N THR A 90 7.38 -32.92 28.55
CA THR A 90 7.45 -33.78 27.38
C THR A 90 8.80 -33.67 26.62
N VAL A 91 9.56 -32.59 26.85
CA VAL A 91 10.82 -32.34 26.14
C VAL A 91 12.03 -32.26 27.09
N SER A 92 11.97 -33.03 28.20
CA SER A 92 13.05 -33.17 29.21
C SER A 92 14.34 -33.72 28.58
N ASP A 93 14.20 -34.56 27.53
CA ASP A 93 15.27 -35.19 26.76
C ASP A 93 15.88 -34.28 25.66
N ARG A 94 15.32 -33.06 25.49
CA ARG A 94 15.76 -32.10 24.47
C ARG A 94 16.59 -30.96 25.03
N SER A 95 17.43 -30.35 24.18
CA SER A 95 18.31 -29.22 24.52
C SER A 95 17.87 -27.91 23.83
N LEU A 96 17.03 -28.06 22.78
CA LEU A 96 16.49 -26.98 21.97
C LEU A 96 15.07 -27.37 21.58
N VAL A 97 14.16 -26.41 21.74
CA VAL A 97 12.76 -26.59 21.44
C VAL A 97 12.22 -25.31 20.76
N ASP A 98 11.67 -25.47 19.55
CA ASP A 98 11.16 -24.34 18.78
C ASP A 98 9.66 -24.24 18.99
N ILE A 99 9.21 -23.20 19.69
CA ILE A 99 7.80 -22.96 20.01
C ILE A 99 7.12 -22.23 18.85
N VAL A 100 5.93 -22.72 18.47
CA VAL A 100 5.10 -22.15 17.42
C VAL A 100 3.70 -21.85 17.95
N LEU A 101 3.04 -20.84 17.41
CA LEU A 101 1.65 -20.58 17.77
C LEU A 101 0.88 -21.28 16.69
N ALA A 102 -0.14 -22.02 17.09
CA ALA A 102 -0.94 -22.85 16.21
C ALA A 102 -2.41 -22.49 16.24
N LEU A 103 -3.00 -22.45 15.05
CA LEU A 103 -4.41 -22.14 14.86
C LEU A 103 -4.93 -23.17 13.88
N PRO A 104 -5.97 -23.94 14.23
CA PRO A 104 -6.41 -25.01 13.33
C PRO A 104 -6.86 -24.46 12.00
N LEU A 105 -6.60 -25.22 10.93
CA LEU A 105 -6.98 -24.87 9.58
C LEU A 105 -8.48 -24.69 9.50
N LEU A 106 -8.94 -23.83 8.59
CA LEU A 106 -10.36 -23.64 8.36
C LEU A 106 -10.80 -24.68 7.34
N ASN A 107 -11.86 -25.43 7.65
CA ASN A 107 -12.37 -26.46 6.76
C ASN A 107 -13.49 -25.94 5.87
N ALA A 108 -13.28 -25.99 4.55
CA ALA A 108 -14.29 -25.57 3.58
C ALA A 108 -15.49 -26.55 3.60
N ASN A 109 -15.23 -27.86 3.77
CA ASN A 109 -16.24 -28.92 3.78
C ASN A 109 -16.79 -29.24 5.16
N GLY A 110 -15.96 -29.07 6.17
CA GLY A 110 -16.27 -29.49 7.52
C GLY A 110 -16.80 -28.47 8.49
N GLY A 111 -16.87 -28.92 9.73
CA GLY A 111 -17.33 -28.13 10.87
C GLY A 111 -16.14 -27.62 11.64
N ASN A 112 -16.03 -26.29 11.75
CA ASN A 112 -14.93 -25.66 12.44
C ASN A 112 -15.25 -25.34 13.89
N LEU A 113 -16.42 -25.74 14.35
CA LEU A 113 -16.81 -25.51 15.72
C LEU A 113 -16.57 -26.76 16.54
N ASP A 114 -15.85 -26.56 17.65
CA ASP A 114 -15.46 -27.57 18.64
C ASP A 114 -16.65 -27.80 19.58
N ASN A 115 -17.48 -28.80 19.22
CA ASN A 115 -18.63 -29.24 19.99
C ASN A 115 -18.19 -30.47 20.83
N GLY A 116 -19.16 -31.33 21.18
CA GLY A 116 -18.88 -32.51 21.97
C GLY A 116 -18.13 -33.60 21.22
N SER A 117 -18.56 -33.86 19.95
CA SER A 117 -18.02 -34.92 19.07
C SER A 117 -16.51 -34.84 18.82
N GLU A 118 -15.85 -36.02 18.76
CA GLU A 118 -14.40 -36.03 18.53
C GLU A 118 -14.10 -36.08 17.01
N SER A 119 -13.01 -35.41 16.65
CA SER A 119 -12.53 -35.30 15.28
C SER A 119 -11.08 -35.81 15.26
N GLU A 120 -10.58 -36.17 14.07
CA GLU A 120 -9.20 -36.63 13.84
C GLU A 120 -8.26 -35.44 13.71
N ARG A 121 -8.84 -34.24 13.60
CA ARG A 121 -8.17 -32.96 13.42
C ARG A 121 -8.75 -31.88 14.38
N PRO A 122 -7.95 -30.87 14.78
CA PRO A 122 -8.48 -29.79 15.61
C PRO A 122 -9.41 -28.86 14.83
N ARG A 123 -10.40 -28.26 15.52
CA ARG A 123 -11.34 -27.30 14.91
C ARG A 123 -10.99 -25.85 15.26
N ARG A 124 -11.10 -24.93 14.30
CA ARG A 124 -10.74 -23.52 14.46
C ARG A 124 -11.32 -22.85 15.72
N TRP A 125 -12.63 -23.03 15.97
CA TRP A 125 -13.35 -22.36 17.05
C TRP A 125 -13.93 -23.22 18.13
N LYS A 126 -14.11 -22.62 19.31
CA LYS A 126 -14.80 -23.15 20.49
C LYS A 126 -15.90 -22.14 20.81
N SER A 127 -16.97 -22.59 21.47
CA SER A 127 -18.08 -21.70 21.84
C SER A 127 -17.95 -21.29 23.32
N GLU A 128 -18.12 -19.99 23.61
CA GLU A 128 -18.02 -19.43 24.98
C GLU A 128 -19.13 -18.42 25.28
N ARG A 129 -19.58 -18.40 26.56
CA ARG A 129 -20.59 -17.47 27.08
C ARG A 129 -19.96 -16.08 27.25
N VAL A 145 -20.59 -16.77 21.95
CA VAL A 145 -19.72 -16.27 20.88
C VAL A 145 -18.52 -17.24 20.61
N LEU A 146 -17.91 -17.13 19.40
CA LEU A 146 -16.78 -17.92 18.92
C LEU A 146 -15.45 -17.46 19.50
N ARG A 147 -14.61 -18.40 19.88
CA ARG A 147 -13.27 -18.13 20.38
C ARG A 147 -12.30 -19.06 19.65
N HIS A 148 -11.20 -18.48 19.12
CA HIS A 148 -10.20 -19.26 18.38
C HIS A 148 -9.51 -20.27 19.31
N ASN A 149 -9.24 -21.47 18.79
CA ASN A 149 -8.53 -22.51 19.53
C ASN A 149 -7.04 -22.31 19.34
N LEU A 150 -6.47 -21.40 20.14
CA LEU A 150 -5.04 -21.13 20.07
C LEU A 150 -4.28 -21.95 21.06
N THR A 151 -3.22 -22.60 20.59
CA THR A 151 -2.34 -23.40 21.44
C THR A 151 -0.91 -23.13 21.05
N LEU A 152 0.00 -23.44 21.97
CA LEU A 152 1.43 -23.34 21.77
C LEU A 152 1.87 -24.77 21.50
N ARG A 153 2.60 -24.98 20.42
CA ARG A 153 3.07 -26.31 20.05
C ARG A 153 4.56 -26.18 19.75
N MET A 154 5.18 -27.26 19.30
CA MET A 154 6.59 -27.30 19.00
C MET A 154 6.83 -27.78 17.59
N ALA A 155 7.86 -27.25 16.93
CA ALA A 155 8.23 -27.55 15.55
C ALA A 155 8.51 -29.02 15.27
N HIS A 156 8.88 -29.80 16.31
CA HIS A 156 9.18 -31.24 16.17
C HIS A 156 7.90 -32.08 16.18
N GLN A 157 6.73 -31.46 16.36
CA GLN A 157 5.44 -32.15 16.37
C GLN A 157 4.84 -32.11 14.98
N GLU A 158 3.84 -32.97 14.72
CA GLU A 158 3.12 -33.02 13.46
C GLU A 158 2.12 -31.88 13.52
N ASN A 159 2.36 -30.84 12.71
CA ASN A 159 1.53 -29.63 12.80
C ASN A 159 0.79 -29.27 11.53
N ALA A 160 0.73 -30.19 10.55
CA ALA A 160 0.07 -29.94 9.28
C ALA A 160 -1.43 -29.69 9.39
N ALA A 161 -2.07 -30.07 10.52
CA ALA A 161 -3.51 -29.84 10.74
C ALA A 161 -3.76 -28.40 11.28
N TRP A 162 -2.67 -27.67 11.52
CA TRP A 162 -2.64 -26.31 12.03
C TRP A 162 -1.94 -25.37 11.09
N LEU A 163 -2.24 -24.09 11.24
CA LEU A 163 -1.51 -23.02 10.61
C LEU A 163 -0.52 -22.70 11.72
N THR A 164 0.74 -22.49 11.36
CA THR A 164 1.81 -22.34 12.34
C THR A 164 2.67 -21.09 12.11
N CYS A 165 3.21 -20.53 13.20
CA CYS A 165 4.11 -19.41 13.15
C CYS A 165 5.04 -19.45 14.33
N PRO A 166 6.38 -19.52 14.07
CA PRO A 166 7.38 -19.46 15.16
C PRO A 166 7.16 -18.29 16.11
N VAL A 167 7.28 -18.51 17.43
CA VAL A 167 6.98 -17.49 18.43
C VAL A 167 8.12 -17.31 19.48
N THR A 168 8.98 -18.35 19.68
CA THR A 168 10.24 -18.46 20.48
C THR A 168 10.98 -19.74 20.24
N ARG A 169 12.20 -19.77 20.76
CA ARG A 169 13.09 -20.91 20.76
C ARG A 169 13.68 -20.97 22.16
N LEU A 170 13.46 -22.09 22.86
CA LEU A 170 13.99 -22.32 24.19
C LEU A 170 15.24 -23.17 24.05
N VAL A 171 16.31 -22.72 24.67
CA VAL A 171 17.61 -23.40 24.67
C VAL A 171 18.00 -23.62 26.14
N ARG A 172 18.89 -24.59 26.44
CA ARG A 172 19.32 -24.85 27.81
C ARG A 172 20.67 -24.19 28.13
N ASP A 173 20.87 -23.79 29.40
CA ASP A 173 22.14 -23.18 29.84
C ASP A 173 23.06 -24.26 30.45
N ALA A 174 24.19 -23.81 31.08
CA ALA A 174 25.16 -24.65 31.78
C ALA A 174 24.51 -25.37 32.97
N GLN A 175 23.50 -24.72 33.58
CA GLN A 175 22.69 -25.23 34.71
C GLN A 175 21.65 -26.25 34.21
N GLY A 176 21.40 -26.25 32.89
CA GLY A 176 20.45 -27.14 32.22
C GLY A 176 19.01 -26.70 32.34
N GLN A 177 18.78 -25.41 32.66
CA GLN A 177 17.43 -24.86 32.76
C GLN A 177 17.06 -24.15 31.45
N TRP A 178 15.76 -24.22 31.10
CA TRP A 178 15.23 -23.61 29.88
C TRP A 178 15.32 -22.11 29.96
N CYS A 179 15.63 -21.50 28.83
CA CYS A 179 15.76 -20.05 28.74
C CYS A 179 15.52 -19.66 27.27
N ARG A 180 14.79 -18.56 27.01
CA ARG A 180 14.49 -18.09 25.65
C ARG A 180 15.79 -17.67 24.97
N ASP A 181 16.03 -18.20 23.75
CA ASP A 181 17.22 -17.89 22.97
C ASP A 181 17.17 -16.41 22.57
N PRO A 182 18.17 -15.61 23.03
CA PRO A 182 18.15 -14.17 22.69
C PRO A 182 18.35 -13.89 21.19
N ARG A 183 19.04 -14.81 20.48
CA ARG A 183 19.29 -14.72 19.04
C ARG A 183 18.03 -14.96 18.16
N PHE A 184 16.93 -15.50 18.75
CA PHE A 184 15.68 -15.82 18.07
C PHE A 184 14.96 -14.64 17.47
N ILE A 185 14.61 -14.74 16.18
CA ILE A 185 13.79 -13.73 15.50
C ILE A 185 12.71 -14.49 14.68
N PRO A 186 11.41 -14.17 14.93
CA PRO A 186 10.34 -14.91 14.26
C PRO A 186 10.03 -14.37 12.87
N PRO A 187 9.16 -15.02 12.01
CA PRO A 187 8.74 -14.34 10.77
C PRO A 187 8.09 -13.03 11.21
N LEU A 188 8.57 -11.88 10.67
CA LEU A 188 8.15 -10.55 11.10
C LEU A 188 7.11 -9.87 10.24
N LEU A 189 6.11 -9.20 10.87
CA LEU A 189 5.08 -8.43 10.17
C LEU A 189 5.47 -6.97 10.37
N THR A 190 6.24 -6.73 11.44
CA THR A 190 6.73 -5.44 11.86
C THR A 190 8.13 -5.60 12.37
N LEU A 191 8.96 -4.56 12.21
CA LEU A 191 10.36 -4.50 12.66
C LEU A 191 10.39 -4.46 14.21
N SER A 192 9.45 -3.74 14.82
CA SER A 192 9.26 -3.57 16.27
C SER A 192 9.03 -4.89 17.03
N ALA A 193 8.65 -5.96 16.31
CA ALA A 193 8.44 -7.30 16.86
C ALA A 193 9.75 -7.93 17.38
N SER A 194 10.90 -7.44 16.87
CA SER A 194 12.24 -7.86 17.25
C SER A 194 13.06 -6.68 17.82
N PRO A 195 13.03 -6.48 19.16
CA PRO A 195 13.84 -5.40 19.77
C PRO A 195 15.36 -5.53 19.56
N SER A 196 15.88 -6.76 19.36
CA SER A 196 17.31 -6.99 19.10
C SER A 196 17.70 -6.42 17.74
N LEU A 197 16.85 -6.67 16.70
CA LEU A 197 17.02 -6.17 15.34
C LEU A 197 16.96 -4.66 15.30
N MET A 198 16.08 -4.09 16.11
CA MET A 198 15.93 -2.65 16.29
C MET A 198 17.24 -2.06 16.80
N THR A 199 17.85 -2.72 17.82
CA THR A 199 19.13 -2.33 18.40
C THR A 199 20.20 -2.38 17.33
N GLU A 200 20.35 -3.55 16.68
CA GLU A 200 21.30 -3.80 15.59
C GLU A 200 21.13 -2.81 14.44
N LEU A 201 19.90 -2.32 14.20
CA LEU A 201 19.60 -1.32 13.17
C LEU A 201 19.92 0.11 13.59
N LEU A 202 19.59 0.48 14.84
CA LEU A 202 19.89 1.80 15.41
C LEU A 202 21.42 1.97 15.39
N GLU A 203 22.17 0.87 15.72
CA GLU A 203 23.63 0.79 15.73
C GLU A 203 24.21 0.99 14.33
N LEU A 204 23.59 0.33 13.33
CA LEU A 204 24.02 0.43 11.94
C LEU A 204 23.82 1.85 11.42
N LEU A 205 22.69 2.48 11.78
CA LEU A 205 22.38 3.83 11.36
C LEU A 205 23.36 4.85 11.96
N HIS A 206 23.78 4.65 13.22
CA HIS A 206 24.76 5.49 13.90
C HIS A 206 26.15 5.36 13.23
N HIS A 207 26.56 4.12 12.87
CA HIS A 207 27.81 3.81 12.16
C HIS A 207 27.82 4.50 10.78
N LEU A 208 26.70 4.43 10.05
CA LEU A 208 26.53 5.03 8.73
C LEU A 208 26.63 6.54 8.81
N GLN A 209 26.00 7.17 9.84
CA GLN A 209 26.01 8.63 10.07
C GLN A 209 27.41 9.11 10.39
N ALA A 210 28.15 8.37 11.24
CA ALA A 210 29.53 8.67 11.62
C ALA A 210 30.45 8.62 10.39
N ARG A 211 30.38 7.52 9.59
CA ARG A 211 31.18 7.35 8.37
C ARG A 211 30.82 8.38 7.29
N ARG A 212 29.56 8.82 7.20
CA ARG A 212 29.12 9.80 6.20
C ARG A 212 29.67 11.18 6.56
N GLN A 213 29.53 11.60 7.83
CA GLN A 213 29.98 12.87 8.39
C GLN A 213 31.50 13.06 8.26
N ARG A 214 32.27 11.98 8.44
CA ARG A 214 33.72 11.96 8.32
C ARG A 214 34.16 12.07 6.87
N LEU A 215 33.48 11.35 5.98
CA LEU A 215 33.79 11.31 4.54
C LEU A 215 33.35 12.59 3.83
N MET A 216 32.31 13.27 4.36
CA MET A 216 31.81 14.55 3.83
C MET A 216 32.81 15.67 4.20
N SER A 217 33.47 15.55 5.37
CA SER A 217 34.50 16.48 5.82
C SER A 217 35.77 16.27 4.96
N MET A 218 36.01 15.02 4.50
CA MET A 218 37.13 14.57 3.67
C MET A 218 37.08 15.02 2.18
N ARG A 219 36.15 15.94 1.80
CA ARG A 219 36.06 16.49 0.44
C ARG A 219 36.48 17.96 0.42
N ARG A 220 37.29 18.32 -0.59
CA ARG A 220 37.87 19.66 -0.77
C ARG A 220 37.58 20.26 -2.13
N ALA A 224 37.89 26.96 -0.93
CA ALA A 224 37.84 27.83 -2.09
C ALA A 224 36.43 27.93 -2.71
N ARG A 225 35.40 27.42 -2.00
CA ARG A 225 33.96 27.40 -2.39
C ARG A 225 33.70 26.68 -3.74
N LEU A 226 34.54 25.67 -4.04
CA LEU A 226 34.53 24.81 -5.24
C LEU A 226 35.49 23.62 -5.00
N ALA A 227 35.50 22.63 -5.93
CA ALA A 227 36.38 21.45 -5.84
C ALA A 227 36.87 20.93 -7.19
N ASP A 228 38.14 20.44 -7.21
CA ASP A 228 38.80 19.82 -8.37
C ASP A 228 39.06 18.36 -7.99
N PHE A 229 38.58 17.40 -8.81
CA PHE A 229 38.65 15.97 -8.51
C PHE A 229 39.97 15.28 -8.83
N ALA A 230 40.18 14.13 -8.15
CA ALA A 230 41.35 13.25 -8.23
C ALA A 230 40.90 11.78 -8.34
N VAL A 231 41.87 10.84 -8.41
CA VAL A 231 41.64 9.39 -8.47
C VAL A 231 40.98 8.92 -7.15
N ALA A 232 41.47 9.45 -6.01
CA ALA A 232 40.99 9.19 -4.65
C ALA A 232 39.53 9.64 -4.48
N ASP A 233 39.15 10.75 -5.17
CA ASP A 233 37.80 11.31 -5.16
C ASP A 233 36.76 10.41 -5.83
N VAL A 234 37.14 9.71 -6.92
CA VAL A 234 36.29 8.77 -7.67
C VAL A 234 35.61 7.79 -6.70
N SER A 235 36.40 7.08 -5.88
CA SER A 235 35.93 6.14 -4.85
C SER A 235 35.13 6.87 -3.77
N LEU A 236 35.63 8.02 -3.28
CA LEU A 236 34.97 8.83 -2.26
C LEU A 236 33.54 9.25 -2.66
N PHE A 237 33.38 9.76 -3.90
CA PHE A 237 32.10 10.23 -4.42
C PHE A 237 31.13 9.08 -4.77
N TRP A 238 31.66 7.84 -4.90
CA TRP A 238 30.85 6.64 -5.10
C TRP A 238 30.20 6.28 -3.75
N LEU A 239 31.04 6.28 -2.71
CA LEU A 239 30.67 5.98 -1.33
C LEU A 239 29.74 7.04 -0.80
N LEU A 240 30.02 8.31 -1.08
CA LEU A 240 29.19 9.43 -0.64
C LEU A 240 27.80 9.40 -1.26
N ASN A 241 27.71 9.04 -2.55
CA ASN A 241 26.43 8.93 -3.24
C ASN A 241 25.63 7.78 -2.63
N ALA A 242 26.30 6.65 -2.33
CA ALA A 242 25.69 5.47 -1.70
C ALA A 242 25.14 5.78 -0.31
N LEU A 243 25.94 6.44 0.52
CA LEU A 243 25.57 6.76 1.89
C LEU A 243 24.52 7.87 2.01
N ASN A 244 24.65 8.93 1.17
CA ASN A 244 23.69 10.04 1.22
C ASN A 244 22.33 9.68 0.64
N SER A 245 22.28 8.73 -0.31
CA SER A 245 21.04 8.26 -0.90
C SER A 245 20.26 7.42 0.09
N ALA A 246 20.94 6.53 0.82
CA ALA A 246 20.38 5.60 1.77
C ALA A 246 19.96 6.20 3.11
N GLU A 247 20.80 7.08 3.68
CA GLU A 247 20.58 7.67 5.01
C GLU A 247 19.13 8.18 5.20
N PRO A 248 18.61 9.16 4.41
CA PRO A 248 17.23 9.62 4.65
C PRO A 248 16.16 8.53 4.59
N VAL A 249 16.33 7.56 3.68
CA VAL A 249 15.40 6.46 3.46
C VAL A 249 15.44 5.47 4.63
N LEU A 250 16.61 5.08 5.10
CA LEU A 250 16.70 4.17 6.24
C LEU A 250 16.30 4.81 7.56
N LYS A 251 16.50 6.12 7.68
CA LYS A 251 16.16 6.89 8.87
C LYS A 251 14.64 6.87 9.05
N GLU A 252 13.85 7.11 7.94
CA GLU A 252 12.37 7.14 8.01
C GLU A 252 11.79 5.72 8.28
N LEU A 253 12.44 4.67 7.75
CA LEU A 253 12.01 3.30 7.95
C LEU A 253 12.23 2.88 9.38
N LEU A 254 13.19 3.50 10.06
CA LEU A 254 13.51 3.21 11.44
C LEU A 254 12.80 4.13 12.47
N ASP A 255 12.39 5.36 12.06
CA ASP A 255 11.64 6.28 12.95
C ASP A 255 10.27 5.70 13.28
N MET A 256 9.63 5.04 12.29
CA MET A 256 8.34 4.39 12.39
C MET A 256 8.57 2.94 11.99
N PRO A 257 8.93 2.06 12.97
CA PRO A 257 9.30 0.67 12.61
C PRO A 257 8.17 -0.31 12.62
N TYR A 258 6.96 0.09 12.20
CA TYR A 258 5.79 -0.79 12.29
C TYR A 258 5.33 -1.33 10.92
N ARG A 259 6.16 -1.16 9.87
CA ARG A 259 5.87 -1.65 8.53
C ARG A 259 6.53 -2.98 8.35
N HIS A 260 6.13 -3.69 7.30
CA HIS A 260 6.64 -5.02 6.96
C HIS A 260 8.12 -4.90 6.59
N PRO A 261 8.99 -5.75 7.17
CA PRO A 261 10.43 -5.65 6.89
C PRO A 261 10.89 -5.94 5.45
N GLU A 262 9.99 -6.31 4.50
CA GLU A 262 10.35 -6.49 3.08
C GLU A 262 10.80 -5.14 2.54
N LEU A 263 10.21 -4.03 3.06
CA LEU A 263 10.53 -2.64 2.73
C LEU A 263 11.94 -2.33 3.17
N LEU A 264 12.29 -2.70 4.42
CA LEU A 264 13.60 -2.47 5.01
C LEU A 264 14.65 -3.29 4.31
N TYR A 265 14.35 -4.57 4.03
CA TYR A 265 15.25 -5.45 3.30
C TYR A 265 15.63 -4.84 1.95
N ARG A 266 14.64 -4.44 1.15
CA ARG A 266 14.87 -3.87 -0.18
C ARG A 266 15.85 -2.70 -0.14
N GLU A 267 15.73 -1.82 0.86
CA GLU A 267 16.55 -0.63 0.96
C GLU A 267 17.93 -0.92 1.57
N LEU A 268 18.00 -1.93 2.43
CA LEU A 268 19.21 -2.43 3.07
C LEU A 268 20.03 -3.16 1.99
N ALA A 269 19.41 -4.04 1.20
CA ALA A 269 20.04 -4.76 0.08
C ALA A 269 20.49 -3.80 -1.02
N ARG A 270 19.73 -2.73 -1.28
CA ARG A 270 20.07 -1.73 -2.29
C ARG A 270 21.40 -1.05 -1.90
N LEU A 271 21.60 -0.81 -0.60
CA LEU A 271 22.78 -0.16 -0.07
C LEU A 271 23.97 -1.11 -0.09
N ALA A 272 23.78 -2.36 0.37
CA ALA A 272 24.80 -3.39 0.38
C ALA A 272 25.32 -3.59 -1.03
N GLY A 273 24.41 -3.65 -2.01
CA GLY A 273 24.76 -3.80 -3.43
C GLY A 273 25.62 -2.66 -3.94
N SER A 274 25.26 -1.42 -3.61
CA SER A 274 26.02 -0.24 -3.99
C SER A 274 27.43 -0.24 -3.35
N LEU A 275 27.55 -0.71 -2.11
CA LEU A 275 28.79 -0.68 -1.35
C LEU A 275 29.78 -1.76 -1.73
N LEU A 276 29.32 -2.90 -2.26
CA LEU A 276 30.28 -3.94 -2.62
C LEU A 276 30.67 -3.90 -4.12
N THR A 277 30.63 -2.68 -4.71
CA THR A 277 31.04 -2.53 -6.11
C THR A 277 32.53 -2.17 -6.16
N PHE A 278 33.01 -1.22 -5.31
CA PHE A 278 34.42 -0.81 -5.30
C PHE A 278 35.29 -1.71 -4.42
N SER A 279 34.68 -2.74 -3.82
CA SER A 279 35.37 -3.74 -3.01
C SER A 279 35.59 -4.98 -3.88
N LEU A 280 36.85 -5.27 -4.22
CA LEU A 280 37.15 -6.51 -4.95
C LEU A 280 37.13 -7.61 -3.87
N GLU A 281 37.16 -8.91 -4.24
CA GLU A 281 37.08 -10.07 -3.34
C GLU A 281 35.62 -10.28 -2.85
N HIS A 282 34.75 -9.31 -3.15
CA HIS A 282 33.33 -9.38 -2.80
C HIS A 282 32.44 -9.33 -4.04
N ASN A 283 31.64 -10.40 -4.19
CA ASN A 283 30.62 -10.64 -5.22
C ASN A 283 29.29 -10.04 -4.70
N VAL A 284 28.30 -9.82 -5.60
CA VAL A 284 26.98 -9.27 -5.21
C VAL A 284 26.10 -10.40 -4.60
N ASP A 285 26.66 -11.64 -4.58
CA ASP A 285 26.09 -12.86 -4.03
C ASP A 285 26.19 -12.87 -2.50
N ALA A 286 27.00 -11.93 -1.92
CA ALA A 286 27.20 -11.69 -0.48
C ALA A 286 25.91 -11.24 0.23
N VAL A 287 25.06 -10.50 -0.50
CA VAL A 287 23.77 -9.95 -0.03
C VAL A 287 22.81 -11.12 0.15
N PRO A 288 22.42 -11.47 1.41
CA PRO A 288 21.49 -12.59 1.60
C PRO A 288 20.14 -12.34 0.93
N ALA A 289 19.56 -13.41 0.36
CA ALA A 289 18.26 -13.40 -0.28
C ALA A 289 17.21 -13.22 0.81
N TYR A 290 16.08 -12.61 0.46
CA TYR A 290 15.01 -12.48 1.43
C TYR A 290 14.30 -13.85 1.53
N HIS A 291 14.25 -14.39 2.75
N HIS A 291 14.25 -14.39 2.76
CA HIS A 291 13.56 -15.63 3.12
CA HIS A 291 13.57 -15.65 3.13
C HIS A 291 12.75 -15.26 4.36
C HIS A 291 12.75 -15.26 4.37
N HIS A 292 11.42 -15.20 4.22
CA HIS A 292 10.51 -14.75 5.27
C HIS A 292 10.51 -15.53 6.55
N GLU A 293 10.43 -16.86 6.45
CA GLU A 293 10.30 -17.82 7.56
C GLU A 293 11.52 -17.88 8.47
N THR A 294 12.71 -17.53 7.92
CA THR A 294 13.98 -17.58 8.65
C THR A 294 14.70 -16.23 8.63
N PRO A 295 14.16 -15.20 9.33
CA PRO A 295 14.84 -13.89 9.33
C PRO A 295 16.24 -13.86 9.97
N GLU A 296 16.61 -14.89 10.79
CA GLU A 296 17.95 -15.01 11.40
C GLU A 296 19.05 -15.18 10.35
N ASN A 297 18.73 -15.77 9.19
CA ASN A 297 19.63 -15.94 8.07
C ASN A 297 19.49 -14.83 7.02
N VAL A 298 18.76 -13.74 7.36
CA VAL A 298 18.65 -12.65 6.39
C VAL A 298 19.05 -11.33 7.05
N PHE A 299 18.46 -10.93 8.19
CA PHE A 299 18.78 -9.61 8.76
C PHE A 299 20.13 -9.60 9.50
N PRO A 300 20.43 -10.48 10.49
CA PRO A 300 21.78 -10.46 11.09
C PRO A 300 22.94 -10.55 10.06
N PRO A 301 22.97 -11.51 9.06
CA PRO A 301 24.06 -11.48 8.06
C PRO A 301 24.16 -10.20 7.22
N LEU A 302 23.01 -9.62 6.84
CA LEU A 302 22.95 -8.41 6.02
C LEU A 302 23.44 -7.19 6.78
N LEU A 303 23.08 -7.07 8.08
CA LEU A 303 23.53 -5.95 8.91
C LEU A 303 25.03 -6.07 9.19
N SER A 304 25.51 -7.29 9.40
CA SER A 304 26.91 -7.59 9.60
C SER A 304 27.66 -7.15 8.33
N LEU A 305 27.24 -7.67 7.16
CA LEU A 305 27.83 -7.36 5.86
C LEU A 305 27.98 -5.86 5.69
N LEU A 306 26.89 -5.12 5.94
CA LEU A 306 26.85 -3.65 5.85
C LEU A 306 27.86 -2.98 6.78
N ASN A 307 27.90 -3.40 8.07
CA ASN A 307 28.83 -2.89 9.10
C ASN A 307 30.29 -3.12 8.69
N ARG A 308 30.60 -4.31 8.09
CA ARG A 308 31.92 -4.69 7.53
C ARG A 308 32.29 -3.79 6.33
N LEU A 309 31.34 -3.59 5.41
CA LEU A 309 31.51 -2.71 4.24
C LEU A 309 31.75 -1.24 4.64
N LEU A 310 31.13 -0.81 5.77
CA LEU A 310 31.26 0.55 6.32
C LEU A 310 32.63 0.79 6.93
N GLU A 311 33.20 -0.23 7.60
CA GLU A 311 34.54 -0.17 8.20
C GLU A 311 35.62 -0.22 7.11
N ALA A 312 35.37 -1.00 6.04
CA ALA A 312 36.28 -1.18 4.90
C ALA A 312 36.54 0.09 4.05
N SER A 313 36.13 1.29 4.56
CA SER A 313 36.40 2.58 3.88
C SER A 313 37.81 3.11 4.28
N LEU A 314 38.78 3.03 3.34
CA LEU A 314 40.17 3.47 3.53
C LEU A 314 40.57 4.64 2.58
N PRO A 315 40.89 5.85 3.10
CA PRO A 315 41.17 6.99 2.21
C PRO A 315 42.66 7.30 1.93
N SER A 316 43.57 6.32 2.13
CA SER A 316 45.04 6.45 1.93
C SER A 316 45.61 7.67 2.70
N ARG A 317 45.47 7.64 4.03
CA ARG A 317 45.91 8.67 4.98
C ARG A 317 47.42 8.93 4.98
N VAL A 318 48.24 7.93 4.57
CA VAL A 318 49.70 8.06 4.51
C VAL A 318 50.19 8.03 3.04
N VAL A 319 49.94 9.14 2.31
CA VAL A 319 50.31 9.31 0.89
C VAL A 319 51.07 10.64 0.61
N PHE A 320 51.34 11.44 1.67
CA PHE A 320 52.05 12.73 1.66
C PHE A 320 51.41 13.77 0.72
N PHE B 19 -24.27 -5.83 13.82
CA PHE B 19 -24.68 -4.49 13.43
C PHE B 19 -23.43 -3.54 13.38
N GLN B 20 -23.15 -2.85 14.50
CA GLN B 20 -22.02 -1.94 14.71
C GLN B 20 -20.74 -2.73 15.04
N GLN B 21 -20.89 -3.96 15.59
CA GLN B 21 -19.80 -4.85 15.99
C GLN B 21 -18.94 -5.30 14.80
N GLN B 22 -19.59 -5.60 13.66
CA GLN B 22 -18.92 -6.06 12.43
C GLN B 22 -18.13 -4.93 11.79
N ALA B 23 -18.74 -3.73 11.68
CA ALA B 23 -18.12 -2.53 11.11
C ALA B 23 -16.76 -2.23 11.76
N ALA B 24 -16.69 -2.20 13.11
CA ALA B 24 -15.48 -1.93 13.89
C ALA B 24 -14.28 -2.82 13.55
N TRP B 25 -14.50 -4.13 13.49
CA TRP B 25 -13.44 -5.10 13.25
C TRP B 25 -12.92 -5.07 11.84
N ASP B 26 -13.81 -4.78 10.88
CA ASP B 26 -13.44 -4.74 9.47
C ASP B 26 -12.65 -3.44 9.14
N VAL B 27 -12.86 -2.35 9.92
CA VAL B 27 -12.09 -1.11 9.88
C VAL B 27 -10.66 -1.45 10.42
N HIS B 28 -10.59 -2.26 11.50
CA HIS B 28 -9.35 -2.72 12.12
C HIS B 28 -8.56 -3.64 11.18
N LEU B 29 -9.29 -4.50 10.42
CA LEU B 29 -8.69 -5.42 9.47
C LEU B 29 -8.02 -4.63 8.35
N ALA B 30 -8.73 -3.64 7.79
CA ALA B 30 -8.21 -2.79 6.73
C ALA B 30 -7.04 -1.92 7.24
N ASP B 31 -7.14 -1.42 8.48
CA ASP B 31 -6.07 -0.61 9.06
C ASP B 31 -4.81 -1.44 9.24
N SER B 32 -4.96 -2.65 9.82
CA SER B 32 -3.85 -3.56 10.05
C SER B 32 -3.14 -3.93 8.76
N VAL B 33 -3.87 -3.99 7.63
CA VAL B 33 -3.31 -4.26 6.30
C VAL B 33 -2.59 -3.03 5.79
N ALA B 34 -3.16 -1.82 5.95
CA ALA B 34 -2.55 -0.53 5.52
C ALA B 34 -1.25 -0.25 6.26
N ARG B 35 -1.20 -0.64 7.54
CA ARG B 35 -0.05 -0.44 8.42
C ARG B 35 1.15 -1.35 8.08
N MET B 36 0.98 -2.30 7.13
CA MET B 36 2.06 -3.17 6.65
C MET B 36 2.93 -2.42 5.65
N GLY B 37 2.38 -1.40 5.01
CA GLY B 37 3.07 -0.65 3.97
C GLY B 37 3.22 0.82 4.27
N LEU B 38 2.42 1.35 5.22
CA LEU B 38 2.43 2.78 5.54
C LEU B 38 2.47 3.00 7.03
N ALA B 39 3.27 4.00 7.49
CA ALA B 39 3.43 4.35 8.91
C ALA B 39 2.25 5.10 9.47
N HIS B 40 1.62 5.91 8.62
CA HIS B 40 0.51 6.80 8.92
C HIS B 40 -0.62 6.64 7.90
N PRO B 41 -1.37 5.50 7.85
CA PRO B 41 -2.46 5.39 6.88
C PRO B 41 -3.75 6.15 7.31
N TRP B 42 -3.65 7.49 7.40
CA TRP B 42 -4.76 8.36 7.77
C TRP B 42 -4.46 9.77 7.28
N GLY B 43 -5.48 10.60 7.20
CA GLY B 43 -5.35 11.96 6.71
C GLY B 43 -6.47 12.35 5.79
N VAL B 44 -6.33 13.51 5.14
CA VAL B 44 -7.30 14.12 4.23
C VAL B 44 -7.11 13.68 2.76
N VAL B 45 -8.25 13.48 2.09
CA VAL B 45 -8.33 13.22 0.66
C VAL B 45 -9.00 14.44 0.01
N ALA B 46 -10.01 15.01 0.70
CA ALA B 46 -10.75 16.21 0.31
C ALA B 46 -11.32 16.89 1.55
N ALA B 47 -11.15 18.21 1.63
CA ALA B 47 -11.67 19.09 2.71
C ALA B 47 -11.98 20.47 2.07
N GLU B 48 -13.25 20.65 1.70
CA GLU B 48 -13.75 21.87 1.06
C GLU B 48 -14.68 22.60 1.97
N PHE B 49 -14.61 23.95 1.92
CA PHE B 49 -15.40 24.83 2.80
C PHE B 49 -16.12 25.96 2.11
N ASP B 50 -17.21 26.45 2.75
CA ASP B 50 -18.00 27.59 2.33
C ASP B 50 -17.45 28.86 3.02
N ASP B 51 -16.57 29.55 2.28
CA ASP B 51 -15.87 30.78 2.69
C ASP B 51 -16.84 31.98 2.78
N SER B 52 -18.00 31.89 2.12
CA SER B 52 -19.03 32.93 2.07
C SER B 52 -19.58 33.36 3.43
N LEU B 53 -19.66 32.45 4.42
CA LEU B 53 -20.23 32.81 5.73
C LEU B 53 -19.21 33.25 6.78
N LEU B 54 -17.88 33.26 6.44
CA LEU B 54 -16.82 33.64 7.38
C LEU B 54 -16.96 35.09 7.92
N PRO B 55 -17.37 36.14 7.14
CA PRO B 55 -17.60 37.46 7.74
C PRO B 55 -18.72 37.44 8.79
N LEU B 56 -19.65 36.46 8.66
CA LEU B 56 -20.75 36.26 9.60
C LEU B 56 -20.37 35.28 10.75
N SER B 57 -19.01 35.09 10.98
CA SER B 57 -18.35 34.23 12.01
C SER B 57 -18.90 32.78 12.07
N ARG B 58 -19.12 32.17 10.87
CA ARG B 58 -19.66 30.81 10.73
C ARG B 58 -18.88 30.04 9.66
N LEU B 59 -18.42 28.80 10.01
CA LEU B 59 -17.63 27.96 9.10
C LEU B 59 -18.37 26.68 8.78
N ASN B 60 -18.57 26.41 7.49
CA ASN B 60 -19.26 25.21 7.04
C ASN B 60 -18.41 24.42 6.08
N ALA B 61 -18.43 23.09 6.22
CA ALA B 61 -17.73 22.17 5.32
C ALA B 61 -18.70 21.83 4.21
N THR B 62 -18.20 21.72 2.98
CA THR B 62 -19.02 21.39 1.80
C THR B 62 -18.75 19.96 1.37
N ARG B 63 -17.48 19.54 1.42
CA ARG B 63 -17.03 18.19 1.08
C ARG B 63 -15.91 17.77 2.02
N LEU B 64 -16.02 16.56 2.59
CA LEU B 64 -15.02 15.95 3.47
C LEU B 64 -14.83 14.47 3.19
N ILE B 65 -13.62 14.08 2.76
CA ILE B 65 -13.20 12.68 2.60
C ILE B 65 -11.92 12.63 3.42
N VAL B 66 -12.05 12.10 4.63
CA VAL B 66 -11.02 12.06 5.66
C VAL B 66 -10.94 10.65 6.24
N ARG B 67 -9.73 10.15 6.49
CA ARG B 67 -9.49 8.85 7.10
C ARG B 67 -8.86 9.06 8.46
N PHE B 68 -9.50 8.51 9.48
CA PHE B 68 -9.06 8.65 10.87
C PHE B 68 -7.98 7.64 11.27
N PRO B 69 -7.10 8.01 12.25
CA PRO B 69 -5.99 7.12 12.62
C PRO B 69 -6.35 5.71 13.07
N ASP B 70 -7.63 5.42 13.29
CA ASP B 70 -8.10 4.09 13.70
C ASP B 70 -8.55 3.27 12.49
N GLY B 71 -8.46 3.86 11.31
CA GLY B 71 -8.85 3.21 10.07
C GLY B 71 -10.17 3.63 9.47
N THR B 72 -10.99 4.40 10.21
CA THR B 72 -12.31 4.86 9.78
C THR B 72 -12.27 5.91 8.71
N LEU B 73 -12.83 5.56 7.56
CA LEU B 73 -12.93 6.47 6.43
C LEU B 73 -14.27 7.15 6.45
N ILE B 74 -14.23 8.47 6.40
CA ILE B 74 -15.40 9.35 6.35
C ILE B 74 -15.47 9.92 4.95
N ASP B 75 -16.65 9.80 4.33
CA ASP B 75 -16.94 10.31 2.99
C ASP B 75 -18.32 10.94 2.99
N THR B 76 -18.33 12.26 2.87
CA THR B 76 -19.51 13.10 2.86
C THR B 76 -20.37 12.89 1.59
N GLU B 77 -19.71 12.53 0.49
CA GLU B 77 -20.31 12.23 -0.81
C GLU B 77 -21.02 10.87 -0.83
N ARG B 78 -20.67 9.96 0.07
CA ARG B 78 -21.21 8.60 0.08
C ARG B 78 -22.17 8.24 1.16
N ALA B 79 -21.65 8.10 2.37
CA ALA B 79 -22.39 7.65 3.55
C ALA B 79 -22.54 8.64 4.65
N ASP B 80 -21.64 9.61 4.73
CA ASP B 80 -21.62 10.50 5.87
C ASP B 80 -22.32 11.81 5.61
N ASN B 81 -22.74 12.45 6.70
CA ASN B 81 -23.41 13.73 6.70
C ASN B 81 -22.41 14.77 7.15
N LEU B 82 -22.47 15.95 6.52
CA LEU B 82 -21.58 17.04 6.85
C LEU B 82 -21.71 17.45 8.33
N PRO B 83 -20.62 17.82 9.03
CA PRO B 83 -20.76 18.19 10.43
C PRO B 83 -21.55 19.50 10.57
N PRO B 84 -22.21 19.76 11.73
CA PRO B 84 -22.93 21.03 11.87
C PRO B 84 -21.98 22.22 11.80
N VAL B 85 -22.52 23.41 11.49
CA VAL B 85 -21.76 24.66 11.36
C VAL B 85 -20.85 24.92 12.57
N CYS B 86 -19.65 25.43 12.30
CA CYS B 86 -18.67 25.81 13.31
C CYS B 86 -18.91 27.29 13.63
N ASP B 87 -19.34 27.56 14.88
CA ASP B 87 -19.61 28.92 15.36
C ASP B 87 -18.32 29.53 15.91
N LEU B 88 -17.82 30.55 15.20
CA LEU B 88 -16.57 31.25 15.51
C LEU B 88 -16.73 32.40 16.54
N SER B 89 -17.93 32.54 17.13
CA SER B 89 -18.26 33.54 18.17
C SER B 89 -17.45 33.23 19.44
N THR B 90 -17.16 31.93 19.66
CA THR B 90 -16.42 31.42 20.81
C THR B 90 -14.91 31.74 20.74
N VAL B 91 -14.40 32.13 19.56
CA VAL B 91 -12.98 32.42 19.37
C VAL B 91 -12.72 33.86 18.92
N SER B 92 -13.58 34.79 19.39
CA SER B 92 -13.51 36.24 19.13
C SER B 92 -12.20 36.84 19.63
N ASP B 93 -11.66 36.24 20.73
CA ASP B 93 -10.40 36.60 21.39
C ASP B 93 -9.13 36.04 20.71
N ARG B 94 -9.32 35.22 19.65
CA ARG B 94 -8.21 34.57 18.94
C ARG B 94 -7.91 35.16 17.57
N SER B 95 -6.67 34.98 17.10
CA SER B 95 -6.18 35.46 15.80
C SER B 95 -5.85 34.30 14.84
N LEU B 96 -5.73 33.09 15.39
CA LEU B 96 -5.45 31.83 14.69
C LEU B 96 -6.23 30.72 15.37
N VAL B 97 -6.91 29.93 14.55
CA VAL B 97 -7.73 28.84 14.99
C VAL B 97 -7.51 27.61 14.05
N ASP B 98 -7.10 26.48 14.62
CA ASP B 98 -6.82 25.26 13.85
C ASP B 98 -8.05 24.36 13.94
N ILE B 99 -8.76 24.20 12.82
CA ILE B 99 -9.97 23.42 12.72
C ILE B 99 -9.61 21.99 12.46
N VAL B 100 -10.21 21.09 13.23
CA VAL B 100 -10.02 19.65 13.08
C VAL B 100 -11.41 19.03 12.89
N LEU B 101 -11.47 17.89 12.17
CA LEU B 101 -12.69 17.08 12.03
C LEU B 101 -12.60 16.07 13.16
N ALA B 102 -13.62 16.00 14.01
CA ALA B 102 -13.64 15.10 15.14
C ALA B 102 -14.67 13.98 15.01
N LEU B 103 -14.28 12.77 15.43
CA LEU B 103 -15.11 11.58 15.42
C LEU B 103 -14.88 10.86 16.74
N PRO B 104 -15.98 10.67 17.53
CA PRO B 104 -15.83 10.05 18.84
C PRO B 104 -15.16 8.70 18.79
N LEU B 105 -14.31 8.47 19.77
CA LEU B 105 -13.55 7.26 19.95
C LEU B 105 -14.54 6.10 20.16
N LEU B 106 -14.24 4.98 19.53
CA LEU B 106 -15.00 3.76 19.66
C LEU B 106 -14.65 3.08 21.00
N ASN B 107 -15.68 2.72 21.77
CA ASN B 107 -15.54 2.10 23.06
C ASN B 107 -15.63 0.60 22.95
N ALA B 108 -14.55 -0.09 23.36
CA ALA B 108 -14.51 -1.55 23.36
C ALA B 108 -15.50 -2.13 24.39
N ASN B 109 -15.64 -1.48 25.57
CA ASN B 109 -16.52 -1.91 26.67
C ASN B 109 -17.90 -1.30 26.62
N GLY B 110 -17.99 -0.09 26.10
CA GLY B 110 -19.21 0.70 26.13
C GLY B 110 -20.13 0.68 24.94
N GLY B 111 -21.09 1.59 25.00
CA GLY B 111 -22.14 1.82 24.03
C GLY B 111 -21.76 2.98 23.16
N ASN B 112 -21.67 2.72 21.85
CA ASN B 112 -21.24 3.66 20.84
C ASN B 112 -22.38 4.31 20.06
N LEU B 113 -23.57 4.30 20.64
CA LEU B 113 -24.77 4.82 20.03
C LEU B 113 -25.49 5.73 20.97
N ASP B 114 -25.81 6.92 20.46
CA ASP B 114 -26.57 7.97 21.13
C ASP B 114 -28.01 7.51 21.31
N ASN B 115 -28.40 7.31 22.57
CA ASN B 115 -29.75 6.92 22.96
C ASN B 115 -30.29 7.99 23.92
N GLY B 116 -31.11 7.56 24.89
CA GLY B 116 -31.66 8.48 25.88
C GLY B 116 -30.65 8.93 26.91
N SER B 117 -30.04 7.94 27.61
CA SER B 117 -29.04 8.10 28.69
C SER B 117 -27.89 9.04 28.35
N GLU B 118 -27.46 9.84 29.33
CA GLU B 118 -26.37 10.79 29.19
C GLU B 118 -25.03 10.14 29.47
N SER B 119 -23.99 10.59 28.76
CA SER B 119 -22.63 10.08 28.91
C SER B 119 -21.69 11.23 29.22
N GLU B 120 -20.54 10.90 29.81
CA GLU B 120 -19.46 11.83 30.16
C GLU B 120 -18.55 12.07 28.95
N ARG B 121 -18.74 11.26 27.92
CA ARG B 121 -17.97 11.26 26.68
C ARG B 121 -18.90 11.20 25.43
N PRO B 122 -18.46 11.71 24.26
CA PRO B 122 -19.30 11.59 23.06
C PRO B 122 -19.33 10.16 22.51
N ARG B 123 -20.47 9.75 21.91
CA ARG B 123 -20.65 8.43 21.30
C ARG B 123 -20.53 8.52 19.77
N ARG B 124 -19.85 7.54 19.20
CA ARG B 124 -19.53 7.41 17.78
C ARG B 124 -20.72 7.61 16.83
N TRP B 125 -21.89 7.00 17.16
CA TRP B 125 -23.07 6.98 16.31
C TRP B 125 -24.34 7.58 16.87
N LYS B 126 -25.20 8.03 15.96
CA LYS B 126 -26.56 8.51 16.18
C LYS B 126 -27.46 7.62 15.30
N SER B 127 -28.74 7.50 15.65
CA SER B 127 -29.70 6.69 14.89
C SER B 127 -30.55 7.60 13.99
N GLU B 128 -30.73 7.19 12.71
CA GLU B 128 -31.53 7.93 11.73
C GLU B 128 -32.44 7.00 10.89
N ARG B 129 -33.65 7.50 10.52
CA ARG B 129 -34.70 6.83 9.72
C ARG B 129 -35.22 5.56 10.38
N ALA B 144 -34.27 1.87 10.51
CA ALA B 144 -33.31 2.77 11.18
C ALA B 144 -31.86 2.31 10.96
N VAL B 145 -30.96 3.29 10.70
CA VAL B 145 -29.54 3.05 10.43
C VAL B 145 -28.61 4.01 11.24
N LEU B 146 -27.34 3.60 11.44
CA LEU B 146 -26.28 4.35 12.14
C LEU B 146 -25.69 5.47 11.29
N ARG B 147 -25.46 6.62 11.92
CA ARG B 147 -24.84 7.77 11.30
C ARG B 147 -23.73 8.27 12.23
N HIS B 148 -22.53 8.53 11.70
CA HIS B 148 -21.41 9.01 12.51
C HIS B 148 -21.66 10.40 13.09
N ASN B 149 -21.23 10.63 14.34
CA ASN B 149 -21.34 11.93 14.98
C ASN B 149 -20.10 12.75 14.65
N LEU B 150 -20.09 13.33 13.45
CA LEU B 150 -18.99 14.17 13.02
C LEU B 150 -19.29 15.61 13.39
N THR B 151 -18.27 16.30 13.95
CA THR B 151 -18.32 17.70 14.35
C THR B 151 -17.02 18.35 14.03
N LEU B 152 -17.03 19.66 13.89
CA LEU B 152 -15.84 20.45 13.65
C LEU B 152 -15.46 20.98 15.04
N ARG B 153 -14.21 20.75 15.45
CA ARG B 153 -13.65 21.22 16.70
C ARG B 153 -12.38 21.98 16.39
N MET B 154 -11.76 22.55 17.43
CA MET B 154 -10.54 23.31 17.32
C MET B 154 -9.44 22.70 18.17
N ALA B 155 -8.21 22.80 17.70
CA ALA B 155 -7.01 22.25 18.35
C ALA B 155 -6.77 22.74 19.79
N HIS B 156 -7.32 23.91 20.15
CA HIS B 156 -7.15 24.47 21.51
C HIS B 156 -8.19 23.90 22.48
N GLN B 157 -9.05 23.01 22.02
CA GLN B 157 -10.05 22.37 22.87
C GLN B 157 -9.50 21.00 23.36
N GLU B 158 -10.15 20.41 24.39
CA GLU B 158 -9.79 19.10 24.88
C GLU B 158 -10.42 18.13 23.92
N ASN B 159 -9.59 17.40 23.15
CA ASN B 159 -10.15 16.53 22.12
C ASN B 159 -9.76 15.08 22.25
N ALA B 160 -9.20 14.67 23.41
CA ALA B 160 -8.75 13.29 23.58
C ALA B 160 -9.87 12.25 23.55
N ALA B 161 -11.15 12.68 23.72
CA ALA B 161 -12.32 11.78 23.67
C ALA B 161 -12.76 11.51 22.22
N TRP B 162 -12.05 12.20 21.27
CA TRP B 162 -12.29 12.16 19.84
C TRP B 162 -11.04 11.76 19.08
N LEU B 163 -11.26 11.24 17.87
CA LEU B 163 -10.22 10.98 16.89
C LEU B 163 -10.28 12.26 16.09
N THR B 164 -9.13 12.90 15.90
CA THR B 164 -9.13 14.19 15.23
C THR B 164 -8.22 14.24 13.99
N CYS B 165 -8.57 15.11 13.03
CA CYS B 165 -7.76 15.33 11.85
C CYS B 165 -7.82 16.78 11.42
N PRO B 166 -6.65 17.49 11.34
CA PRO B 166 -6.63 18.88 10.85
C PRO B 166 -7.29 18.99 9.48
N VAL B 167 -8.12 20.01 9.30
CA VAL B 167 -8.91 20.15 8.09
C VAL B 167 -8.79 21.59 7.46
N THR B 168 -8.40 22.61 8.27
CA THR B 168 -8.07 24.01 7.94
C THR B 168 -7.51 24.75 9.13
N ARG B 169 -6.92 25.91 8.84
CA ARG B 169 -6.43 26.89 9.77
C ARG B 169 -7.06 28.21 9.32
N LEU B 170 -7.75 28.88 10.22
CA LEU B 170 -8.33 30.18 9.99
C LEU B 170 -7.39 31.21 10.65
N VAL B 171 -7.03 32.23 9.91
CA VAL B 171 -6.17 33.33 10.36
C VAL B 171 -6.93 34.61 10.09
N ARG B 172 -6.64 35.70 10.82
CA ARG B 172 -7.35 36.98 10.62
C ARG B 172 -6.63 37.96 9.70
N ASP B 173 -7.43 38.86 9.07
CA ASP B 173 -7.09 39.99 8.18
C ASP B 173 -6.59 41.17 8.97
N ALA B 174 -6.14 42.22 8.25
CA ALA B 174 -5.85 43.54 8.81
C ALA B 174 -7.20 44.14 9.33
N GLN B 175 -8.33 43.79 8.65
CA GLN B 175 -9.71 44.18 8.99
C GLN B 175 -10.24 43.34 10.16
N GLY B 176 -9.54 42.23 10.45
CA GLY B 176 -9.89 41.31 11.52
C GLY B 176 -10.94 40.29 11.14
N GLN B 177 -11.05 39.95 9.84
CA GLN B 177 -12.01 38.97 9.34
C GLN B 177 -11.32 37.61 9.29
N TRP B 178 -12.08 36.53 9.52
CA TRP B 178 -11.54 35.17 9.43
C TRP B 178 -11.39 34.76 7.97
N CYS B 179 -10.27 34.14 7.66
CA CYS B 179 -10.02 33.66 6.32
C CYS B 179 -9.09 32.46 6.38
N ARG B 180 -9.33 31.43 5.53
CA ARG B 180 -8.55 30.19 5.52
C ARG B 180 -7.12 30.48 5.12
N ASP B 181 -6.15 30.02 5.92
CA ASP B 181 -4.72 30.25 5.67
C ASP B 181 -4.33 29.54 4.35
N PRO B 182 -3.86 30.33 3.34
CA PRO B 182 -3.48 29.73 2.05
C PRO B 182 -2.28 28.80 2.13
N ARG B 183 -1.40 29.03 3.12
CA ARG B 183 -0.18 28.24 3.34
C ARG B 183 -0.47 26.88 3.97
N PHE B 184 -1.69 26.70 4.52
CA PHE B 184 -2.13 25.46 5.15
C PHE B 184 -2.13 24.26 4.25
N ILE B 185 -1.63 23.14 4.78
CA ILE B 185 -1.69 21.83 4.15
C ILE B 185 -2.00 20.79 5.29
N PRO B 186 -3.08 19.96 5.15
CA PRO B 186 -3.42 19.00 6.25
C PRO B 186 -2.65 17.70 6.14
N PRO B 187 -2.72 16.74 7.11
CA PRO B 187 -2.01 15.47 6.89
C PRO B 187 -2.67 14.85 5.67
N LEU B 188 -1.84 14.43 4.71
CA LEU B 188 -2.29 13.94 3.43
C LEU B 188 -2.43 12.44 3.29
N LEU B 189 -3.52 11.97 2.71
CA LEU B 189 -3.67 10.55 2.43
C LEU B 189 -3.34 10.38 0.95
N THR B 190 -3.54 11.47 0.20
CA THR B 190 -3.26 11.61 -1.21
C THR B 190 -2.50 12.91 -1.43
N LEU B 191 -1.74 12.97 -2.50
CA LEU B 191 -1.00 14.17 -2.88
C LEU B 191 -1.98 15.22 -3.44
N SER B 192 -2.99 14.73 -4.19
CA SER B 192 -4.08 15.47 -4.83
C SER B 192 -4.92 16.32 -3.85
N ALA B 193 -4.89 16.01 -2.52
CA ALA B 193 -5.60 16.74 -1.46
C ALA B 193 -5.02 18.18 -1.30
N SER B 194 -3.78 18.42 -1.78
CA SER B 194 -3.12 19.71 -1.75
C SER B 194 -2.77 20.21 -3.16
N PRO B 195 -3.67 21.00 -3.79
CA PRO B 195 -3.38 21.54 -5.12
C PRO B 195 -2.13 22.42 -5.23
N SER B 196 -1.74 23.12 -4.15
CA SER B 196 -0.54 23.96 -4.12
C SER B 196 0.70 23.12 -4.23
N LEU B 197 0.73 22.02 -3.44
CA LEU B 197 1.79 21.03 -3.40
C LEU B 197 1.91 20.36 -4.74
N MET B 198 0.78 20.09 -5.34
CA MET B 198 0.69 19.53 -6.66
C MET B 198 1.41 20.41 -7.69
N THR B 199 1.15 21.72 -7.66
CA THR B 199 1.77 22.75 -8.50
C THR B 199 3.30 22.79 -8.27
N GLU B 200 3.76 22.92 -7.01
CA GLU B 200 5.19 22.96 -6.72
C GLU B 200 5.91 21.69 -7.16
N LEU B 201 5.20 20.54 -7.11
CA LEU B 201 5.74 19.25 -7.53
C LEU B 201 5.90 19.18 -9.04
N LEU B 202 4.93 19.72 -9.81
CA LEU B 202 4.97 19.77 -11.28
C LEU B 202 6.10 20.70 -11.72
N GLU B 203 6.30 21.81 -10.95
CA GLU B 203 7.36 22.82 -11.13
C GLU B 203 8.73 22.21 -10.90
N LEU B 204 8.87 21.38 -9.86
CA LEU B 204 10.12 20.69 -9.53
C LEU B 204 10.50 19.69 -10.63
N LEU B 205 9.51 18.96 -11.16
CA LEU B 205 9.73 18.00 -12.21
C LEU B 205 10.19 18.67 -13.50
N HIS B 206 9.63 19.86 -13.82
CA HIS B 206 10.01 20.65 -15.00
C HIS B 206 11.46 21.15 -14.86
N HIS B 207 11.84 21.65 -13.66
CA HIS B 207 13.18 22.12 -13.33
C HIS B 207 14.20 20.98 -13.47
N LEU B 208 13.84 19.78 -12.98
CA LEU B 208 14.68 18.57 -13.02
C LEU B 208 14.91 18.14 -14.46
N GLN B 209 13.85 18.18 -15.31
CA GLN B 209 13.89 17.80 -16.72
C GLN B 209 14.80 18.74 -17.50
N ALA B 210 14.69 20.04 -17.23
CA ALA B 210 15.53 21.08 -17.84
C ALA B 210 17.01 20.88 -17.48
N ARG B 211 17.32 20.69 -16.20
CA ARG B 211 18.69 20.49 -15.73
C ARG B 211 19.29 19.16 -16.16
N ARG B 212 18.44 18.14 -16.42
CA ARG B 212 18.91 16.83 -16.87
C ARG B 212 19.34 16.88 -18.32
N GLN B 213 18.52 17.50 -19.20
CA GLN B 213 18.89 17.61 -20.62
C GLN B 213 20.16 18.45 -20.78
N ARG B 214 20.26 19.59 -20.06
CA ARG B 214 21.46 20.45 -20.09
C ARG B 214 22.70 19.65 -19.73
N LEU B 215 22.63 18.82 -18.67
CA LEU B 215 23.76 17.98 -18.25
C LEU B 215 24.02 16.82 -19.24
N MET B 216 22.95 16.31 -19.92
CA MET B 216 23.07 15.21 -20.89
C MET B 216 23.76 15.72 -22.15
N SER B 217 23.58 17.05 -22.48
CA SER B 217 24.21 17.76 -23.61
C SER B 217 25.69 17.96 -23.33
N MET B 218 26.05 18.38 -22.10
CA MET B 218 27.44 18.61 -21.76
C MET B 218 28.21 17.31 -21.37
N ARG B 219 27.85 16.17 -21.99
CA ARG B 219 28.49 14.87 -21.74
C ARG B 219 29.53 14.56 -22.84
N ARG B 220 30.80 14.21 -22.43
CA ARG B 220 31.98 13.90 -23.30
C ARG B 220 31.70 12.81 -24.37
N GLU B 221 31.52 13.27 -25.64
CA GLU B 221 31.20 12.47 -26.82
C GLU B 221 32.36 11.59 -27.32
N ASN B 222 32.68 10.55 -26.54
CA ASN B 222 33.70 9.55 -26.84
C ASN B 222 32.93 8.31 -27.27
N ASN B 223 33.03 7.93 -28.57
CA ASN B 223 32.35 6.79 -29.23
C ASN B 223 30.83 6.97 -29.28
N ALA B 227 29.35 8.83 -24.04
CA ALA B 227 29.71 7.55 -23.44
C ALA B 227 31.01 7.61 -22.62
N ASP B 228 31.91 8.58 -22.92
CA ASP B 228 33.22 8.73 -22.25
C ASP B 228 33.14 9.32 -20.84
N PHE B 229 33.66 8.55 -19.86
CA PHE B 229 33.74 8.92 -18.44
C PHE B 229 35.16 8.67 -17.93
N ALA B 230 35.70 9.63 -17.14
CA ALA B 230 37.06 9.59 -16.57
C ALA B 230 37.09 10.20 -15.15
N VAL B 231 38.26 10.12 -14.47
CA VAL B 231 38.49 10.64 -13.10
C VAL B 231 38.21 12.14 -12.90
N ALA B 232 38.27 12.93 -13.99
CA ALA B 232 38.08 14.38 -14.00
C ALA B 232 36.64 14.86 -13.67
N ASP B 233 35.60 14.22 -14.25
CA ASP B 233 34.21 14.64 -14.03
C ASP B 233 33.34 13.61 -13.27
N VAL B 234 33.53 13.56 -11.93
CA VAL B 234 32.73 12.72 -11.03
C VAL B 234 31.38 13.42 -10.82
N SER B 235 31.38 14.79 -10.85
CA SER B 235 30.21 15.66 -10.71
C SER B 235 29.25 15.49 -11.87
N LEU B 236 29.75 15.45 -13.11
CA LEU B 236 28.88 15.24 -14.28
C LEU B 236 28.24 13.86 -14.26
N PHE B 237 28.99 12.83 -13.82
CA PHE B 237 28.43 11.47 -13.76
C PHE B 237 27.43 11.30 -12.65
N TRP B 238 27.85 11.52 -11.38
CA TRP B 238 27.00 11.28 -10.22
C TRP B 238 25.78 12.20 -10.20
N LEU B 239 25.85 13.41 -10.81
CA LEU B 239 24.71 14.33 -10.93
C LEU B 239 23.75 13.79 -12.00
N LEU B 240 24.27 13.18 -13.08
CA LEU B 240 23.42 12.60 -14.13
C LEU B 240 22.84 11.28 -13.73
N ASN B 241 23.60 10.47 -12.97
CA ASN B 241 23.12 9.20 -12.45
C ASN B 241 21.97 9.49 -11.49
N ALA B 242 22.08 10.55 -10.66
CA ALA B 242 21.08 10.99 -9.70
C ALA B 242 19.79 11.42 -10.39
N LEU B 243 19.91 12.24 -11.45
CA LEU B 243 18.77 12.79 -12.17
C LEU B 243 18.08 11.78 -13.07
N ASN B 244 18.85 10.92 -13.74
CA ASN B 244 18.27 9.92 -14.63
C ASN B 244 17.60 8.78 -13.88
N SER B 245 18.06 8.48 -12.65
CA SER B 245 17.50 7.43 -11.82
C SER B 245 16.15 7.90 -11.25
N ALA B 246 16.07 9.16 -10.80
CA ALA B 246 14.91 9.78 -10.18
C ALA B 246 13.78 10.15 -11.14
N GLU B 247 14.11 10.75 -12.29
CA GLU B 247 13.14 11.25 -13.27
C GLU B 247 12.02 10.23 -13.59
N PRO B 248 12.28 9.01 -14.09
CA PRO B 248 11.16 8.09 -14.40
C PRO B 248 10.29 7.75 -13.19
N VAL B 249 10.94 7.64 -12.03
CA VAL B 249 10.34 7.29 -10.75
C VAL B 249 9.42 8.42 -10.27
N LEU B 250 9.88 9.67 -10.27
CA LEU B 250 9.05 10.81 -9.84
C LEU B 250 7.93 11.14 -10.83
N LYS B 251 8.15 10.88 -12.14
CA LYS B 251 7.14 11.12 -13.16
C LYS B 251 5.95 10.18 -12.93
N GLU B 252 6.18 8.87 -12.62
CA GLU B 252 5.06 7.95 -12.42
C GLU B 252 4.29 8.28 -11.12
N LEU B 253 4.99 8.75 -10.07
CA LEU B 253 4.38 9.13 -8.80
C LEU B 253 3.52 10.37 -8.97
N LEU B 254 3.85 11.21 -9.95
CA LEU B 254 3.11 12.43 -10.23
C LEU B 254 2.05 12.29 -11.34
N ASP B 255 2.15 11.28 -12.22
CA ASP B 255 1.13 11.02 -13.27
C ASP B 255 -0.16 10.57 -12.63
N MET B 256 -0.06 9.73 -11.58
CA MET B 256 -1.16 9.22 -10.77
C MET B 256 -0.90 9.67 -9.34
N PRO B 257 -1.31 10.89 -8.97
CA PRO B 257 -0.96 11.42 -7.64
C PRO B 257 -1.92 11.09 -6.51
N TYR B 258 -2.51 9.89 -6.49
CA TYR B 258 -3.55 9.53 -5.51
C TYR B 258 -3.10 8.53 -4.43
N ARG B 259 -1.78 8.30 -4.35
CA ARG B 259 -1.17 7.43 -3.36
C ARG B 259 -0.71 8.24 -2.19
N HIS B 260 -0.37 7.56 -1.10
CA HIS B 260 0.07 8.17 0.14
C HIS B 260 1.42 8.90 -0.08
N PRO B 261 1.56 10.13 0.45
CA PRO B 261 2.80 10.91 0.26
C PRO B 261 4.09 10.32 0.82
N GLU B 262 4.02 9.27 1.62
CA GLU B 262 5.19 8.56 2.18
C GLU B 262 6.06 8.01 1.03
N LEU B 263 5.42 7.61 -0.08
CA LEU B 263 6.05 7.09 -1.27
C LEU B 263 6.85 8.18 -1.95
N LEU B 264 6.23 9.36 -2.14
CA LEU B 264 6.81 10.52 -2.76
C LEU B 264 7.93 11.08 -1.92
N TYR B 265 7.75 11.18 -0.60
CA TYR B 265 8.77 11.65 0.31
C TYR B 265 10.03 10.80 0.19
N ARG B 266 9.89 9.47 0.28
CA ARG B 266 11.04 8.55 0.20
C ARG B 266 11.90 8.79 -1.04
N GLU B 267 11.26 9.02 -2.19
CA GLU B 267 11.95 9.19 -3.46
C GLU B 267 12.49 10.59 -3.65
N LEU B 268 11.83 11.58 -3.03
CA LEU B 268 12.22 12.98 -3.03
C LEU B 268 13.46 13.11 -2.13
N ALA B 269 13.42 12.53 -0.92
CA ALA B 269 14.53 12.52 0.03
C ALA B 269 15.74 11.75 -0.52
N ARG B 270 15.49 10.65 -1.28
CA ARG B 270 16.55 9.85 -1.92
C ARG B 270 17.33 10.74 -2.92
N LEU B 271 16.61 11.60 -3.64
CA LEU B 271 17.17 12.52 -4.63
C LEU B 271 17.95 13.65 -3.96
N ALA B 272 17.36 14.28 -2.93
CA ALA B 272 17.99 15.34 -2.15
C ALA B 272 19.33 14.83 -1.61
N GLY B 273 19.35 13.62 -1.05
CA GLY B 273 20.56 12.98 -0.54
C GLY B 273 21.63 12.79 -1.60
N SER B 274 21.25 12.30 -2.78
CA SER B 274 22.16 12.09 -3.92
C SER B 274 22.79 13.41 -4.38
N LEU B 275 22.00 14.49 -4.35
CA LEU B 275 22.34 15.85 -4.76
C LEU B 275 23.15 16.60 -3.72
N LEU B 276 23.03 16.24 -2.43
CA LEU B 276 23.75 16.89 -1.34
C LEU B 276 25.24 16.53 -1.28
N THR B 277 25.65 15.47 -2.02
CA THR B 277 27.03 15.02 -2.07
C THR B 277 27.92 16.13 -2.66
N PHE B 278 27.44 16.82 -3.70
CA PHE B 278 28.17 17.91 -4.33
C PHE B 278 27.76 19.29 -3.80
N SER B 279 27.38 19.40 -2.51
CA SER B 279 26.99 20.69 -1.95
C SER B 279 27.79 21.05 -0.74
N LEU B 280 28.20 22.32 -0.68
CA LEU B 280 28.96 22.85 0.44
C LEU B 280 28.14 23.91 1.16
N GLU B 281 27.16 24.51 0.48
CA GLU B 281 26.29 25.51 1.11
C GLU B 281 25.13 24.86 1.91
N HIS B 282 24.77 23.59 1.58
CA HIS B 282 23.70 22.85 2.29
C HIS B 282 24.22 21.58 2.95
N ASN B 283 23.89 21.39 4.23
CA ASN B 283 24.29 20.19 4.98
C ASN B 283 23.21 19.09 4.90
N VAL B 284 23.60 17.83 5.13
CA VAL B 284 22.76 16.65 5.10
C VAL B 284 21.46 16.81 5.96
N ASP B 285 21.55 17.54 7.11
CA ASP B 285 20.47 17.86 8.07
C ASP B 285 19.35 18.66 7.42
N ALA B 286 19.62 19.18 6.20
CA ALA B 286 18.71 19.99 5.43
C ALA B 286 17.49 19.20 4.94
N VAL B 287 17.63 17.86 4.74
CA VAL B 287 16.53 16.97 4.31
C VAL B 287 15.56 16.82 5.47
N PRO B 288 14.33 17.40 5.37
CA PRO B 288 13.39 17.31 6.51
C PRO B 288 12.95 15.88 6.77
N ALA B 289 12.72 15.53 8.04
CA ALA B 289 12.22 14.21 8.42
C ALA B 289 10.71 14.18 8.05
N TYR B 290 10.11 12.98 7.94
CA TYR B 290 8.72 12.94 7.57
C TYR B 290 7.85 13.15 8.79
N HIS B 291 7.17 14.31 8.84
CA HIS B 291 6.19 14.61 9.89
C HIS B 291 4.89 14.62 9.16
N HIS B 292 4.14 13.51 9.28
CA HIS B 292 2.86 13.30 8.62
C HIS B 292 1.79 14.34 9.00
N GLU B 293 1.72 14.68 10.29
CA GLU B 293 0.78 15.59 10.93
C GLU B 293 0.99 17.04 10.48
N THR B 294 2.24 17.42 10.17
CA THR B 294 2.59 18.78 9.75
C THR B 294 3.34 18.77 8.40
N PRO B 295 2.65 18.47 7.28
CA PRO B 295 3.31 18.46 5.96
C PRO B 295 3.91 19.80 5.50
N GLU B 296 3.53 20.95 6.10
CA GLU B 296 4.07 22.28 5.80
C GLU B 296 5.56 22.38 6.14
N ASN B 297 6.01 21.62 7.17
CA ASN B 297 7.40 21.55 7.61
C ASN B 297 8.13 20.42 6.93
N VAL B 298 7.52 19.76 5.92
CA VAL B 298 8.25 18.68 5.26
C VAL B 298 8.28 18.92 3.73
N PHE B 299 7.13 19.00 3.05
CA PHE B 299 7.15 19.12 1.60
C PHE B 299 7.62 20.50 1.11
N PRO B 300 7.07 21.68 1.53
CA PRO B 300 7.67 22.96 1.11
C PRO B 300 9.19 23.08 1.38
N PRO B 301 9.76 22.81 2.59
CA PRO B 301 11.24 22.85 2.74
C PRO B 301 12.04 21.92 1.83
N LEU B 302 11.53 20.69 1.61
CA LEU B 302 12.18 19.68 0.78
C LEU B 302 12.19 20.09 -0.68
N LEU B 303 11.09 20.67 -1.18
CA LEU B 303 11.00 21.10 -2.56
C LEU B 303 11.89 22.31 -2.84
N SER B 304 11.96 23.27 -1.92
CA SER B 304 12.83 24.44 -2.12
C SER B 304 14.31 24.01 -1.97
N LEU B 305 14.62 23.05 -1.06
CA LEU B 305 15.99 22.51 -0.95
C LEU B 305 16.39 21.89 -2.29
N LEU B 306 15.53 21.04 -2.87
CA LEU B 306 15.74 20.37 -4.14
C LEU B 306 15.94 21.38 -5.26
N ASN B 307 15.12 22.46 -5.26
CA ASN B 307 15.20 23.56 -6.26
C ASN B 307 16.53 24.27 -6.21
N ARG B 308 17.02 24.57 -4.98
CA ARG B 308 18.32 25.16 -4.70
C ARG B 308 19.45 24.24 -5.17
N LEU B 309 19.39 22.95 -4.83
CA LEU B 309 20.36 21.93 -5.25
C LEU B 309 20.42 21.76 -6.78
N LEU B 310 19.28 21.94 -7.45
CA LEU B 310 19.17 21.83 -8.91
C LEU B 310 19.78 23.04 -9.62
N GLU B 311 19.67 24.25 -9.02
CA GLU B 311 20.27 25.47 -9.55
C GLU B 311 21.80 25.45 -9.33
N ALA B 312 22.25 24.89 -8.19
CA ALA B 312 23.67 24.75 -7.80
C ALA B 312 24.42 23.69 -8.63
N SER B 313 23.65 22.84 -9.36
CA SER B 313 24.12 21.75 -10.21
C SER B 313 24.67 22.27 -11.55
N LEU B 314 25.91 22.75 -11.47
CA LEU B 314 26.68 23.29 -12.58
C LEU B 314 28.15 22.89 -12.37
N PRO B 315 28.62 21.77 -12.99
CA PRO B 315 30.05 21.37 -12.84
C PRO B 315 31.02 22.40 -13.48
N SER B 316 32.35 22.27 -13.18
CA SER B 316 33.38 23.19 -13.70
C SER B 316 33.41 23.23 -15.24
N ARG B 317 32.93 24.35 -15.80
CA ARG B 317 32.86 24.57 -17.25
C ARG B 317 34.13 25.26 -17.78
N VAL B 318 35.19 25.33 -16.94
CA VAL B 318 36.47 25.95 -17.29
C VAL B 318 37.50 24.89 -17.68
N VAL B 319 38.12 25.06 -18.86
CA VAL B 319 39.18 24.19 -19.39
C VAL B 319 40.48 25.01 -19.44
N PHE B 320 41.52 24.56 -18.69
CA PHE B 320 42.82 25.23 -18.63
C PHE B 320 43.73 24.72 -19.75
N ILE B 321 44.16 25.64 -20.64
CA ILE B 321 45.06 25.37 -21.76
C ILE B 321 46.48 25.81 -21.34
N GLU B 322 47.40 24.83 -21.25
CA GLU B 322 48.79 25.03 -20.87
C GLU B 322 49.54 25.76 -21.98
N LEU B 323 50.22 26.88 -21.62
CA LEU B 323 50.97 27.68 -22.58
C LEU B 323 52.48 27.54 -22.44
N LYS B 324 53.10 26.83 -23.41
CA LYS B 324 54.54 26.57 -23.49
C LYS B 324 55.22 27.78 -24.13
N GLN B 325 56.23 28.36 -23.44
CA GLN B 325 56.97 29.52 -23.92
C GLN B 325 58.31 29.15 -24.59
N LYS B 326 58.45 29.47 -25.89
CA LYS B 326 59.66 29.25 -26.69
C LYS B 326 60.22 30.59 -27.18
N GLY B 327 60.63 31.42 -26.21
CA GLY B 327 61.17 32.75 -26.44
C GLY B 327 60.08 33.80 -26.42
N VAL B 328 59.79 34.39 -27.59
CA VAL B 328 58.74 35.42 -27.76
C VAL B 328 57.41 34.79 -28.25
N MET B 329 57.34 33.44 -28.29
CA MET B 329 56.15 32.71 -28.71
C MET B 329 55.54 31.88 -27.57
N TRP B 330 54.21 31.70 -27.61
CA TRP B 330 53.44 30.93 -26.64
C TRP B 330 52.59 29.91 -27.38
N GLU B 331 52.77 28.62 -27.08
CA GLU B 331 52.05 27.52 -27.75
C GLU B 331 51.09 26.80 -26.79
N GLY B 332 49.84 26.67 -27.22
CA GLY B 332 48.77 26.00 -26.49
C GLY B 332 48.08 24.95 -27.34
N ALA B 333 47.91 23.74 -26.80
CA ALA B 333 47.28 22.63 -27.51
C ALA B 333 45.76 22.59 -27.30
N LEU B 334 45.00 22.50 -28.41
CA LEU B 334 43.53 22.46 -28.39
C LEU B 334 42.98 21.05 -28.77
N HIS B 335 43.57 20.00 -28.14
CA HIS B 335 43.23 18.58 -28.33
C HIS B 335 41.90 18.17 -27.66
N ASP B 336 41.55 18.83 -26.52
CA ASP B 336 40.34 18.62 -25.70
C ASP B 336 39.06 18.59 -26.56
N ALA B 337 38.28 17.50 -26.42
CA ALA B 337 37.04 17.25 -27.16
C ALA B 337 35.91 18.23 -26.86
N ARG B 338 35.84 18.75 -25.61
CA ARG B 338 34.80 19.67 -25.14
C ARG B 338 34.85 21.06 -25.80
N LEU B 339 36.05 21.48 -26.27
CA LEU B 339 36.28 22.77 -26.95
C LEU B 339 35.59 22.85 -28.33
N ARG B 340 35.43 21.68 -29.01
CA ARG B 340 34.79 21.52 -30.31
C ARG B 340 33.30 21.93 -30.27
N GLU B 341 32.60 21.59 -29.15
CA GLU B 341 31.18 21.88 -28.88
C GLU B 341 30.82 23.37 -28.93
N GLY B 342 31.71 24.22 -28.43
CA GLY B 342 31.54 25.66 -28.37
C GLY B 342 32.04 26.21 -27.06
N ALA B 343 33.06 27.08 -27.11
CA ALA B 343 33.65 27.69 -25.92
C ALA B 343 34.20 29.09 -26.18
N ASP B 344 34.11 29.97 -25.14
CA ASP B 344 34.59 31.35 -25.16
C ASP B 344 35.91 31.45 -24.38
N PHE B 345 36.99 31.95 -25.04
CA PHE B 345 38.34 32.05 -24.49
C PHE B 345 38.65 33.39 -23.82
N TRP B 346 39.54 33.35 -22.79
CA TRP B 346 40.00 34.51 -22.00
C TRP B 346 41.52 34.41 -21.74
N LEU B 347 42.21 35.56 -21.61
CA LEU B 347 43.66 35.60 -21.37
C LEU B 347 44.04 36.16 -20.00
N SER B 348 44.87 35.42 -19.25
CA SER B 348 45.39 35.83 -17.94
C SER B 348 46.82 36.31 -18.19
N VAL B 349 47.08 37.62 -18.07
CA VAL B 349 48.40 38.22 -18.37
C VAL B 349 48.99 38.99 -17.18
N ARG B 350 50.19 38.58 -16.76
CA ARG B 350 50.98 39.19 -15.69
C ARG B 350 52.28 39.70 -16.32
N SER B 351 52.62 40.99 -16.08
CA SER B 351 53.83 41.59 -16.65
C SER B 351 54.47 42.64 -15.75
N SER B 352 55.78 42.89 -15.97
CA SER B 352 56.57 43.91 -15.27
C SER B 352 56.06 45.31 -15.66
N MET B 353 55.32 45.38 -16.79
CA MET B 353 54.66 46.55 -17.36
C MET B 353 53.52 47.00 -16.41
N PRO B 354 53.36 48.31 -16.11
CA PRO B 354 52.25 48.74 -15.23
C PRO B 354 50.86 48.37 -15.76
N GLY B 355 49.95 48.09 -14.83
CA GLY B 355 48.57 47.67 -15.07
C GLY B 355 47.77 48.40 -16.13
N HIS B 356 47.61 49.72 -15.99
CA HIS B 356 46.84 50.58 -16.91
C HIS B 356 47.48 50.74 -18.30
N GLU B 357 48.83 50.67 -18.34
CA GLU B 357 49.64 50.81 -19.56
C GLU B 357 49.67 49.49 -20.36
N LEU B 358 49.36 48.36 -19.70
CA LEU B 358 49.30 47.01 -20.31
C LEU B 358 48.05 46.84 -21.19
N GLN B 359 46.90 47.39 -20.77
CA GLN B 359 45.62 47.32 -21.49
C GLN B 359 45.60 48.09 -22.81
N THR B 360 46.45 49.13 -22.93
CA THR B 360 46.56 49.96 -24.13
C THR B 360 47.58 49.36 -25.11
N LYS B 361 48.56 48.59 -24.59
CA LYS B 361 49.64 48.01 -25.38
C LYS B 361 49.44 46.54 -25.79
N PHE B 362 49.02 45.64 -24.85
CA PHE B 362 48.83 44.20 -25.14
C PHE B 362 47.90 43.90 -26.35
N PRO B 363 46.70 44.51 -26.55
CA PRO B 363 45.89 44.16 -27.75
C PRO B 363 46.54 44.56 -29.07
N GLN B 364 47.39 45.61 -29.05
CA GLN B 364 48.11 46.13 -30.22
C GLN B 364 49.43 45.41 -30.48
N LEU B 365 50.22 45.12 -29.42
CA LEU B 365 51.52 44.45 -29.48
C LEU B 365 51.38 42.93 -29.65
N CYS B 366 50.56 42.28 -28.81
CA CYS B 366 50.35 40.84 -28.88
C CYS B 366 49.44 40.46 -30.03
N LYS B 367 50.00 39.71 -30.98
CA LYS B 367 49.32 39.18 -32.15
C LYS B 367 49.45 37.67 -32.05
N ALA B 368 48.34 36.93 -32.21
CA ALA B 368 48.40 35.47 -32.13
C ALA B 368 48.96 34.88 -33.44
N GLY B 369 49.57 33.71 -33.34
CA GLY B 369 50.20 33.00 -34.46
C GLY B 369 49.28 32.00 -35.13
N SER B 370 49.56 31.71 -36.41
CA SER B 370 48.75 30.77 -37.20
C SER B 370 48.93 29.34 -36.67
N PRO B 371 47.83 28.60 -36.38
CA PRO B 371 47.97 27.23 -35.82
C PRO B 371 48.70 26.21 -36.68
N ASP B 372 48.53 26.28 -38.02
CA ASP B 372 49.18 25.39 -38.99
C ASP B 372 50.65 25.74 -39.25
N ASP B 373 51.04 27.00 -38.98
CA ASP B 373 52.37 27.57 -39.17
C ASP B 373 53.22 27.52 -37.89
N VAL B 374 54.55 27.35 -38.04
CA VAL B 374 55.52 27.29 -36.94
C VAL B 374 56.66 28.31 -37.10
N SER B 375 56.77 29.30 -36.18
CA SER B 375 57.81 30.34 -36.19
C SER B 375 58.13 30.93 -34.80
N GLU B 376 59.06 31.93 -34.77
CA GLU B 376 59.48 32.64 -33.55
C GLU B 376 58.96 34.08 -33.48
N VAL B 377 58.38 34.58 -34.58
CA VAL B 377 57.77 35.92 -34.68
C VAL B 377 56.58 35.86 -35.68
N VAL B 378 55.46 36.55 -35.35
CA VAL B 378 54.29 36.59 -36.23
C VAL B 378 54.19 37.98 -36.87
N ASN B 379 54.44 38.03 -38.19
CA ASN B 379 54.46 39.26 -38.98
C ASN B 379 53.07 39.66 -39.43
N VAL B 380 52.21 38.65 -39.65
CA VAL B 380 50.81 38.81 -40.05
C VAL B 380 49.89 38.14 -39.03
N ALA B 381 49.10 38.97 -38.32
CA ALA B 381 48.12 38.52 -37.32
C ALA B 381 46.95 37.86 -38.04
N LEU B 382 46.28 36.90 -37.36
CA LEU B 382 45.16 36.14 -37.94
C LEU B 382 43.91 36.95 -38.14
N SER B 383 43.18 36.63 -39.22
CA SER B 383 41.91 37.22 -39.61
C SER B 383 40.82 36.56 -38.75
N GLY B 384 40.15 37.36 -37.94
CA GLY B 384 39.08 36.91 -37.05
C GLY B 384 39.38 36.93 -35.56
N VAL B 385 40.64 37.24 -35.17
CA VAL B 385 41.07 37.29 -33.76
C VAL B 385 41.20 38.76 -33.30
N ILE B 386 40.48 39.14 -32.23
CA ILE B 386 40.50 40.50 -31.67
C ILE B 386 40.58 40.49 -30.14
N ILE B 387 41.77 40.80 -29.59
CA ILE B 387 41.98 40.84 -28.13
C ILE B 387 41.36 42.14 -27.60
N ARG B 388 40.37 42.01 -26.70
CA ARG B 388 39.66 43.14 -26.11
C ARG B 388 39.71 43.09 -24.57
N PRO B 389 40.23 44.15 -23.88
CA PRO B 389 40.33 44.09 -22.40
C PRO B 389 38.99 44.06 -21.67
N VAL B 390 38.88 43.17 -20.66
CA VAL B 390 37.64 42.99 -19.87
C VAL B 390 37.86 43.24 -18.36
N THR B 391 36.73 43.49 -17.63
CA THR B 391 36.68 43.74 -16.18
C THR B 391 36.90 42.45 -15.38
N HIS B 392 36.24 41.34 -15.81
CA HIS B 392 36.31 40.00 -15.19
C HIS B 392 35.90 38.86 -16.15
N VAL B 393 36.44 37.64 -15.90
CA VAL B 393 36.18 36.44 -16.68
C VAL B 393 34.82 35.83 -16.28
N LEU B 399 42.23 33.58 -8.70
CA LEU B 399 42.21 35.04 -8.65
C LEU B 399 43.62 35.62 -8.56
N ARG B 400 43.89 36.69 -9.33
CA ARG B 400 45.17 37.40 -9.35
C ARG B 400 44.92 38.90 -9.39
N LEU B 401 45.40 39.62 -8.36
CA LEU B 401 45.22 41.07 -8.17
C LEU B 401 45.93 41.91 -9.24
N GLU B 402 47.22 41.61 -9.52
CA GLU B 402 48.05 42.34 -10.49
C GLU B 402 47.82 41.94 -11.96
N ASN B 403 47.08 40.83 -12.21
CA ASN B 403 46.79 40.35 -13.56
C ASN B 403 45.74 41.19 -14.27
N GLN B 404 45.88 41.32 -15.60
CA GLN B 404 44.94 42.03 -16.45
C GLN B 404 44.29 41.02 -17.40
N TYR B 405 42.95 40.95 -17.38
CA TYR B 405 42.19 40.00 -18.18
C TYR B 405 41.61 40.61 -19.44
N PHE B 406 41.71 39.88 -20.55
CA PHE B 406 41.23 40.28 -21.86
C PHE B 406 40.43 39.13 -22.51
N ALA B 407 39.35 39.47 -23.22
CA ALA B 407 38.50 38.52 -23.93
C ALA B 407 39.14 38.16 -25.26
N LEU B 408 39.19 36.86 -25.60
CA LEU B 408 39.74 36.40 -26.86
C LEU B 408 38.60 36.20 -27.85
N ASP B 409 38.18 37.30 -28.51
CA ASP B 409 37.08 37.32 -29.48
C ASP B 409 37.51 36.67 -30.80
N LEU B 410 36.89 35.53 -31.15
CA LEU B 410 37.18 34.74 -32.35
C LEU B 410 35.96 34.61 -33.27
N SER B 411 36.22 34.48 -34.60
CA SER B 411 35.19 34.34 -35.63
C SER B 411 34.91 32.85 -36.00
N THR B 412 34.06 32.61 -37.02
CA THR B 412 33.69 31.28 -37.52
C THR B 412 34.91 30.56 -38.13
N ASP B 413 35.70 31.27 -38.98
CA ASP B 413 36.91 30.74 -39.62
C ASP B 413 38.13 30.71 -38.68
N ALA B 414 38.27 31.72 -37.78
CA ALA B 414 39.38 31.83 -36.82
C ALA B 414 39.37 30.70 -35.77
N ALA B 415 38.20 30.40 -35.18
CA ALA B 415 38.03 29.32 -34.19
C ALA B 415 38.12 27.94 -34.85
N ARG B 416 37.72 27.86 -36.14
CA ARG B 416 37.74 26.66 -36.99
C ARG B 416 39.20 26.22 -37.24
N ALA B 417 40.06 27.13 -37.79
CA ALA B 417 41.48 26.88 -38.09
C ALA B 417 42.27 26.45 -36.86
N MET B 418 41.93 26.99 -35.69
CA MET B 418 42.57 26.70 -34.39
C MET B 418 42.22 25.31 -33.88
N LEU B 419 40.94 24.91 -33.95
CA LEU B 419 40.47 23.62 -33.48
C LEU B 419 40.77 22.45 -34.45
N ASP B 420 40.75 22.73 -35.78
CA ASP B 420 41.07 21.76 -36.85
C ASP B 420 42.56 21.35 -36.78
N ALA B 421 43.45 22.35 -36.62
CA ALA B 421 44.90 22.16 -36.49
C ALA B 421 45.30 21.78 -35.04
N GLY B 422 44.33 21.91 -34.11
CA GLY B 422 44.47 21.57 -32.69
C GLY B 422 45.58 22.29 -31.95
N ARG B 423 45.83 23.56 -32.33
CA ARG B 423 46.88 24.40 -31.77
C ARG B 423 46.50 25.87 -31.84
N CYS B 424 47.13 26.71 -30.99
CA CYS B 424 46.98 28.16 -30.95
C CYS B 424 48.28 28.78 -30.47
N THR B 425 48.91 29.60 -31.32
CA THR B 425 50.17 30.27 -30.98
C THR B 425 49.91 31.75 -30.64
N PHE B 426 50.81 32.37 -29.86
CA PHE B 426 50.72 33.78 -29.44
C PHE B 426 52.10 34.44 -29.47
N TYR B 427 52.22 35.61 -30.11
CA TYR B 427 53.48 36.35 -30.18
C TYR B 427 53.44 37.58 -29.28
N THR B 428 54.32 37.59 -28.27
CA THR B 428 54.47 38.68 -27.32
C THR B 428 55.87 39.29 -27.50
N PRO B 429 55.98 40.53 -28.06
CA PRO B 429 57.32 41.11 -28.29
C PRO B 429 58.10 41.47 -27.02
N ALA B 430 59.40 41.77 -27.19
CA ALA B 430 60.32 42.15 -26.10
C ALA B 430 59.91 43.44 -25.39
N SER B 431 59.12 44.31 -26.06
CA SER B 431 58.60 45.58 -25.54
C SER B 431 57.62 45.41 -24.38
N LEU B 432 56.92 44.25 -24.29
CA LEU B 432 55.97 43.94 -23.22
C LEU B 432 56.64 43.63 -21.87
N GLY B 433 57.93 43.30 -21.90
CA GLY B 433 58.72 42.99 -20.72
C GLY B 433 58.60 41.54 -20.30
N ASP B 434 58.80 41.27 -18.99
CA ASP B 434 58.69 39.93 -18.40
C ASP B 434 57.21 39.56 -18.36
N VAL B 435 56.69 39.10 -19.51
CA VAL B 435 55.29 38.75 -19.71
C VAL B 435 55.04 37.24 -19.52
N LYS B 436 53.93 36.91 -18.82
CA LYS B 436 53.47 35.55 -18.53
C LYS B 436 52.03 35.43 -19.06
N LEU B 437 51.75 34.35 -19.81
CA LEU B 437 50.43 34.09 -20.41
C LEU B 437 49.81 32.76 -19.97
N GLU B 438 48.50 32.79 -19.66
CA GLU B 438 47.71 31.63 -19.27
C GLU B 438 46.38 31.66 -20.01
N LEU B 439 46.03 30.55 -20.68
CA LEU B 439 44.80 30.46 -21.45
C LEU B 439 43.71 29.67 -20.74
N PHE B 440 42.51 30.31 -20.61
CA PHE B 440 41.30 29.77 -20.00
C PHE B 440 40.17 29.75 -21.02
N ALA B 441 39.32 28.72 -20.95
CA ALA B 441 38.17 28.58 -21.84
C ALA B 441 36.91 28.26 -21.04
N VAL B 442 35.78 28.93 -21.36
CA VAL B 442 34.49 28.71 -20.70
C VAL B 442 33.55 28.07 -21.74
N LEU B 443 33.22 26.77 -21.53
CA LEU B 443 32.37 25.97 -22.41
C LEU B 443 30.90 26.43 -22.41
N ARG B 444 30.38 26.72 -23.62
CA ARG B 444 29.00 27.17 -23.84
C ARG B 444 28.01 26.03 -23.59
N THR B 445 26.84 26.36 -22.98
CA THR B 445 25.69 25.52 -22.55
C THR B 445 25.72 25.37 -21.02
N PHE C 19 -26.60 -8.39 4.45
CA PHE C 19 -26.51 -9.34 3.35
C PHE C 19 -25.63 -8.77 2.23
N GLN C 20 -26.24 -8.06 1.23
CA GLN C 20 -25.54 -7.43 0.11
C GLN C 20 -24.98 -6.05 0.51
N GLN C 21 -25.55 -5.45 1.59
CA GLN C 21 -25.13 -4.14 2.13
C GLN C 21 -23.70 -4.15 2.69
N GLN C 22 -23.31 -5.25 3.37
CA GLN C 22 -21.97 -5.44 3.95
C GLN C 22 -20.94 -5.65 2.85
N ALA C 23 -21.30 -6.44 1.79
CA ALA C 23 -20.48 -6.76 0.62
C ALA C 23 -20.03 -5.54 -0.19
N ALA C 24 -20.85 -4.50 -0.29
CA ALA C 24 -20.53 -3.26 -1.01
C ALA C 24 -19.47 -2.46 -0.25
N TRP C 25 -19.64 -2.42 1.06
CA TRP C 25 -18.80 -1.74 2.03
C TRP C 25 -17.44 -2.46 2.16
N ASP C 26 -17.44 -3.80 2.03
CA ASP C 26 -16.25 -4.65 2.14
C ASP C 26 -15.34 -4.53 0.91
N VAL C 27 -15.92 -4.13 -0.23
CA VAL C 27 -15.25 -3.91 -1.53
C VAL C 27 -14.64 -2.50 -1.49
N HIS C 28 -15.37 -1.51 -0.92
CA HIS C 28 -14.93 -0.13 -0.80
C HIS C 28 -13.75 0.01 0.15
N LEU C 29 -13.77 -0.76 1.23
CA LEU C 29 -12.70 -0.77 2.24
C LEU C 29 -11.42 -1.26 1.61
N ALA C 30 -11.52 -2.41 0.92
CA ALA C 30 -10.46 -3.07 0.18
C ALA C 30 -9.84 -2.07 -0.82
N ASP C 31 -10.70 -1.42 -1.61
CA ASP C 31 -10.26 -0.47 -2.61
C ASP C 31 -9.58 0.75 -2.03
N SER C 32 -10.13 1.35 -0.98
CA SER C 32 -9.59 2.54 -0.34
C SER C 32 -8.22 2.33 0.27
N VAL C 33 -7.97 1.13 0.84
CA VAL C 33 -6.65 0.76 1.40
C VAL C 33 -5.66 0.51 0.28
N ALA C 34 -6.05 -0.26 -0.73
CA ALA C 34 -5.14 -0.58 -1.82
C ALA C 34 -4.68 0.69 -2.58
N ARG C 35 -5.58 1.71 -2.68
CA ARG C 35 -5.34 2.98 -3.38
C ARG C 35 -4.36 3.92 -2.66
N MET C 36 -3.94 3.58 -1.45
CA MET C 36 -2.95 4.31 -0.66
C MET C 36 -1.54 3.98 -1.11
N GLY C 37 -1.37 2.84 -1.73
CA GLY C 37 -0.04 2.41 -2.17
C GLY C 37 0.01 2.02 -3.62
N LEU C 38 -1.16 1.94 -4.30
CA LEU C 38 -1.23 1.56 -5.72
C LEU C 38 -2.15 2.50 -6.50
N ALA C 39 -1.73 2.89 -7.71
CA ALA C 39 -2.48 3.82 -8.57
C ALA C 39 -3.66 3.12 -9.28
N HIS C 40 -3.45 1.84 -9.61
CA HIS C 40 -4.35 0.98 -10.33
C HIS C 40 -4.49 -0.37 -9.62
N PRO C 41 -5.15 -0.47 -8.42
CA PRO C 41 -5.28 -1.79 -7.78
C PRO C 41 -6.42 -2.64 -8.40
N TRP C 42 -6.24 -3.04 -9.67
CA TRP C 42 -7.20 -3.86 -10.40
C TRP C 42 -6.50 -4.50 -11.57
N GLY C 43 -7.09 -5.55 -12.14
CA GLY C 43 -6.49 -6.27 -13.25
C GLY C 43 -6.62 -7.76 -13.09
N VAL C 44 -5.94 -8.51 -13.95
CA VAL C 44 -5.96 -9.97 -14.03
C VAL C 44 -4.88 -10.61 -13.16
N VAL C 45 -5.28 -11.73 -12.51
CA VAL C 45 -4.41 -12.60 -11.72
C VAL C 45 -4.28 -13.92 -12.51
N ALA C 46 -5.39 -14.38 -13.12
CA ALA C 46 -5.46 -15.57 -13.97
C ALA C 46 -6.65 -15.45 -14.91
N ALA C 47 -6.43 -15.78 -16.18
CA ALA C 47 -7.44 -15.78 -17.25
C ALA C 47 -7.10 -16.90 -18.24
N GLU C 48 -7.70 -18.09 -18.03
CA GLU C 48 -7.49 -19.28 -18.84
C GLU C 48 -8.71 -19.65 -19.62
N PHE C 49 -8.51 -20.15 -20.84
CA PHE C 49 -9.62 -20.47 -21.74
C PHE C 49 -9.53 -21.84 -22.37
N ASP C 50 -10.64 -22.23 -23.00
CA ASP C 50 -10.76 -23.46 -23.76
C ASP C 50 -10.70 -23.09 -25.25
N ASP C 51 -9.49 -23.18 -25.82
CA ASP C 51 -9.18 -22.87 -27.22
C ASP C 51 -9.86 -23.82 -28.22
N SER C 52 -10.20 -25.04 -27.74
CA SER C 52 -10.92 -26.06 -28.52
C SER C 52 -12.33 -25.52 -28.80
N LEU C 53 -12.89 -25.81 -29.98
CA LEU C 53 -14.23 -25.38 -30.41
C LEU C 53 -14.24 -23.86 -30.77
N LEU C 54 -13.02 -23.26 -30.93
CA LEU C 54 -12.87 -21.93 -31.53
C LEU C 54 -13.24 -22.11 -33.02
N PRO C 55 -12.93 -23.29 -33.69
CA PRO C 55 -13.42 -23.50 -35.06
C PRO C 55 -14.95 -23.41 -35.19
N LEU C 56 -15.71 -23.72 -34.12
CA LEU C 56 -17.18 -23.64 -34.09
C LEU C 56 -17.65 -22.23 -33.66
N SER C 57 -16.70 -21.28 -33.52
CA SER C 57 -16.94 -19.86 -33.16
C SER C 57 -17.55 -19.67 -31.74
N ARG C 58 -16.99 -20.38 -30.74
CA ARG C 58 -17.46 -20.32 -29.35
C ARG C 58 -16.27 -20.25 -28.42
N LEU C 59 -16.33 -19.35 -27.44
CA LEU C 59 -15.24 -19.18 -26.49
C LEU C 59 -15.71 -19.40 -25.05
N ASN C 60 -14.92 -20.17 -24.30
CA ASN C 60 -15.23 -20.49 -22.92
C ASN C 60 -14.04 -20.27 -22.00
N ALA C 61 -14.30 -19.70 -20.82
CA ALA C 61 -13.26 -19.47 -19.81
C ALA C 61 -13.20 -20.73 -18.94
N THR C 62 -11.99 -21.10 -18.50
CA THR C 62 -11.77 -22.26 -17.64
C THR C 62 -11.44 -21.80 -16.21
N ARG C 63 -10.61 -20.75 -16.09
CA ARG C 63 -10.20 -20.16 -14.81
C ARG C 63 -10.12 -18.64 -14.97
N LEU C 64 -10.73 -17.91 -14.04
CA LEU C 64 -10.72 -16.44 -14.00
C LEU C 64 -10.58 -15.93 -12.57
N ILE C 65 -9.47 -15.22 -12.30
CA ILE C 65 -9.22 -14.50 -11.04
C ILE C 65 -8.89 -13.09 -11.52
N VAL C 66 -9.87 -12.20 -11.39
CA VAL C 66 -9.83 -10.81 -11.88
C VAL C 66 -10.35 -9.88 -10.81
N ARG C 67 -9.67 -8.74 -10.65
CA ARG C 67 -10.07 -7.70 -9.71
C ARG C 67 -10.51 -6.48 -10.53
N PHE C 68 -11.70 -5.99 -10.26
CA PHE C 68 -12.33 -4.86 -10.93
C PHE C 68 -11.94 -3.49 -10.36
N PRO C 69 -11.96 -2.42 -11.20
CA PRO C 69 -11.52 -1.09 -10.70
C PRO C 69 -12.26 -0.54 -9.45
N ASP C 70 -13.39 -1.16 -9.05
CA ASP C 70 -14.18 -0.76 -7.89
C ASP C 70 -13.72 -1.50 -6.64
N GLY C 71 -13.00 -2.59 -6.83
CA GLY C 71 -12.43 -3.36 -5.74
C GLY C 71 -12.90 -4.79 -5.63
N THR C 72 -13.88 -5.17 -6.46
CA THR C 72 -14.45 -6.50 -6.44
C THR C 72 -13.45 -7.49 -6.99
N LEU C 73 -13.27 -8.60 -6.26
CA LEU C 73 -12.44 -9.68 -6.64
C LEU C 73 -13.36 -10.82 -7.09
N ILE C 74 -13.10 -11.31 -8.29
CA ILE C 74 -13.81 -12.40 -8.91
C ILE C 74 -12.84 -13.57 -8.90
N ASP C 75 -13.28 -14.71 -8.37
CA ASP C 75 -12.43 -15.90 -8.32
C ASP C 75 -13.32 -17.08 -8.62
N THR C 76 -13.14 -17.64 -9.83
CA THR C 76 -13.96 -18.76 -10.27
C THR C 76 -13.55 -20.07 -9.58
N GLU C 77 -12.31 -20.17 -9.07
CA GLU C 77 -11.87 -21.33 -8.29
C GLU C 77 -12.51 -21.39 -6.88
N ARG C 78 -12.80 -20.22 -6.27
CA ARG C 78 -13.31 -20.16 -4.90
C ARG C 78 -14.80 -19.84 -4.80
N ALA C 79 -15.23 -18.61 -5.14
CA ALA C 79 -16.59 -18.12 -4.95
C ALA C 79 -17.46 -17.94 -6.18
N ASP C 80 -16.85 -17.64 -7.29
CA ASP C 80 -17.60 -17.31 -8.50
C ASP C 80 -17.75 -18.45 -9.47
N ASN C 81 -18.77 -18.33 -10.33
CA ASN C 81 -19.12 -19.27 -11.40
C ASN C 81 -18.69 -18.67 -12.71
N LEU C 82 -18.13 -19.52 -13.59
CA LEU C 82 -17.63 -19.13 -14.90
C LEU C 82 -18.71 -18.42 -15.73
N PRO C 83 -18.35 -17.36 -16.51
CA PRO C 83 -19.37 -16.67 -17.31
C PRO C 83 -19.89 -17.57 -18.43
N PRO C 84 -21.12 -17.35 -18.95
CA PRO C 84 -21.61 -18.20 -20.04
C PRO C 84 -20.74 -18.05 -21.29
N VAL C 85 -20.80 -19.04 -22.19
CA VAL C 85 -20.03 -19.08 -23.46
C VAL C 85 -20.14 -17.77 -24.25
N CYS C 86 -19.03 -17.36 -24.86
CA CYS C 86 -18.96 -16.19 -25.71
C CYS C 86 -19.22 -16.65 -27.15
N ASP C 87 -20.37 -16.22 -27.73
CA ASP C 87 -20.75 -16.58 -29.10
C ASP C 87 -20.13 -15.61 -30.10
N LEU C 88 -19.21 -16.12 -30.91
CA LEU C 88 -18.46 -15.33 -31.89
C LEU C 88 -19.14 -15.25 -33.27
N SER C 89 -20.38 -15.76 -33.38
CA SER C 89 -21.18 -15.73 -34.62
C SER C 89 -21.54 -14.27 -34.96
N THR C 90 -21.65 -13.44 -33.93
CA THR C 90 -21.97 -12.01 -34.02
C THR C 90 -20.81 -11.16 -34.58
N VAL C 91 -19.58 -11.70 -34.58
CA VAL C 91 -18.39 -10.98 -35.03
C VAL C 91 -17.69 -11.67 -36.24
N SER C 92 -18.50 -12.32 -37.09
CA SER C 92 -18.08 -13.00 -38.33
C SER C 92 -17.45 -12.00 -39.33
N ASP C 93 -17.91 -10.73 -39.28
CA ASP C 93 -17.45 -9.60 -40.08
C ASP C 93 -16.15 -8.92 -39.55
N ARG C 94 -15.65 -9.40 -38.39
CA ARG C 94 -14.47 -8.82 -37.74
C ARG C 94 -13.22 -9.67 -37.87
N SER C 95 -12.03 -9.03 -37.80
CA SER C 95 -10.71 -9.68 -37.88
C SER C 95 -9.97 -9.66 -36.54
N LEU C 96 -10.44 -8.80 -35.60
CA LEU C 96 -9.90 -8.60 -34.27
C LEU C 96 -11.07 -8.31 -33.34
N VAL C 97 -11.07 -8.99 -32.20
CA VAL C 97 -12.10 -8.86 -31.20
C VAL C 97 -11.44 -8.88 -29.80
N ASP C 98 -11.67 -7.83 -29.00
CA ASP C 98 -11.06 -7.69 -27.68
C ASP C 98 -12.09 -8.14 -26.66
N ILE C 99 -11.82 -9.28 -26.00
CA ILE C 99 -12.72 -9.87 -25.01
C ILE C 99 -12.45 -9.25 -23.64
N VAL C 100 -13.52 -8.84 -22.93
CA VAL C 100 -13.46 -8.27 -21.60
C VAL C 100 -14.35 -9.07 -20.66
N LEU C 101 -14.00 -9.13 -19.37
CA LEU C 101 -14.82 -9.75 -18.35
C LEU C 101 -15.64 -8.61 -17.77
N ALA C 102 -16.97 -8.78 -17.76
CA ALA C 102 -17.91 -7.77 -17.34
C ALA C 102 -18.64 -8.10 -16.07
N LEU C 103 -18.79 -7.08 -15.21
CA LEU C 103 -19.53 -7.20 -13.95
C LEU C 103 -20.35 -5.94 -13.77
N PRO C 104 -21.69 -6.05 -13.64
CA PRO C 104 -22.50 -4.85 -13.59
C PRO C 104 -22.02 -3.91 -12.50
N LEU C 105 -22.25 -2.62 -12.67
CA LEU C 105 -21.91 -1.62 -11.68
C LEU C 105 -22.77 -1.83 -10.44
N LEU C 106 -22.28 -1.36 -9.31
CA LEU C 106 -23.08 -1.37 -8.12
C LEU C 106 -23.79 -0.04 -8.14
N ASN C 107 -25.10 -0.06 -7.83
CA ASN C 107 -25.92 1.13 -7.75
C ASN C 107 -26.00 1.53 -6.29
N ALA C 108 -25.57 2.75 -5.99
CA ALA C 108 -25.65 3.29 -4.64
C ALA C 108 -27.12 3.52 -4.21
N ASN C 109 -27.97 3.95 -5.16
CA ASN C 109 -29.39 4.25 -4.96
C ASN C 109 -30.32 3.07 -5.20
N GLY C 110 -29.92 2.21 -6.14
CA GLY C 110 -30.75 1.12 -6.62
C GLY C 110 -30.58 -0.25 -6.05
N GLY C 111 -31.24 -1.18 -6.73
CA GLY C 111 -31.31 -2.60 -6.44
C GLY C 111 -30.39 -3.34 -7.37
N ASN C 112 -29.41 -4.03 -6.77
CA ASN C 112 -28.38 -4.76 -7.47
C ASN C 112 -28.64 -6.26 -7.56
N LEU C 113 -29.89 -6.64 -7.42
CA LEU C 113 -30.27 -8.04 -7.46
C LEU C 113 -31.34 -8.27 -8.48
N ASP C 114 -31.30 -9.42 -9.14
CA ASP C 114 -32.29 -9.72 -10.15
C ASP C 114 -33.52 -10.29 -9.48
N ASN C 115 -34.60 -9.52 -9.51
CA ASN C 115 -35.84 -9.92 -8.89
C ASN C 115 -36.92 -10.25 -9.90
N GLY C 116 -36.56 -10.26 -11.17
CA GLY C 116 -37.53 -10.55 -12.21
C GLY C 116 -38.33 -9.35 -12.68
N SER C 117 -38.00 -8.18 -12.16
CA SER C 117 -38.65 -6.96 -12.57
C SER C 117 -37.65 -6.33 -13.48
N GLU C 118 -38.09 -5.87 -14.63
CA GLU C 118 -37.21 -5.32 -15.63
C GLU C 118 -36.46 -4.06 -15.25
N SER C 119 -35.24 -3.95 -15.75
CA SER C 119 -34.37 -2.81 -15.52
C SER C 119 -33.77 -2.36 -16.82
N GLU C 120 -33.36 -1.10 -16.87
CA GLU C 120 -32.77 -0.50 -18.07
C GLU C 120 -31.27 -0.81 -18.14
N ARG C 121 -30.73 -1.34 -17.03
CA ARG C 121 -29.32 -1.66 -16.83
C ARG C 121 -29.14 -3.07 -16.18
N PRO C 122 -27.98 -3.75 -16.39
CA PRO C 122 -27.77 -5.04 -15.69
C PRO C 122 -27.53 -4.86 -14.18
N ARG C 123 -27.95 -5.84 -13.35
CA ARG C 123 -27.80 -5.88 -11.89
C ARG C 123 -26.70 -6.82 -11.48
N ARG C 124 -25.88 -6.42 -10.48
CA ARG C 124 -24.69 -7.19 -10.07
C ARG C 124 -24.95 -8.63 -9.66
N TRP C 125 -26.05 -8.91 -8.98
CA TRP C 125 -26.32 -10.24 -8.45
C TRP C 125 -27.55 -10.92 -8.95
N LYS C 126 -27.50 -12.26 -8.92
CA LYS C 126 -28.59 -13.21 -9.18
C LYS C 126 -28.70 -14.06 -7.91
N SER C 127 -29.90 -14.63 -7.66
CA SER C 127 -30.12 -15.49 -6.49
C SER C 127 -30.07 -16.97 -6.91
N GLU C 128 -29.31 -17.80 -6.16
CA GLU C 128 -29.12 -19.22 -6.44
C GLU C 128 -29.24 -20.08 -5.17
N ALA C 144 -30.69 -19.98 0.05
CA ALA C 144 -30.44 -19.18 -1.15
C ALA C 144 -29.32 -18.15 -0.90
N VAL C 145 -28.42 -17.99 -1.88
CA VAL C 145 -27.27 -17.07 -1.79
C VAL C 145 -27.05 -16.26 -3.11
N LEU C 146 -26.32 -15.13 -3.00
CA LEU C 146 -25.98 -14.21 -4.09
C LEU C 146 -24.84 -14.74 -4.99
N ARG C 147 -25.03 -14.58 -6.30
CA ARG C 147 -24.04 -14.97 -7.29
C ARG C 147 -23.86 -13.79 -8.24
N HIS C 148 -22.60 -13.40 -8.52
CA HIS C 148 -22.28 -12.29 -9.41
C HIS C 148 -22.71 -12.62 -10.83
N ASN C 149 -23.25 -11.60 -11.54
CA ASN C 149 -23.66 -11.74 -12.93
C ASN C 149 -22.45 -11.43 -13.80
N LEU C 150 -21.50 -12.37 -13.90
CA LEU C 150 -20.30 -12.25 -14.71
C LEU C 150 -20.66 -12.67 -16.12
N THR C 151 -20.10 -11.93 -17.09
CA THR C 151 -20.38 -12.08 -18.50
C THR C 151 -19.10 -11.77 -19.27
N LEU C 152 -18.94 -12.41 -20.45
CA LEU C 152 -17.84 -12.10 -21.37
C LEU C 152 -18.47 -11.19 -22.42
N ARG C 153 -17.88 -10.02 -22.60
CA ARG C 153 -18.34 -9.02 -23.57
C ARG C 153 -17.13 -8.63 -24.41
N MET C 154 -17.35 -7.77 -25.39
CA MET C 154 -16.31 -7.31 -26.31
C MET C 154 -16.19 -5.79 -26.24
N ALA C 155 -14.99 -5.30 -26.42
CA ALA C 155 -14.66 -3.88 -26.37
C ALA C 155 -15.43 -2.98 -27.36
N HIS C 156 -15.95 -3.56 -28.42
CA HIS C 156 -16.70 -2.82 -29.43
C HIS C 156 -18.19 -2.69 -29.07
N GLN C 157 -18.58 -3.20 -27.90
CA GLN C 157 -19.95 -3.10 -27.41
C GLN C 157 -20.05 -1.93 -26.42
N GLU C 158 -21.28 -1.48 -26.10
CA GLU C 158 -21.52 -0.41 -25.13
C GLU C 158 -21.36 -1.07 -23.77
N ASN C 159 -20.30 -0.73 -23.03
CA ASN C 159 -20.07 -1.43 -21.76
C ASN C 159 -20.03 -0.54 -20.54
N ALA C 160 -20.48 0.71 -20.66
CA ALA C 160 -20.44 1.66 -19.54
C ALA C 160 -21.31 1.28 -18.34
N ALA C 161 -22.29 0.37 -18.53
CA ALA C 161 -23.18 -0.09 -17.46
C ALA C 161 -22.52 -1.23 -16.66
N TRP C 162 -21.31 -1.63 -17.09
CA TRP C 162 -20.46 -2.68 -16.52
C TRP C 162 -19.09 -2.16 -16.15
N LEU C 163 -18.41 -2.89 -15.23
CA LEU C 163 -17.01 -2.73 -14.89
C LEU C 163 -16.41 -3.75 -15.75
N THR C 164 -15.40 -3.34 -16.48
CA THR C 164 -14.77 -4.15 -17.50
C THR C 164 -13.29 -4.39 -17.26
N CYS C 165 -12.80 -5.57 -17.67
CA CYS C 165 -11.38 -5.88 -17.64
C CYS C 165 -11.00 -6.72 -18.84
N PRO C 166 -10.02 -6.25 -19.71
CA PRO C 166 -9.55 -7.08 -20.83
C PRO C 166 -9.06 -8.44 -20.35
N VAL C 167 -9.44 -9.50 -21.06
CA VAL C 167 -9.14 -10.85 -20.61
C VAL C 167 -8.47 -11.74 -21.74
N THR C 168 -8.62 -11.35 -23.03
CA THR C 168 -8.01 -11.84 -24.28
C THR C 168 -8.35 -10.97 -25.47
N ARG C 169 -7.64 -11.23 -26.56
CA ARG C 169 -7.80 -10.63 -27.85
C ARG C 169 -7.73 -11.78 -28.86
N LEU C 170 -8.80 -11.95 -29.63
CA LEU C 170 -8.89 -12.96 -30.68
C LEU C 170 -8.58 -12.28 -31.99
N VAL C 171 -7.67 -12.86 -32.75
CA VAL C 171 -7.23 -12.38 -34.05
C VAL C 171 -7.44 -13.55 -35.04
N ARG C 172 -7.56 -13.25 -36.34
CA ARG C 172 -7.73 -14.31 -37.35
C ARG C 172 -6.40 -14.76 -37.97
N ASP C 173 -6.24 -16.07 -38.23
CA ASP C 173 -5.02 -16.59 -38.85
C ASP C 173 -5.13 -16.55 -40.41
N ALA C 174 -4.22 -17.27 -41.10
CA ALA C 174 -4.17 -17.31 -42.57
C ALA C 174 -5.40 -18.01 -43.16
N GLN C 175 -5.92 -19.01 -42.43
CA GLN C 175 -7.12 -19.79 -42.77
C GLN C 175 -8.40 -18.98 -42.47
N GLY C 176 -8.28 -17.91 -41.67
CA GLY C 176 -9.39 -17.06 -41.27
C GLY C 176 -10.10 -17.59 -40.03
N GLN C 177 -9.33 -18.30 -39.20
CA GLN C 177 -9.74 -18.95 -37.96
C GLN C 177 -9.41 -18.09 -36.73
N TRP C 178 -10.42 -17.88 -35.83
CA TRP C 178 -10.25 -17.13 -34.57
C TRP C 178 -9.26 -17.89 -33.70
N CYS C 179 -8.23 -17.18 -33.23
CA CYS C 179 -7.20 -17.72 -32.36
C CYS C 179 -6.70 -16.62 -31.42
N ARG C 180 -6.41 -16.97 -30.15
CA ARG C 180 -5.95 -16.02 -29.13
C ARG C 180 -4.62 -15.40 -29.55
N ASP C 181 -4.54 -14.05 -29.55
CA ASP C 181 -3.35 -13.32 -29.92
C ASP C 181 -2.23 -13.62 -28.90
N PRO C 182 -1.10 -14.22 -29.36
CA PRO C 182 -0.01 -14.56 -28.43
C PRO C 182 0.65 -13.34 -27.79
N ARG C 183 0.67 -12.21 -28.53
CA ARG C 183 1.25 -10.94 -28.08
C ARG C 183 0.43 -10.24 -26.96
N PHE C 184 -0.80 -10.71 -26.70
CA PHE C 184 -1.68 -10.11 -25.69
C PHE C 184 -1.19 -10.21 -24.23
N ILE C 185 -1.22 -9.06 -23.52
CA ILE C 185 -0.97 -8.92 -22.08
C ILE C 185 -2.24 -8.19 -21.49
N PRO C 186 -3.00 -8.75 -20.54
CA PRO C 186 -4.11 -7.95 -19.97
C PRO C 186 -3.62 -6.98 -18.89
N PRO C 187 -4.43 -6.04 -18.33
CA PRO C 187 -3.90 -5.24 -17.21
C PRO C 187 -3.58 -6.22 -16.08
N LEU C 188 -2.36 -6.10 -15.54
CA LEU C 188 -1.89 -7.07 -14.56
C LEU C 188 -2.03 -6.65 -13.13
N LEU C 189 -2.43 -7.59 -12.26
CA LEU C 189 -2.50 -7.37 -10.81
C LEU C 189 -1.28 -8.08 -10.24
N THR C 190 -0.77 -9.06 -11.00
CA THR C 190 0.37 -9.89 -10.67
C THR C 190 1.19 -10.15 -11.90
N LEU C 191 2.50 -10.23 -11.73
CA LEU C 191 3.46 -10.51 -12.82
C LEU C 191 3.21 -11.92 -13.42
N SER C 192 2.89 -12.89 -12.52
CA SER C 192 2.59 -14.29 -12.79
C SER C 192 1.37 -14.49 -13.72
N ALA C 193 0.52 -13.46 -13.89
CA ALA C 193 -0.64 -13.50 -14.78
C ALA C 193 -0.23 -13.60 -16.26
N SER C 194 1.03 -13.20 -16.57
CA SER C 194 1.62 -13.26 -17.91
C SER C 194 2.89 -14.14 -17.91
N PRO C 195 2.73 -15.45 -18.22
CA PRO C 195 3.91 -16.34 -18.28
C PRO C 195 4.98 -15.94 -19.32
N SER C 196 4.59 -15.25 -20.40
CA SER C 196 5.51 -14.80 -21.44
C SER C 196 6.43 -13.69 -20.89
N LEU C 197 5.84 -12.72 -20.18
CA LEU C 197 6.53 -11.56 -19.58
C LEU C 197 7.43 -12.00 -18.44
N MET C 198 7.01 -13.05 -17.78
CA MET C 198 7.69 -13.70 -16.70
C MET C 198 9.04 -14.25 -17.18
N THR C 199 9.02 -15.12 -18.22
CA THR C 199 10.23 -15.72 -18.81
C THR C 199 11.11 -14.64 -19.45
N GLU C 200 10.50 -13.56 -19.99
CA GLU C 200 11.21 -12.42 -20.58
C GLU C 200 11.98 -11.64 -19.48
N LEU C 201 11.48 -11.68 -18.23
CA LEU C 201 12.11 -11.04 -17.06
C LEU C 201 13.19 -11.90 -16.44
N LEU C 202 12.97 -13.24 -16.37
CA LEU C 202 13.95 -14.23 -15.91
C LEU C 202 15.19 -14.12 -16.81
N GLU C 203 14.96 -13.89 -18.13
CA GLU C 203 15.96 -13.68 -19.17
C GLU C 203 16.70 -12.37 -18.96
N LEU C 204 16.01 -11.30 -18.50
CA LEU C 204 16.65 -10.01 -18.23
C LEU C 204 17.57 -10.13 -17.03
N LEU C 205 17.12 -10.85 -16.01
CA LEU C 205 17.91 -11.05 -14.80
C LEU C 205 19.17 -11.86 -15.09
N HIS C 206 19.04 -12.91 -15.94
CA HIS C 206 20.13 -13.78 -16.38
C HIS C 206 21.17 -12.96 -17.13
N HIS C 207 20.71 -12.05 -18.01
CA HIS C 207 21.53 -11.13 -18.82
C HIS C 207 22.24 -10.14 -17.90
N LEU C 208 21.50 -9.41 -17.06
CA LEU C 208 22.04 -8.45 -16.10
C LEU C 208 23.15 -9.09 -15.25
N GLN C 209 22.89 -10.29 -14.65
CA GLN C 209 23.85 -11.00 -13.81
C GLN C 209 25.10 -11.42 -14.56
N ALA C 210 24.96 -11.72 -15.87
CA ALA C 210 26.06 -12.10 -16.75
C ALA C 210 26.90 -10.85 -17.08
N ARG C 211 26.25 -9.73 -17.52
CA ARG C 211 26.95 -8.47 -17.79
C ARG C 211 27.63 -7.91 -16.53
N ARG C 212 27.10 -8.24 -15.34
CA ARG C 212 27.65 -7.86 -14.04
C ARG C 212 28.93 -8.68 -13.75
N GLN C 213 28.88 -10.01 -13.99
CA GLN C 213 29.97 -10.98 -13.80
C GLN C 213 31.12 -10.72 -14.76
N ARG C 214 30.81 -10.35 -16.03
CA ARG C 214 31.81 -10.00 -17.06
C ARG C 214 32.50 -8.71 -16.63
N LEU C 215 31.76 -7.80 -15.98
CA LEU C 215 32.26 -6.54 -15.44
C LEU C 215 33.09 -6.75 -14.17
N MET C 216 32.84 -7.86 -13.45
CA MET C 216 33.58 -8.26 -12.25
C MET C 216 34.96 -8.77 -12.67
N SER C 217 35.01 -9.51 -13.79
CA SER C 217 36.22 -10.06 -14.39
C SER C 217 37.10 -8.95 -14.97
N MET C 218 36.49 -7.89 -15.57
CA MET C 218 37.19 -6.75 -16.18
C MET C 218 38.03 -5.98 -15.17
N ARG C 219 37.46 -5.73 -13.97
CA ARG C 219 38.15 -5.06 -12.88
C ARG C 219 39.31 -5.95 -12.41
N ARG C 220 39.05 -7.28 -12.33
CA ARG C 220 40.03 -8.29 -11.96
C ARG C 220 41.09 -8.50 -13.05
N GLU C 221 40.68 -8.35 -14.33
CA GLU C 221 41.51 -8.52 -15.54
C GLU C 221 42.63 -7.51 -15.54
N ASN C 222 42.30 -6.25 -15.18
CA ASN C 222 43.28 -5.19 -15.01
C ASN C 222 44.01 -5.56 -13.71
N ASN C 223 45.35 -5.52 -13.75
CA ASN C 223 46.20 -5.86 -12.63
C ASN C 223 45.81 -5.03 -11.39
N ALA C 224 45.50 -5.72 -10.27
CA ALA C 224 45.07 -5.05 -9.05
C ALA C 224 45.90 -5.41 -7.83
N ARG C 225 46.32 -4.37 -7.11
CA ARG C 225 47.07 -4.41 -5.86
C ARG C 225 46.29 -3.53 -4.87
N LEU C 226 44.93 -3.59 -4.96
CA LEU C 226 43.91 -2.84 -4.20
C LEU C 226 43.84 -1.35 -4.61
N ALA C 227 44.43 -1.03 -5.79
CA ALA C 227 44.47 0.31 -6.38
C ALA C 227 44.17 0.31 -7.88
N ASP C 228 43.47 1.36 -8.35
CA ASP C 228 43.07 1.54 -9.74
C ASP C 228 43.73 2.76 -10.36
N PHE C 229 44.43 2.55 -11.50
CA PHE C 229 45.11 3.64 -12.21
C PHE C 229 44.56 3.83 -13.63
N ALA C 230 43.43 3.19 -13.92
CA ALA C 230 42.82 3.26 -15.25
C ALA C 230 41.50 4.04 -15.30
N VAL C 231 41.44 5.01 -16.23
CA VAL C 231 40.26 5.84 -16.50
C VAL C 231 39.20 4.98 -17.19
N ALA C 232 39.64 4.00 -18.00
CA ALA C 232 38.75 3.03 -18.67
C ALA C 232 37.93 2.32 -17.59
N ASP C 233 38.56 2.03 -16.44
CA ASP C 233 37.95 1.39 -15.28
C ASP C 233 36.91 2.30 -14.59
N VAL C 234 37.06 3.65 -14.69
CA VAL C 234 36.18 4.64 -14.06
C VAL C 234 34.69 4.48 -14.52
N SER C 235 34.43 4.49 -15.84
CA SER C 235 33.09 4.31 -16.43
C SER C 235 32.54 2.94 -16.01
N LEU C 236 33.42 1.95 -16.04
CA LEU C 236 33.21 0.55 -15.69
C LEU C 236 32.83 0.36 -14.19
N PHE C 237 33.58 0.97 -13.24
CA PHE C 237 33.33 0.91 -11.79
C PHE C 237 31.96 1.51 -11.46
N TRP C 238 31.60 2.56 -12.20
CA TRP C 238 30.36 3.31 -12.06
C TRP C 238 29.16 2.61 -12.69
N LEU C 239 29.40 1.79 -13.75
CA LEU C 239 28.39 0.97 -14.43
C LEU C 239 28.08 -0.24 -13.53
N LEU C 240 29.09 -0.68 -12.76
CA LEU C 240 28.97 -1.78 -11.79
C LEU C 240 28.12 -1.34 -10.60
N ASN C 241 28.12 -0.03 -10.27
CA ASN C 241 27.30 0.53 -9.19
C ASN C 241 25.81 0.47 -9.58
N ALA C 242 25.49 0.73 -10.87
CA ALA C 242 24.13 0.66 -11.38
C ALA C 242 23.58 -0.78 -11.32
N LEU C 243 24.40 -1.75 -11.74
CA LEU C 243 24.03 -3.16 -11.79
C LEU C 243 23.96 -3.81 -10.42
N ASN C 244 24.91 -3.48 -9.52
CA ASN C 244 24.91 -4.06 -8.17
C ASN C 244 23.83 -3.47 -7.28
N SER C 245 23.37 -2.24 -7.55
CA SER C 245 22.29 -1.59 -6.79
C SER C 245 20.95 -2.24 -7.15
N ALA C 246 20.73 -2.51 -8.45
CA ALA C 246 19.52 -3.10 -9.00
C ALA C 246 19.34 -4.59 -8.78
N GLU C 247 20.40 -5.38 -8.98
CA GLU C 247 20.37 -6.84 -8.89
C GLU C 247 19.67 -7.36 -7.63
N PRO C 248 20.06 -7.03 -6.38
CA PRO C 248 19.35 -7.62 -5.22
C PRO C 248 17.87 -7.25 -5.18
N VAL C 249 17.55 -6.02 -5.61
CA VAL C 249 16.21 -5.46 -5.64
C VAL C 249 15.34 -6.21 -6.68
N LEU C 250 15.83 -6.38 -7.90
CA LEU C 250 15.08 -7.09 -8.94
C LEU C 250 14.98 -8.60 -8.71
N LYS C 251 15.97 -9.19 -8.05
CA LYS C 251 16.03 -10.61 -7.70
C LYS C 251 14.89 -10.92 -6.73
N GLU C 252 14.64 -10.07 -5.68
CA GLU C 252 13.56 -10.33 -4.71
C GLU C 252 12.17 -10.13 -5.33
N LEU C 253 12.03 -9.16 -6.26
CA LEU C 253 10.78 -8.89 -6.96
C LEU C 253 10.42 -10.03 -7.89
N LEU C 254 11.43 -10.75 -8.37
CA LEU C 254 11.23 -11.89 -9.26
C LEU C 254 11.17 -13.25 -8.56
N ASP C 255 11.70 -13.37 -7.32
CA ASP C 255 11.61 -14.63 -6.55
C ASP C 255 10.18 -14.92 -6.18
N MET C 256 9.44 -13.84 -5.81
CA MET C 256 8.02 -13.88 -5.45
C MET C 256 7.31 -12.92 -6.41
N PRO C 257 6.91 -13.38 -7.61
CA PRO C 257 6.33 -12.45 -8.60
C PRO C 257 4.82 -12.29 -8.56
N TYR C 258 4.22 -12.27 -7.36
CA TYR C 258 2.77 -12.20 -7.22
C TYR C 258 2.25 -10.82 -6.73
N ARG C 259 3.13 -9.81 -6.75
CA ARG C 259 2.79 -8.44 -6.36
C ARG C 259 2.43 -7.67 -7.59
N HIS C 260 1.87 -6.48 -7.39
CA HIS C 260 1.44 -5.58 -8.45
C HIS C 260 2.66 -5.09 -9.26
N PRO C 261 2.60 -5.15 -10.61
CA PRO C 261 3.77 -4.79 -11.41
C PRO C 261 4.21 -3.32 -11.32
N GLU C 262 3.46 -2.42 -10.65
CA GLU C 262 3.85 -1.03 -10.40
C GLU C 262 5.18 -0.98 -9.64
N LEU C 263 5.43 -1.99 -8.78
CA LEU C 263 6.63 -2.16 -7.98
C LEU C 263 7.79 -2.49 -8.86
N LEU C 264 7.59 -3.45 -9.78
CA LEU C 264 8.58 -3.93 -10.74
C LEU C 264 8.91 -2.84 -11.74
N TYR C 265 7.89 -2.14 -12.27
CA TYR C 265 8.08 -1.05 -13.20
C TYR C 265 8.99 0.02 -12.59
N ARG C 266 8.68 0.49 -11.38
CA ARG C 266 9.45 1.53 -10.71
C ARG C 266 10.94 1.20 -10.65
N GLU C 267 11.26 -0.05 -10.32
CA GLU C 267 12.64 -0.49 -10.16
C GLU C 267 13.34 -0.79 -11.49
N LEU C 268 12.57 -1.20 -12.50
CA LEU C 268 12.99 -1.45 -13.87
C LEU C 268 13.30 -0.10 -14.52
N ALA C 269 12.40 0.89 -14.39
CA ALA C 269 12.57 2.25 -14.89
C ALA C 269 13.74 2.97 -14.19
N ARG C 270 13.95 2.71 -12.90
CA ARG C 270 15.06 3.28 -12.12
C ARG C 270 16.38 2.80 -12.69
N LEU C 271 16.44 1.54 -13.14
CA LEU C 271 17.63 0.94 -13.71
C LEU C 271 17.89 1.48 -15.12
N ALA C 272 16.83 1.55 -15.96
CA ALA C 272 16.91 2.09 -17.31
C ALA C 272 17.47 3.51 -17.24
N GLY C 273 16.97 4.33 -16.32
CA GLY C 273 17.45 5.69 -16.09
C GLY C 273 18.93 5.75 -15.72
N SER C 274 19.37 4.88 -14.82
CA SER C 274 20.76 4.80 -14.38
C SER C 274 21.72 4.41 -15.54
N LEU C 275 21.26 3.52 -16.47
CA LEU C 275 22.04 3.08 -17.62
C LEU C 275 21.99 4.09 -18.77
N LEU C 276 20.91 4.89 -18.87
CA LEU C 276 20.80 5.89 -19.93
C LEU C 276 21.82 7.04 -19.77
N THR C 277 22.47 7.15 -18.59
CA THR C 277 23.48 8.15 -18.22
C THR C 277 24.63 8.14 -19.25
N PHE C 278 25.08 6.93 -19.63
CA PHE C 278 26.15 6.72 -20.59
C PHE C 278 25.67 6.05 -21.88
N SER C 279 24.92 6.81 -22.72
CA SER C 279 24.34 6.40 -24.00
C SER C 279 23.77 7.60 -24.76
N LEU C 280 23.70 7.51 -26.11
CA LEU C 280 23.11 8.53 -27.00
C LEU C 280 22.35 7.92 -28.20
N GLU C 281 22.24 6.57 -28.26
CA GLU C 281 21.44 5.89 -29.27
C GLU C 281 19.96 6.15 -28.92
N HIS C 282 19.67 6.14 -27.58
CA HIS C 282 18.37 6.33 -26.94
C HIS C 282 18.40 7.52 -25.98
N ASN C 283 17.36 8.36 -26.08
CA ASN C 283 17.17 9.53 -25.22
C ASN C 283 16.49 9.08 -23.91
N VAL C 284 16.32 9.99 -22.94
CA VAL C 284 15.67 9.71 -21.64
C VAL C 284 14.15 9.37 -21.80
N ASP C 285 13.55 9.83 -22.90
CA ASP C 285 12.15 9.64 -23.27
C ASP C 285 11.86 8.22 -23.73
N ALA C 286 12.93 7.41 -23.84
CA ALA C 286 12.87 6.01 -24.25
C ALA C 286 12.21 5.13 -23.19
N VAL C 287 12.29 5.52 -21.89
CA VAL C 287 11.68 4.80 -20.77
C VAL C 287 10.15 4.95 -20.88
N PRO C 288 9.41 3.88 -21.21
CA PRO C 288 7.95 4.00 -21.35
C PRO C 288 7.27 4.40 -20.04
N ALA C 289 6.20 5.20 -20.14
CA ALA C 289 5.40 5.60 -18.99
C ALA C 289 4.56 4.37 -18.55
N TYR C 290 4.05 4.32 -17.29
CA TYR C 290 3.25 3.17 -16.88
C TYR C 290 1.82 3.23 -17.39
N HIS C 291 1.49 2.42 -18.40
CA HIS C 291 0.11 2.32 -18.85
C HIS C 291 -0.42 1.00 -18.38
N HIS C 292 -1.16 1.02 -17.29
CA HIS C 292 -1.76 -0.14 -16.68
C HIS C 292 -2.66 -0.93 -17.63
N GLU C 293 -3.56 -0.22 -18.32
CA GLU C 293 -4.57 -0.76 -19.22
C GLU C 293 -3.97 -1.49 -20.45
N THR C 294 -2.78 -1.05 -20.90
CA THR C 294 -2.08 -1.58 -22.08
C THR C 294 -0.63 -1.98 -21.71
N PRO C 295 -0.40 -3.10 -20.95
CA PRO C 295 0.99 -3.48 -20.58
C PRO C 295 1.95 -3.81 -21.73
N GLU C 296 1.39 -4.12 -22.94
CA GLU C 296 2.13 -4.43 -24.16
C GLU C 296 3.02 -3.26 -24.60
N ASN C 297 2.58 -2.02 -24.29
CA ASN C 297 3.29 -0.78 -24.57
C ASN C 297 4.14 -0.36 -23.38
N VAL C 298 4.34 -1.22 -22.36
CA VAL C 298 5.19 -0.78 -21.25
C VAL C 298 6.23 -1.85 -20.96
N PHE C 299 5.85 -3.09 -20.64
CA PHE C 299 6.88 -4.08 -20.25
C PHE C 299 7.72 -4.56 -21.47
N PRO C 300 7.15 -5.05 -22.60
CA PRO C 300 8.02 -5.39 -23.74
C PRO C 300 8.97 -4.24 -24.17
N PRO C 301 8.52 -2.97 -24.42
CA PRO C 301 9.49 -1.90 -24.77
C PRO C 301 10.57 -1.62 -23.73
N LEU C 302 10.20 -1.67 -22.44
CA LEU C 302 11.12 -1.41 -21.33
C LEU C 302 12.17 -2.49 -21.19
N LEU C 303 11.78 -3.77 -21.37
CA LEU C 303 12.72 -4.90 -21.29
C LEU C 303 13.67 -4.88 -22.47
N SER C 304 13.13 -4.55 -23.67
CA SER C 304 13.86 -4.39 -24.93
C SER C 304 14.93 -3.30 -24.70
N LEU C 305 14.50 -2.10 -24.24
CA LEU C 305 15.38 -0.96 -23.96
C LEU C 305 16.51 -1.35 -23.01
N LEU C 306 16.18 -2.01 -21.90
CA LEU C 306 17.15 -2.45 -20.89
C LEU C 306 18.17 -3.42 -21.48
N ASN C 307 17.74 -4.42 -22.26
CA ASN C 307 18.62 -5.40 -22.90
C ASN C 307 19.53 -4.75 -23.92
N ARG C 308 19.02 -3.74 -24.67
CA ARG C 308 19.79 -2.95 -25.63
C ARG C 308 20.86 -2.18 -24.86
N LEU C 309 20.48 -1.46 -23.76
CA LEU C 309 21.41 -0.69 -22.90
C LEU C 309 22.48 -1.58 -22.25
N LEU C 310 22.13 -2.83 -21.91
CA LEU C 310 23.04 -3.80 -21.29
C LEU C 310 24.10 -4.30 -22.29
N GLU C 311 23.69 -4.51 -23.56
CA GLU C 311 24.59 -4.97 -24.62
C GLU C 311 25.50 -3.83 -25.08
N ALA C 312 24.97 -2.58 -25.10
CA ALA C 312 25.64 -1.35 -25.55
C ALA C 312 26.70 -0.77 -24.63
N SER C 313 26.49 -0.85 -23.32
CA SER C 313 27.44 -0.30 -22.35
C SER C 313 28.73 -1.13 -22.30
N LEU C 314 28.58 -2.48 -22.42
CA LEU C 314 29.67 -3.45 -22.38
C LEU C 314 29.53 -4.47 -23.56
N PRO C 315 30.18 -4.22 -24.74
CA PRO C 315 30.05 -5.17 -25.86
C PRO C 315 31.00 -6.36 -25.78
N GLN D 1 -4.83 -0.44 31.32
CA GLN D 1 -5.77 -0.84 32.37
C GLN D 1 -5.73 0.08 33.59
N VAL D 2 -6.92 0.35 34.17
CA VAL D 2 -7.06 1.21 35.34
C VAL D 2 -7.92 0.51 36.43
N GLN D 3 -7.54 0.69 37.71
CA GLN D 3 -8.20 0.10 38.89
C GLN D 3 -8.79 1.23 39.74
N LEU D 4 -10.07 1.11 40.13
CA LEU D 4 -10.77 2.16 40.90
C LEU D 4 -11.38 1.62 42.19
N VAL D 5 -11.20 2.35 43.32
CA VAL D 5 -11.75 1.96 44.65
C VAL D 5 -12.48 3.12 45.33
N GLU D 6 -13.81 2.99 45.52
CA GLU D 6 -14.61 3.99 46.22
C GLU D 6 -14.60 3.78 47.71
N SER D 7 -14.79 4.88 48.44
CA SER D 7 -14.90 4.95 49.89
C SER D 7 -15.64 6.25 50.23
N GLY D 8 -16.13 6.36 51.45
CA GLY D 8 -16.78 7.57 51.93
C GLY D 8 -18.29 7.57 51.98
N GLY D 9 -18.90 6.45 51.59
CA GLY D 9 -20.35 6.33 51.59
C GLY D 9 -20.92 6.19 52.98
N GLY D 10 -22.22 6.38 53.12
CA GLY D 10 -22.86 6.21 54.42
C GLY D 10 -24.27 6.74 54.55
N LEU D 11 -24.71 6.90 55.82
CA LEU D 11 -26.02 7.43 56.16
C LEU D 11 -25.87 8.85 56.66
N VAL D 12 -26.72 9.73 56.15
CA VAL D 12 -26.78 11.13 56.52
C VAL D 12 -28.23 11.58 56.57
N GLN D 13 -28.50 12.66 57.29
CA GLN D 13 -29.83 13.24 57.35
C GLN D 13 -29.90 14.20 56.17
N ALA D 14 -31.12 14.55 55.78
CA ALA D 14 -31.39 15.51 54.73
C ALA D 14 -30.75 16.85 55.13
N GLY D 15 -30.07 17.47 54.17
CA GLY D 15 -29.37 18.73 54.37
C GLY D 15 -27.92 18.53 54.75
N GLY D 16 -27.54 17.26 55.03
CA GLY D 16 -26.20 16.83 55.39
C GLY D 16 -25.18 16.85 54.27
N THR D 17 -24.00 16.28 54.55
CA THR D 17 -22.84 16.22 53.64
C THR D 17 -22.12 14.89 53.73
N LEU D 18 -21.54 14.50 52.61
CA LEU D 18 -20.69 13.33 52.43
C LEU D 18 -19.67 13.72 51.39
N LYS D 19 -18.48 13.11 51.47
CA LYS D 19 -17.42 13.27 50.50
C LYS D 19 -17.05 11.87 50.08
N LEU D 20 -17.31 11.51 48.81
CA LEU D 20 -16.93 10.20 48.29
C LEU D 20 -15.54 10.35 47.67
N SER D 21 -14.73 9.30 47.79
CA SER D 21 -13.36 9.24 47.26
C SER D 21 -13.28 8.07 46.32
N CYS D 22 -12.42 8.18 45.29
CA CYS D 22 -12.20 7.12 44.32
C CYS D 22 -10.72 7.10 44.02
N ALA D 23 -10.02 6.07 44.53
CA ALA D 23 -8.59 5.90 44.34
C ALA D 23 -8.32 5.22 42.99
N ALA D 24 -7.56 5.91 42.14
CA ALA D 24 -7.21 5.41 40.82
C ALA D 24 -5.76 5.00 40.74
N SER D 25 -5.52 3.84 40.15
CA SER D 25 -4.19 3.25 39.93
C SER D 25 -4.19 2.56 38.57
N GLY D 26 -2.99 2.35 38.01
CA GLY D 26 -2.83 1.73 36.71
C GLY D 26 -2.25 2.70 35.73
N SER D 27 -2.68 2.61 34.46
CA SER D 27 -2.21 3.47 33.39
C SER D 27 -3.04 4.77 33.37
N ILE D 28 -2.91 5.54 34.45
CA ILE D 28 -3.65 6.78 34.69
C ILE D 28 -3.44 7.83 33.58
N SER D 29 -2.28 7.82 32.92
CA SER D 29 -1.95 8.79 31.86
C SER D 29 -2.92 8.73 30.68
N GLY D 30 -3.67 7.63 30.58
CA GLY D 30 -4.62 7.38 29.50
C GLY D 30 -6.04 7.75 29.82
N ILE D 31 -6.29 8.25 31.04
CA ILE D 31 -7.63 8.67 31.47
C ILE D 31 -7.97 9.97 30.74
N VAL D 32 -9.12 9.97 30.05
CA VAL D 32 -9.65 11.06 29.25
C VAL D 32 -10.65 11.87 30.11
N VAL D 33 -11.51 11.16 30.85
CA VAL D 33 -12.57 11.71 31.69
C VAL D 33 -12.92 10.73 32.80
N MET D 34 -13.23 11.26 33.98
CA MET D 34 -13.65 10.53 35.15
C MET D 34 -15.03 11.02 35.51
N ALA D 35 -15.89 10.13 36.02
CA ALA D 35 -17.27 10.46 36.34
C ALA D 35 -17.76 9.72 37.57
N TRP D 36 -18.90 10.17 38.07
CA TRP D 36 -19.64 9.58 39.18
C TRP D 36 -20.99 9.21 38.64
N TYR D 37 -21.38 7.97 38.85
CA TYR D 37 -22.68 7.44 38.44
C TYR D 37 -23.42 7.01 39.70
N ARG D 38 -24.73 6.84 39.62
CA ARG D 38 -25.52 6.38 40.74
C ARG D 38 -26.69 5.49 40.30
N GLN D 39 -26.88 4.37 41.03
CA GLN D 39 -27.96 3.42 40.79
C GLN D 39 -28.91 3.34 41.98
N ALA D 40 -30.14 3.83 41.76
CA ALA D 40 -31.24 3.78 42.73
C ALA D 40 -31.88 2.36 42.69
N PRO D 41 -32.65 1.93 43.76
CA PRO D 41 -33.25 0.56 43.75
C PRO D 41 -33.84 0.03 42.39
N GLY D 42 -35.01 0.49 41.94
CA GLY D 42 -35.62 0.02 40.70
C GLY D 42 -35.15 0.70 39.43
N LYS D 43 -34.47 1.85 39.59
CA LYS D 43 -33.97 2.67 38.50
C LYS D 43 -32.64 2.16 37.94
N GLN D 44 -32.31 2.57 36.70
CA GLN D 44 -31.03 2.23 36.04
C GLN D 44 -29.94 3.24 36.44
N ARG D 45 -28.64 2.86 36.26
CA ARG D 45 -27.44 3.66 36.56
C ARG D 45 -27.43 4.98 35.78
N GLU D 46 -27.50 6.13 36.50
CA GLU D 46 -27.51 7.45 35.89
C GLU D 46 -26.19 8.22 36.14
N LEU D 47 -25.80 9.10 35.21
CA LEU D 47 -24.61 9.92 35.36
C LEU D 47 -24.92 11.04 36.36
N VAL D 48 -24.01 11.30 37.29
CA VAL D 48 -24.16 12.33 38.32
C VAL D 48 -23.35 13.57 37.96
N ALA D 49 -22.04 13.37 37.78
CA ALA D 49 -21.07 14.42 37.49
C ALA D 49 -19.89 13.83 36.79
N SER D 50 -19.19 14.64 35.97
CA SER D 50 -17.97 14.25 35.25
C SER D 50 -16.94 15.36 35.32
N ILE D 51 -15.65 15.01 35.17
CA ILE D 51 -14.50 15.90 35.14
C ILE D 51 -13.50 15.38 34.09
N THR D 52 -13.15 16.20 33.09
CA THR D 52 -12.19 15.80 32.06
C THR D 52 -10.81 15.89 32.69
N SER D 53 -9.78 15.30 32.04
CA SER D 53 -8.42 15.37 32.59
C SER D 53 -7.91 16.79 32.66
N GLY D 54 -8.51 17.69 31.88
CA GLY D 54 -8.20 19.12 31.88
C GLY D 54 -8.97 19.92 32.92
N GLY D 55 -9.82 19.24 33.69
CA GLY D 55 -10.61 19.84 34.77
C GLY D 55 -11.99 20.38 34.47
N THR D 56 -12.56 20.08 33.28
CA THR D 56 -13.90 20.57 32.92
C THR D 56 -14.97 19.70 33.55
N THR D 57 -15.77 20.33 34.42
CA THR D 57 -16.84 19.67 35.18
C THR D 57 -18.16 19.78 34.46
N ASN D 58 -19.06 18.83 34.75
CA ASN D 58 -20.41 18.77 34.23
C ASN D 58 -21.22 18.01 35.23
N TYR D 59 -22.45 18.46 35.50
CA TYR D 59 -23.34 17.86 36.46
C TYR D 59 -24.70 17.58 35.88
N ALA D 60 -25.36 16.53 36.40
CA ALA D 60 -26.75 16.17 36.08
C ALA D 60 -27.60 17.31 36.66
N ASP D 61 -28.79 17.57 36.07
CA ASP D 61 -29.63 18.69 36.49
C ASP D 61 -30.08 18.60 37.94
N SER D 62 -30.28 17.35 38.43
CA SER D 62 -30.72 17.02 39.79
C SER D 62 -29.71 17.38 40.89
N VAL D 63 -28.40 17.34 40.57
CA VAL D 63 -27.30 17.60 41.51
C VAL D 63 -26.60 18.94 41.28
N LYS D 64 -26.87 19.59 40.14
CA LYS D 64 -26.26 20.87 39.77
C LYS D 64 -26.60 21.92 40.82
N GLY D 65 -25.56 22.58 41.34
CA GLY D 65 -25.72 23.61 42.36
C GLY D 65 -25.56 23.13 43.78
N ARG D 66 -25.50 21.78 43.99
CA ARG D 66 -25.34 21.10 45.29
C ARG D 66 -24.04 20.26 45.39
N PHE D 67 -23.68 19.54 44.31
CA PHE D 67 -22.52 18.65 44.30
C PHE D 67 -21.29 19.28 43.66
N THR D 68 -20.08 18.77 44.00
CA THR D 68 -18.82 19.23 43.45
C THR D 68 -17.91 18.04 43.18
N ILE D 69 -17.54 17.87 41.92
CA ILE D 69 -16.59 16.85 41.48
C ILE D 69 -15.24 17.58 41.40
N SER D 70 -14.20 16.90 41.91
CA SER D 70 -12.84 17.44 41.95
C SER D 70 -11.86 16.28 41.86
N LYS D 71 -10.65 16.61 41.39
CA LYS D 71 -9.58 15.66 41.16
C LYS D 71 -8.32 16.13 41.90
N ASP D 72 -7.66 15.21 42.62
CA ASP D 72 -6.35 15.42 43.24
C ASP D 72 -5.42 14.58 42.38
N ASN D 73 -4.73 15.26 41.42
CA ASN D 73 -3.83 14.61 40.46
C ASN D 73 -2.61 14.00 41.13
N ALA D 74 -2.12 14.66 42.21
CA ALA D 74 -0.99 14.20 43.01
C ALA D 74 -1.31 12.83 43.63
N GLU D 75 -2.49 12.70 44.27
CA GLU D 75 -2.93 11.47 44.93
C GLU D 75 -3.73 10.54 44.02
N ASN D 76 -3.90 10.91 42.73
CA ASN D 76 -4.69 10.16 41.74
C ASN D 76 -6.06 9.73 42.31
N THR D 77 -6.74 10.69 42.97
CA THR D 77 -8.03 10.51 43.62
C THR D 77 -9.09 11.45 43.06
N LEU D 78 -10.25 10.89 42.76
CA LEU D 78 -11.45 11.60 42.31
C LEU D 78 -12.34 11.75 43.57
N TYR D 79 -12.88 12.95 43.76
CA TYR D 79 -13.76 13.25 44.89
C TYR D 79 -15.16 13.70 44.43
N LEU D 80 -16.15 13.49 45.29
CA LEU D 80 -17.51 13.99 45.11
C LEU D 80 -17.98 14.54 46.44
N ARG D 81 -18.04 15.85 46.54
CA ARG D 81 -18.55 16.56 47.71
C ARG D 81 -20.06 16.71 47.46
N MET D 82 -20.85 16.08 48.30
CA MET D 82 -22.28 16.09 48.17
C MET D 82 -22.85 16.89 49.31
N ASN D 83 -23.20 18.14 49.06
CA ASN D 83 -23.79 19.01 50.05
C ASN D 83 -25.30 19.11 49.81
N SER D 84 -26.04 19.72 50.75
CA SER D 84 -27.50 19.89 50.65
C SER D 84 -28.19 18.59 50.21
N LEU D 85 -27.77 17.45 50.80
CA LEU D 85 -28.29 16.13 50.48
C LEU D 85 -29.82 16.03 50.65
N LYS D 86 -30.46 15.28 49.75
CA LYS D 86 -31.92 15.06 49.74
C LYS D 86 -32.16 13.55 49.76
N PRO D 87 -33.27 13.04 50.33
CA PRO D 87 -33.48 11.57 50.31
C PRO D 87 -33.44 10.95 48.90
N GLU D 88 -33.82 11.71 47.86
CA GLU D 88 -33.78 11.29 46.44
C GLU D 88 -32.35 10.98 45.95
N ASP D 89 -31.31 11.41 46.72
CA ASP D 89 -29.91 11.16 46.42
C ASP D 89 -29.48 9.77 46.91
N THR D 90 -30.40 9.01 47.57
CA THR D 90 -30.13 7.64 48.03
C THR D 90 -29.93 6.73 46.82
N ALA D 91 -28.76 6.06 46.74
CA ALA D 91 -28.37 5.17 45.66
C ALA D 91 -27.00 4.58 45.94
N VAL D 92 -26.52 3.71 45.04
CA VAL D 92 -25.17 3.13 45.08
C VAL D 92 -24.40 3.98 44.06
N TYR D 93 -23.34 4.65 44.54
CA TYR D 93 -22.52 5.55 43.74
C TYR D 93 -21.31 4.81 43.23
N TYR D 94 -21.07 4.90 41.93
CA TYR D 94 -19.93 4.27 41.26
C TYR D 94 -19.04 5.31 40.61
N CYS D 95 -17.71 5.21 40.74
CA CYS D 95 -16.84 6.08 39.99
C CYS D 95 -16.43 5.33 38.72
N LYS D 96 -16.33 6.07 37.60
CA LYS D 96 -15.99 5.54 36.31
C LYS D 96 -14.77 6.23 35.77
N ALA D 97 -14.02 5.53 34.92
CA ALA D 97 -12.86 6.08 34.21
C ALA D 97 -12.97 5.74 32.74
N PHE D 98 -12.91 6.77 31.88
CA PHE D 98 -12.92 6.59 30.43
C PHE D 98 -11.47 6.73 29.99
N PHE D 99 -10.90 5.61 29.56
CA PHE D 99 -9.48 5.43 29.22
C PHE D 99 -9.24 5.31 27.68
N ARG D 100 -8.07 5.75 27.22
CA ARG D 100 -7.71 5.73 25.80
C ARG D 100 -6.35 5.05 25.61
N ARG D 101 -6.31 3.99 24.77
CA ARG D 101 -5.10 3.21 24.43
C ARG D 101 -5.23 3.13 22.94
N ASP D 102 -4.62 4.16 22.35
CA ASP D 102 -4.79 4.61 20.99
C ASP D 102 -5.00 3.48 20.01
N TYR D 103 -6.09 3.60 19.20
CA TYR D 103 -7.02 4.76 19.14
C TYR D 103 -8.42 4.32 19.55
N VAL D 104 -8.52 3.65 20.71
CA VAL D 104 -9.73 3.00 21.19
C VAL D 104 -9.98 3.42 22.61
N GLY D 105 -11.25 3.58 22.97
CA GLY D 105 -11.70 3.89 24.32
C GLY D 105 -12.12 2.65 25.10
N TYR D 106 -11.92 2.68 26.44
CA TYR D 106 -12.24 1.60 27.39
C TYR D 106 -12.82 2.20 28.67
N ASP D 107 -13.85 1.55 29.26
CA ASP D 107 -14.52 1.97 30.49
C ASP D 107 -14.08 1.13 31.65
N TYR D 108 -13.71 1.78 32.75
CA TYR D 108 -13.30 1.10 33.98
C TYR D 108 -14.22 1.57 35.10
N TRP D 109 -14.64 0.65 35.96
CA TRP D 109 -15.56 0.96 37.06
C TRP D 109 -15.04 0.57 38.43
N GLY D 110 -15.62 1.21 39.44
CA GLY D 110 -15.40 0.91 40.84
C GLY D 110 -16.47 -0.07 41.29
N GLN D 111 -16.32 -0.63 42.49
CA GLN D 111 -17.26 -1.62 43.03
C GLN D 111 -18.65 -1.05 43.43
N GLY D 112 -18.67 0.21 43.88
CA GLY D 112 -19.87 0.91 44.33
C GLY D 112 -19.76 1.26 45.79
N THR D 113 -20.42 2.34 46.20
CA THR D 113 -20.47 2.79 47.60
C THR D 113 -21.90 3.26 47.91
N GLN D 114 -22.51 2.69 48.96
CA GLN D 114 -23.89 3.03 49.30
C GLN D 114 -23.98 4.38 50.01
N VAL D 115 -24.93 5.20 49.55
CA VAL D 115 -25.24 6.49 50.13
C VAL D 115 -26.71 6.47 50.43
N THR D 116 -27.03 6.61 51.73
CA THR D 116 -28.40 6.66 52.27
C THR D 116 -28.60 8.05 52.86
N VAL D 117 -29.68 8.72 52.45
CA VAL D 117 -30.07 10.04 52.95
C VAL D 117 -31.46 9.93 53.62
N SER D 118 -31.50 10.02 54.96
CA SER D 118 -32.76 9.96 55.70
C SER D 118 -33.39 11.36 55.74
N SER D 119 -34.63 11.49 56.26
CA SER D 119 -35.35 12.78 56.31
C SER D 119 -35.21 13.48 57.67
N GLN E 1 -8.57 -32.42 -4.89
CA GLN E 1 -9.66 -33.38 -4.68
C GLN E 1 -9.16 -34.82 -4.52
N VAL E 2 -9.78 -35.57 -3.59
CA VAL E 2 -9.46 -36.97 -3.28
C VAL E 2 -10.73 -37.85 -3.35
N GLN E 3 -10.56 -39.07 -3.90
CA GLN E 3 -11.59 -40.10 -4.14
C GLN E 3 -11.30 -41.36 -3.27
N LEU E 4 -12.26 -41.74 -2.39
CA LEU E 4 -12.09 -42.87 -1.47
C LEU E 4 -13.12 -43.98 -1.69
N VAL E 5 -12.68 -45.26 -1.69
CA VAL E 5 -13.54 -46.42 -1.90
C VAL E 5 -13.32 -47.51 -0.87
N GLU E 6 -14.35 -47.78 -0.02
CA GLU E 6 -14.28 -48.82 1.01
C GLU E 6 -14.78 -50.18 0.55
N SER E 7 -14.07 -51.22 0.98
CA SER E 7 -14.37 -52.63 0.72
C SER E 7 -13.98 -53.41 1.97
N GLY E 8 -14.40 -54.67 2.04
CA GLY E 8 -14.05 -55.56 3.15
C GLY E 8 -15.10 -55.76 4.22
N GLY E 9 -16.23 -55.07 4.09
CA GLY E 9 -17.32 -55.18 5.05
C GLY E 9 -18.06 -56.50 4.95
N GLY E 10 -18.82 -56.85 5.98
CA GLY E 10 -19.57 -58.08 5.95
C GLY E 10 -20.19 -58.51 7.26
N LEU E 11 -20.61 -59.78 7.30
CA LEU E 11 -21.19 -60.43 8.45
C LEU E 11 -20.14 -61.34 9.07
N VAL E 12 -19.98 -61.22 10.38
CA VAL E 12 -19.04 -61.99 11.18
C VAL E 12 -19.71 -62.28 12.52
N GLN E 13 -19.25 -63.32 13.21
CA GLN E 13 -19.76 -63.68 14.52
C GLN E 13 -18.97 -62.91 15.58
N ALA E 14 -19.47 -62.86 16.82
CA ALA E 14 -18.79 -62.16 17.91
C ALA E 14 -17.47 -62.87 18.18
N GLY E 15 -16.40 -62.09 18.34
CA GLY E 15 -15.06 -62.61 18.54
C GLY E 15 -14.31 -62.78 17.24
N GLY E 16 -14.99 -62.58 16.12
CA GLY E 16 -14.44 -62.67 14.77
C GLY E 16 -13.55 -61.51 14.36
N THR E 17 -13.20 -61.49 13.08
CA THR E 17 -12.28 -60.53 12.46
C THR E 17 -12.75 -60.11 11.09
N LEU E 18 -12.44 -58.86 10.74
CA LEU E 18 -12.67 -58.25 9.43
C LEU E 18 -11.52 -57.30 9.23
N LYS E 19 -11.16 -57.07 7.97
CA LYS E 19 -10.17 -56.10 7.57
C LYS E 19 -10.86 -55.22 6.55
N LEU E 20 -11.06 -53.94 6.87
CA LEU E 20 -11.66 -53.00 5.92
C LEU E 20 -10.51 -52.32 5.17
N SER E 21 -10.74 -52.02 3.89
CA SER E 21 -9.78 -51.36 3.00
C SER E 21 -10.41 -50.09 2.47
N CYS E 22 -9.59 -49.09 2.20
CA CYS E 22 -10.04 -47.81 1.67
C CYS E 22 -9.02 -47.37 0.66
N ALA E 23 -9.38 -47.44 -0.64
CA ALA E 23 -8.54 -47.07 -1.76
C ALA E 23 -8.61 -45.58 -2.01
N ALA E 24 -7.46 -44.91 -1.93
CA ALA E 24 -7.38 -43.47 -2.13
C ALA E 24 -6.70 -43.13 -3.45
N SER E 25 -7.30 -42.17 -4.16
CA SER E 25 -6.83 -41.64 -5.45
C SER E 25 -7.11 -40.13 -5.49
N GLY E 26 -6.38 -39.43 -6.36
CA GLY E 26 -6.52 -37.99 -6.51
C GLY E 26 -5.28 -37.27 -6.05
N SER E 27 -5.46 -36.10 -5.41
CA SER E 27 -4.36 -35.30 -4.87
C SER E 27 -3.97 -35.83 -3.46
N ILE E 28 -3.45 -37.06 -3.47
CA ILE E 28 -3.03 -37.80 -2.29
C ILE E 28 -1.90 -37.07 -1.50
N SER E 29 -1.10 -36.22 -2.17
CA SER E 29 0.00 -35.44 -1.59
C SER E 29 -0.42 -34.48 -0.48
N GLY E 30 -1.68 -34.02 -0.49
CA GLY E 30 -2.18 -33.08 0.50
C GLY E 30 -2.82 -33.70 1.74
N ILE E 31 -2.95 -35.06 1.76
CA ILE E 31 -3.52 -35.79 2.90
C ILE E 31 -2.66 -35.57 4.15
N VAL E 32 -3.29 -35.02 5.19
CA VAL E 32 -2.71 -34.68 6.48
C VAL E 32 -2.97 -35.84 7.48
N VAL E 33 -4.19 -36.38 7.46
CA VAL E 33 -4.65 -37.45 8.34
C VAL E 33 -5.80 -38.20 7.67
N MET E 34 -5.81 -39.51 7.87
CA MET E 34 -6.86 -40.42 7.40
C MET E 34 -7.51 -41.03 8.62
N ALA E 35 -8.81 -41.28 8.55
CA ALA E 35 -9.58 -41.81 9.67
C ALA E 35 -10.66 -42.78 9.24
N TRP E 36 -11.18 -43.53 10.22
CA TRP E 36 -12.30 -44.45 10.07
C TRP E 36 -13.39 -43.94 11.00
N TYR E 37 -14.59 -43.81 10.47
CA TYR E 37 -15.77 -43.39 11.20
C TYR E 37 -16.78 -44.51 11.11
N ARG E 38 -17.78 -44.51 12.01
CA ARG E 38 -18.85 -45.50 11.94
C ARG E 38 -20.20 -44.89 12.37
N GLN E 39 -21.27 -45.33 11.70
CA GLN E 39 -22.60 -44.85 12.01
C GLN E 39 -23.53 -46.04 12.26
N ALA E 40 -23.92 -46.21 13.52
CA ALA E 40 -24.85 -47.24 13.98
C ALA E 40 -26.30 -46.80 13.63
N PRO E 41 -27.30 -47.73 13.48
CA PRO E 41 -28.67 -47.31 13.13
C PRO E 41 -29.32 -46.38 14.17
N GLY E 42 -29.65 -45.19 13.70
CA GLY E 42 -30.27 -44.17 14.54
C GLY E 42 -29.27 -43.21 15.16
N LYS E 43 -28.09 -43.72 15.55
CA LYS E 43 -27.00 -42.96 16.17
C LYS E 43 -26.23 -42.13 15.12
N GLN E 44 -25.49 -41.11 15.60
CA GLN E 44 -24.68 -40.22 14.77
C GLN E 44 -23.31 -40.86 14.46
N ARG E 45 -22.66 -40.40 13.38
CA ARG E 45 -21.35 -40.84 12.89
C ARG E 45 -20.27 -40.53 13.93
N GLU E 46 -19.62 -41.58 14.49
CA GLU E 46 -18.55 -41.41 15.48
C GLU E 46 -17.17 -41.77 14.91
N LEU E 47 -16.11 -41.14 15.44
CA LEU E 47 -14.73 -41.43 15.04
C LEU E 47 -14.32 -42.76 15.67
N VAL E 48 -13.68 -43.64 14.88
CA VAL E 48 -13.22 -44.95 15.34
C VAL E 48 -11.72 -44.95 15.58
N ALA E 49 -10.94 -44.59 14.56
CA ALA E 49 -9.49 -44.55 14.60
C ALA E 49 -8.99 -43.58 13.56
N SER E 50 -7.80 -43.01 13.78
CA SER E 50 -7.13 -42.09 12.85
C SER E 50 -5.63 -42.43 12.75
N ILE E 51 -4.99 -42.03 11.65
CA ILE E 51 -3.55 -42.21 11.37
C ILE E 51 -3.06 -40.98 10.59
N THR E 52 -2.08 -40.25 11.15
CA THR E 52 -1.52 -39.08 10.50
C THR E 52 -0.63 -39.57 9.35
N SER E 53 -0.26 -38.68 8.41
CA SER E 53 0.61 -39.07 7.29
C SER E 53 1.98 -39.56 7.77
N GLY E 54 2.36 -39.17 8.99
CA GLY E 54 3.59 -39.59 9.66
C GLY E 54 3.46 -40.91 10.41
N GLY E 55 2.26 -41.51 10.40
CA GLY E 55 1.97 -42.79 11.02
C GLY E 55 1.49 -42.82 12.46
N THR E 56 1.11 -41.65 13.04
CA THR E 56 0.63 -41.60 14.42
C THR E 56 -0.84 -42.01 14.51
N THR E 57 -1.09 -43.13 15.21
CA THR E 57 -2.42 -43.72 15.38
C THR E 57 -3.12 -43.20 16.62
N ASN E 58 -4.45 -43.21 16.59
CA ASN E 58 -5.31 -42.81 17.69
C ASN E 58 -6.58 -43.57 17.55
N TYR E 59 -7.14 -44.04 18.67
CA TYR E 59 -8.35 -44.85 18.70
C TYR E 59 -9.36 -44.33 19.67
N ALA E 60 -10.67 -44.54 19.35
CA ALA E 60 -11.79 -44.25 20.22
C ALA E 60 -11.65 -45.23 21.41
N ASP E 61 -12.14 -44.86 22.60
CA ASP E 61 -12.01 -45.71 23.80
C ASP E 61 -12.66 -47.08 23.66
N SER E 62 -13.76 -47.16 22.89
CA SER E 62 -14.55 -48.37 22.64
C SER E 62 -13.83 -49.42 21.82
N VAL E 63 -12.91 -48.99 20.92
CA VAL E 63 -12.16 -49.87 20.01
C VAL E 63 -10.68 -50.02 20.39
N LYS E 64 -10.17 -49.17 21.29
CA LYS E 64 -8.79 -49.21 21.76
C LYS E 64 -8.50 -50.57 22.42
N GLY E 65 -7.44 -51.22 21.96
CA GLY E 65 -7.04 -52.54 22.43
C GLY E 65 -7.51 -53.69 21.57
N ARG E 66 -8.42 -53.42 20.62
CA ARG E 66 -9.04 -54.39 19.70
C ARG E 66 -8.77 -54.11 18.21
N PHE E 67 -8.85 -52.84 17.81
CA PHE E 67 -8.70 -52.43 16.40
C PHE E 67 -7.29 -51.93 16.09
N THR E 68 -6.90 -51.98 14.78
CA THR E 68 -5.63 -51.48 14.26
C THR E 68 -5.80 -50.77 12.95
N ILE E 69 -5.44 -49.49 12.93
CA ILE E 69 -5.45 -48.66 11.73
C ILE E 69 -3.99 -48.70 11.20
N SER E 70 -3.86 -48.87 9.87
CA SER E 70 -2.57 -48.93 9.18
C SER E 70 -2.73 -48.38 7.77
N LYS E 71 -1.60 -47.95 7.20
CA LYS E 71 -1.54 -47.32 5.88
C LYS E 71 -0.49 -48.02 5.03
N ASP E 72 -0.85 -48.32 3.76
CA ASP E 72 0.05 -48.84 2.73
C ASP E 72 0.21 -47.66 1.77
N ASN E 73 1.30 -46.89 1.94
CA ASN E 73 1.61 -45.70 1.15
C ASN E 73 1.85 -46.03 -0.32
N ALA E 74 2.45 -47.20 -0.58
CA ALA E 74 2.74 -47.72 -1.91
C ALA E 74 1.42 -47.91 -2.70
N GLU E 75 0.44 -48.59 -2.09
CA GLU E 75 -0.87 -48.86 -2.70
C GLU E 75 -1.93 -47.78 -2.41
N ASN E 76 -1.54 -46.69 -1.68
CA ASN E 76 -2.43 -45.59 -1.28
C ASN E 76 -3.74 -46.12 -0.68
N THR E 77 -3.60 -47.12 0.22
CA THR E 77 -4.70 -47.81 0.88
C THR E 77 -4.61 -47.70 2.41
N LEU E 78 -5.75 -47.36 3.02
CA LEU E 78 -5.95 -47.29 4.45
C LEU E 78 -6.65 -48.58 4.85
N TYR E 79 -6.18 -49.22 5.93
CA TYR E 79 -6.75 -50.45 6.45
C TYR E 79 -7.26 -50.31 7.89
N LEU E 80 -8.24 -51.14 8.24
CA LEU E 80 -8.77 -51.26 9.60
C LEU E 80 -8.95 -52.72 9.92
N ARG E 81 -8.07 -53.25 10.75
CA ARG E 81 -8.11 -54.61 11.25
C ARG E 81 -8.98 -54.58 12.51
N MET E 82 -10.12 -55.24 12.45
CA MET E 82 -11.06 -55.25 13.55
C MET E 82 -11.07 -56.62 14.12
N ASN E 83 -10.39 -56.82 15.25
CA ASN E 83 -10.34 -58.11 15.93
C ASN E 83 -11.23 -58.04 17.16
N SER E 84 -11.46 -59.20 17.87
CA SER E 84 -12.30 -59.23 19.08
C SER E 84 -13.64 -58.47 18.84
N LEU E 85 -14.25 -58.70 17.68
CA LEU E 85 -15.49 -58.00 17.33
C LEU E 85 -16.63 -58.30 18.33
N LYS E 86 -17.45 -57.26 18.58
CA LYS E 86 -18.57 -57.31 19.52
C LYS E 86 -19.82 -56.88 18.75
N PRO E 87 -21.04 -57.36 19.08
CA PRO E 87 -22.24 -56.90 18.32
C PRO E 87 -22.42 -55.37 18.30
N GLU E 88 -21.94 -54.65 19.34
CA GLU E 88 -21.96 -53.18 19.41
C GLU E 88 -21.13 -52.49 18.32
N ASP E 89 -20.26 -53.27 17.63
CA ASP E 89 -19.43 -52.77 16.52
C ASP E 89 -20.19 -52.77 15.19
N THR E 90 -21.46 -53.25 15.20
CA THR E 90 -22.34 -53.25 14.02
C THR E 90 -22.65 -51.78 13.66
N ALA E 91 -22.34 -51.40 12.42
CA ALA E 91 -22.52 -50.04 11.91
C ALA E 91 -22.07 -49.97 10.46
N VAL E 92 -22.20 -48.79 9.84
CA VAL E 92 -21.71 -48.50 8.47
C VAL E 92 -20.40 -47.77 8.72
N TYR E 93 -19.30 -48.32 8.22
CA TYR E 93 -17.97 -47.76 8.40
C TYR E 93 -17.57 -46.94 7.21
N TYR E 94 -17.12 -45.71 7.47
CA TYR E 94 -16.69 -44.76 6.43
C TYR E 94 -15.23 -44.39 6.61
N CYS E 95 -14.45 -44.34 5.53
CA CYS E 95 -13.10 -43.82 5.65
C CYS E 95 -13.13 -42.34 5.25
N LYS E 96 -12.33 -41.53 5.92
CA LYS E 96 -12.26 -40.11 5.73
C LYS E 96 -10.82 -39.71 5.39
N ALA E 97 -10.67 -38.61 4.67
CA ALA E 97 -9.38 -38.03 4.34
C ALA E 97 -9.41 -36.52 4.64
N PHE E 98 -8.48 -36.05 5.48
CA PHE E 98 -8.36 -34.62 5.79
C PHE E 98 -7.20 -34.12 4.95
N PHE E 99 -7.54 -33.33 3.92
CA PHE E 99 -6.63 -32.78 2.91
C PHE E 99 -6.34 -31.28 3.12
N ARG E 100 -5.10 -30.88 2.89
CA ARG E 100 -4.70 -29.48 3.03
C ARG E 100 -4.06 -28.93 1.73
N ARG E 101 -4.67 -27.85 1.20
CA ARG E 101 -4.24 -27.15 -0.02
C ARG E 101 -4.20 -25.66 0.28
N ASP E 102 -2.99 -25.09 0.20
CA ASP E 102 -2.69 -23.69 0.41
C ASP E 102 -3.44 -23.03 1.59
N TYR E 103 -3.16 -23.50 2.82
CA TYR E 103 -3.66 -22.96 4.10
C TYR E 103 -5.17 -23.15 4.36
N VAL E 104 -5.82 -24.04 3.61
CA VAL E 104 -7.22 -24.39 3.83
C VAL E 104 -7.32 -25.91 3.91
N GLY E 105 -8.16 -26.40 4.83
CA GLY E 105 -8.44 -27.82 5.00
C GLY E 105 -9.72 -28.23 4.29
N TYR E 106 -9.78 -29.49 3.81
CA TYR E 106 -10.92 -30.07 3.09
C TYR E 106 -11.13 -31.53 3.53
N ASP E 107 -12.40 -31.95 3.75
CA ASP E 107 -12.77 -33.32 4.15
C ASP E 107 -13.30 -34.09 2.98
N TYR E 108 -12.79 -35.32 2.79
CA TYR E 108 -13.25 -36.21 1.73
C TYR E 108 -13.71 -37.50 2.36
N TRP E 109 -14.82 -38.05 1.86
CA TRP E 109 -15.41 -39.27 2.41
C TRP E 109 -15.62 -40.39 1.41
N GLY E 110 -15.73 -41.60 1.95
CA GLY E 110 -16.05 -42.80 1.21
C GLY E 110 -17.56 -43.01 1.25
N GLN E 111 -18.06 -43.97 0.45
CA GLN E 111 -19.50 -44.24 0.36
C GLN E 111 -20.08 -44.94 1.62
N GLY E 112 -19.25 -45.77 2.27
CA GLY E 112 -19.60 -46.55 3.45
C GLY E 112 -19.57 -48.04 3.17
N THR E 113 -19.29 -48.84 4.19
CA THR E 113 -19.27 -50.30 4.10
C THR E 113 -19.93 -50.89 5.35
N GLN E 114 -20.94 -51.76 5.15
CA GLN E 114 -21.67 -52.34 6.27
C GLN E 114 -20.90 -53.44 6.96
N VAL E 115 -20.85 -53.37 8.29
CA VAL E 115 -20.24 -54.37 9.14
C VAL E 115 -21.32 -54.82 10.13
N THR E 116 -21.65 -56.14 10.12
CA THR E 116 -22.65 -56.73 11.02
C THR E 116 -21.99 -57.80 11.87
N VAL E 117 -22.01 -57.61 13.19
CA VAL E 117 -21.47 -58.58 14.14
C VAL E 117 -22.66 -59.25 14.82
N SER E 118 -22.78 -60.58 14.67
CA SER E 118 -23.87 -61.37 15.27
C SER E 118 -23.48 -61.90 16.65
N SER E 119 -24.49 -62.30 17.45
CA SER E 119 -24.32 -62.86 18.80
C SER E 119 -23.49 -64.17 18.81
N HIS E 120 -22.94 -64.50 19.99
CA HIS E 120 -22.15 -65.71 20.24
C HIS E 120 -23.01 -66.97 20.35
N HIS E 121 -24.25 -66.86 20.91
CA HIS E 121 -25.17 -67.99 21.04
C HIS E 121 -25.94 -68.22 19.72
N HIS E 122 -25.21 -68.78 18.71
CA HIS E 122 -25.62 -69.18 17.35
C HIS E 122 -26.77 -68.31 16.74
N HIS E 123 -26.65 -66.97 16.83
CA HIS E 123 -27.64 -66.03 16.32
C HIS E 123 -27.01 -64.68 15.97
N GLN F 1 -23.95 14.53 -10.38
CA GLN F 1 -25.37 14.76 -10.14
C GLN F 1 -26.13 15.23 -11.40
N VAL F 2 -27.35 14.70 -11.60
CA VAL F 2 -28.22 15.03 -12.73
C VAL F 2 -29.63 15.44 -12.26
N GLN F 3 -30.23 16.46 -12.94
CA GLN F 3 -31.56 17.02 -12.67
C GLN F 3 -32.47 16.74 -13.86
N LEU F 4 -33.67 16.20 -13.59
CA LEU F 4 -34.62 15.83 -14.65
C LEU F 4 -35.98 16.48 -14.43
N VAL F 5 -36.60 17.05 -15.50
CA VAL F 5 -37.90 17.70 -15.43
C VAL F 5 -38.82 17.19 -16.53
N GLU F 6 -39.90 16.45 -16.16
CA GLU F 6 -40.90 15.98 -17.12
C GLU F 6 -41.96 17.05 -17.38
N SER F 7 -42.51 17.04 -18.59
CA SER F 7 -43.59 17.88 -19.06
C SER F 7 -44.31 17.12 -20.17
N GLY F 8 -45.50 17.58 -20.56
CA GLY F 8 -46.25 17.00 -21.67
C GLY F 8 -47.39 16.05 -21.32
N GLY F 9 -47.57 15.80 -20.02
CA GLY F 9 -48.62 14.92 -19.51
C GLY F 9 -50.01 15.52 -19.65
N GLY F 10 -51.03 14.69 -19.56
CA GLY F 10 -52.39 15.16 -19.68
C GLY F 10 -53.46 14.11 -19.80
N LEU F 11 -54.67 14.54 -20.23
CA LEU F 11 -55.84 13.70 -20.41
C LEU F 11 -56.02 13.51 -21.91
N VAL F 12 -56.15 12.24 -22.32
CA VAL F 12 -56.31 11.87 -23.73
C VAL F 12 -57.38 10.83 -23.89
N GLN F 13 -58.08 10.88 -25.02
CA GLN F 13 -59.14 9.91 -25.31
C GLN F 13 -58.46 8.61 -25.79
N ALA F 14 -59.08 7.42 -25.53
CA ALA F 14 -58.47 6.15 -25.96
C ALA F 14 -58.23 6.20 -27.47
N GLY F 15 -57.04 5.82 -27.89
CA GLY F 15 -56.64 5.86 -29.28
C GLY F 15 -55.88 7.13 -29.62
N GLY F 16 -55.82 8.06 -28.64
CA GLY F 16 -55.13 9.34 -28.73
C GLY F 16 -53.60 9.25 -28.68
N THR F 17 -52.96 10.43 -28.57
CA THR F 17 -51.51 10.61 -28.56
C THR F 17 -51.08 11.68 -27.55
N LEU F 18 -49.88 11.51 -27.01
CA LEU F 18 -49.19 12.41 -26.12
C LEU F 18 -47.72 12.24 -26.42
N LYS F 19 -46.93 13.31 -26.21
CA LYS F 19 -45.49 13.32 -26.29
C LYS F 19 -45.01 13.87 -24.96
N LEU F 20 -44.32 13.03 -24.18
CA LEU F 20 -43.74 13.48 -22.92
C LEU F 20 -42.31 13.91 -23.21
N SER F 21 -41.84 14.93 -22.49
CA SER F 21 -40.50 15.50 -22.58
C SER F 21 -39.83 15.40 -21.23
N CYS F 22 -38.51 15.26 -21.21
CA CYS F 22 -37.73 15.18 -19.99
C CYS F 22 -36.47 15.95 -20.22
N ALA F 23 -36.36 17.15 -19.60
CA ALA F 23 -35.20 18.03 -19.70
C ALA F 23 -34.13 17.61 -18.72
N ALA F 24 -32.96 17.28 -19.24
CA ALA F 24 -31.83 16.85 -18.43
C ALA F 24 -30.75 17.91 -18.37
N SER F 25 -30.25 18.13 -17.15
CA SER F 25 -29.20 19.08 -16.81
C SER F 25 -28.30 18.47 -15.71
N GLY F 26 -27.10 18.99 -15.59
CA GLY F 26 -26.14 18.50 -14.61
C GLY F 26 -24.96 17.87 -15.31
N SER F 27 -24.42 16.78 -14.72
CA SER F 27 -23.28 16.05 -15.28
C SER F 27 -23.82 15.04 -16.29
N ILE F 28 -24.38 15.58 -17.39
CA ILE F 28 -25.03 14.83 -18.47
C ILE F 28 -24.07 13.83 -19.14
N SER F 29 -22.76 14.13 -19.17
CA SER F 29 -21.72 13.27 -19.77
C SER F 29 -21.55 11.91 -19.05
N GLY F 30 -22.08 11.80 -17.84
CA GLY F 30 -22.03 10.59 -17.02
C GLY F 30 -23.24 9.68 -17.15
N ILE F 31 -24.25 10.06 -17.96
CA ILE F 31 -25.46 9.27 -18.19
C ILE F 31 -25.11 8.07 -19.09
N VAL F 32 -25.45 6.87 -18.61
CA VAL F 32 -25.21 5.59 -19.25
C VAL F 32 -26.48 5.15 -20.05
N VAL F 33 -27.65 5.32 -19.44
CA VAL F 33 -28.96 4.96 -19.98
C VAL F 33 -30.04 5.83 -19.36
N MET F 34 -31.02 6.19 -20.19
CA MET F 34 -32.21 6.97 -19.80
C MET F 34 -33.42 6.10 -20.03
N ALA F 35 -34.42 6.22 -19.17
CA ALA F 35 -35.61 5.39 -19.25
C ALA F 35 -36.87 6.15 -18.86
N TRP F 36 -38.03 5.56 -19.19
CA TRP F 36 -39.34 6.04 -18.80
C TRP F 36 -39.95 4.93 -17.95
N TYR F 37 -40.44 5.31 -16.79
CA TYR F 37 -41.11 4.43 -15.85
C TYR F 37 -42.53 4.93 -15.67
N ARG F 38 -43.42 4.08 -15.15
CA ARG F 38 -44.79 4.50 -14.86
C ARG F 38 -45.34 3.82 -13.62
N GLN F 39 -46.09 4.57 -12.81
CA GLN F 39 -46.70 4.04 -11.60
C GLN F 39 -48.20 4.29 -11.63
N ALA F 40 -48.97 3.19 -11.79
CA ALA F 40 -50.43 3.20 -11.78
C ALA F 40 -50.90 3.26 -10.31
N PRO F 41 -52.13 3.78 -9.98
CA PRO F 41 -52.56 3.86 -8.56
C PRO F 41 -52.64 2.49 -7.86
N GLY F 42 -51.86 2.38 -6.80
CA GLY F 42 -51.76 1.15 -6.01
C GLY F 42 -50.68 0.20 -6.46
N LYS F 43 -50.45 0.09 -7.79
CA LYS F 43 -49.42 -0.76 -8.42
C LYS F 43 -48.02 -0.16 -8.27
N GLN F 44 -46.98 -1.00 -8.41
CA GLN F 44 -45.56 -0.61 -8.31
C GLN F 44 -45.07 0.04 -9.62
N ARG F 45 -43.98 0.83 -9.53
CA ARG F 45 -43.35 1.54 -10.65
C ARG F 45 -42.76 0.52 -11.64
N GLU F 46 -43.27 0.50 -12.88
CA GLU F 46 -42.81 -0.40 -13.93
C GLU F 46 -42.01 0.33 -15.02
N LEU F 47 -41.06 -0.36 -15.65
CA LEU F 47 -40.26 0.17 -16.73
C LEU F 47 -41.11 0.17 -17.99
N VAL F 48 -41.09 1.27 -18.75
CA VAL F 48 -41.87 1.42 -19.98
C VAL F 48 -40.96 1.25 -21.20
N ALA F 49 -39.91 2.06 -21.27
CA ALA F 49 -38.96 2.06 -22.37
C ALA F 49 -37.65 2.63 -21.87
N SER F 50 -36.53 2.25 -22.52
CA SER F 50 -35.19 2.73 -22.22
C SER F 50 -34.42 3.02 -23.50
N ILE F 51 -33.39 3.88 -23.41
CA ILE F 51 -32.48 4.28 -24.50
C ILE F 51 -31.06 4.47 -23.93
N THR F 52 -30.08 3.71 -24.40
CA THR F 52 -28.70 3.85 -23.93
C THR F 52 -28.12 5.12 -24.55
N SER F 53 -27.01 5.64 -24.03
CA SER F 53 -26.40 6.85 -24.59
C SER F 53 -25.98 6.67 -26.06
N GLY F 54 -25.80 5.40 -26.48
CA GLY F 54 -25.46 5.01 -27.84
C GLY F 54 -26.67 4.82 -28.74
N GLY F 55 -27.88 5.03 -28.19
CA GLY F 55 -29.14 4.97 -28.91
C GLY F 55 -29.90 3.64 -28.95
N THR F 56 -29.53 2.66 -28.15
CA THR F 56 -30.21 1.35 -28.15
C THR F 56 -31.48 1.41 -27.32
N THR F 57 -32.62 1.21 -27.99
CA THR F 57 -33.96 1.26 -27.40
C THR F 57 -34.41 -0.10 -26.96
N ASN F 58 -35.32 -0.13 -25.97
CA ASN F 58 -35.94 -1.33 -25.43
C ASN F 58 -37.28 -0.92 -24.87
N TYR F 59 -38.30 -1.75 -25.09
CA TYR F 59 -39.68 -1.47 -24.65
C TYR F 59 -40.29 -2.61 -23.89
N ALA F 60 -41.18 -2.28 -22.93
CA ALA F 60 -41.97 -3.25 -22.18
C ALA F 60 -42.92 -3.88 -23.23
N ASP F 61 -43.34 -5.15 -23.03
CA ASP F 61 -44.20 -5.86 -24.00
C ASP F 61 -45.55 -5.17 -24.22
N SER F 62 -46.08 -4.50 -23.16
CA SER F 62 -47.36 -3.79 -23.15
C SER F 62 -47.38 -2.55 -24.03
N VAL F 63 -46.22 -1.90 -24.23
CA VAL F 63 -46.07 -0.65 -25.00
C VAL F 63 -45.36 -0.86 -26.34
N LYS F 64 -44.71 -2.01 -26.54
CA LYS F 64 -43.98 -2.32 -27.78
C LYS F 64 -44.92 -2.29 -28.97
N GLY F 65 -44.54 -1.53 -29.98
CA GLY F 65 -45.32 -1.34 -31.20
C GLY F 65 -46.20 -0.10 -31.21
N ARG F 66 -46.39 0.55 -30.04
CA ARG F 66 -47.20 1.74 -29.82
C ARG F 66 -46.38 2.98 -29.40
N PHE F 67 -45.39 2.79 -28.48
CA PHE F 67 -44.57 3.88 -27.96
C PHE F 67 -43.20 3.97 -28.63
N THR F 68 -42.58 5.17 -28.59
CA THR F 68 -41.25 5.44 -29.14
C THR F 68 -40.46 6.33 -28.19
N ILE F 69 -39.32 5.83 -27.74
CA ILE F 69 -38.37 6.58 -26.91
C ILE F 69 -37.31 7.14 -27.88
N SER F 70 -36.98 8.41 -27.69
CA SER F 70 -35.99 9.11 -28.50
C SER F 70 -35.29 10.17 -27.67
N LYS F 71 -34.10 10.53 -28.10
CA LYS F 71 -33.21 11.46 -27.43
C LYS F 71 -32.79 12.57 -28.40
N ASP F 72 -32.87 13.83 -27.94
CA ASP F 72 -32.35 15.00 -28.65
C ASP F 72 -31.13 15.40 -27.81
N ASN F 73 -29.93 14.97 -28.24
CA ASN F 73 -28.66 15.19 -27.55
C ASN F 73 -28.29 16.68 -27.51
N ALA F 74 -28.65 17.42 -28.57
CA ALA F 74 -28.45 18.86 -28.70
C ALA F 74 -29.18 19.61 -27.58
N GLU F 75 -30.48 19.31 -27.39
CA GLU F 75 -31.32 19.92 -26.37
C GLU F 75 -31.31 19.17 -25.02
N ASN F 76 -30.53 18.08 -24.90
CA ASN F 76 -30.43 17.22 -23.70
C ASN F 76 -31.82 16.83 -23.18
N THR F 77 -32.73 16.47 -24.11
CA THR F 77 -34.12 16.11 -23.87
C THR F 77 -34.43 14.68 -24.31
N LEU F 78 -35.10 13.94 -23.42
CA LEU F 78 -35.59 12.59 -23.64
C LEU F 78 -37.09 12.76 -23.96
N TYR F 79 -37.56 12.06 -24.99
CA TYR F 79 -38.96 12.08 -25.41
C TYR F 79 -39.61 10.70 -25.35
N LEU F 80 -40.95 10.69 -25.17
CA LEU F 80 -41.77 9.48 -25.24
C LEU F 80 -43.03 9.83 -26.03
N ARG F 81 -43.09 9.38 -27.27
CA ARG F 81 -44.26 9.53 -28.11
C ARG F 81 -45.12 8.31 -27.82
N MET F 82 -46.32 8.54 -27.33
CA MET F 82 -47.26 7.51 -26.93
C MET F 82 -48.45 7.55 -27.85
N ASN F 83 -48.50 6.64 -28.82
CA ASN F 83 -49.61 6.55 -29.77
C ASN F 83 -50.52 5.40 -29.40
N SER F 84 -51.74 5.36 -30.01
CA SER F 84 -52.80 4.36 -29.82
C SER F 84 -53.05 4.05 -28.33
N LEU F 85 -53.03 5.10 -27.52
CA LEU F 85 -53.20 5.07 -26.08
C LEU F 85 -54.43 4.25 -25.63
N LYS F 86 -54.28 3.54 -24.52
CA LYS F 86 -55.30 2.66 -23.95
C LYS F 86 -55.53 3.11 -22.51
N PRO F 87 -56.74 2.94 -21.92
CA PRO F 87 -56.93 3.35 -20.52
C PRO F 87 -55.94 2.72 -19.53
N GLU F 88 -55.44 1.51 -19.83
CA GLU F 88 -54.42 0.79 -19.02
C GLU F 88 -53.08 1.55 -18.94
N ASP F 89 -52.86 2.53 -19.85
CA ASP F 89 -51.66 3.36 -19.87
C ASP F 89 -51.74 4.52 -18.86
N THR F 90 -52.89 4.67 -18.16
CA THR F 90 -53.09 5.69 -17.13
C THR F 90 -52.13 5.41 -15.97
N ALA F 91 -51.29 6.39 -15.63
CA ALA F 91 -50.27 6.29 -14.58
C ALA F 91 -49.51 7.61 -14.48
N VAL F 92 -48.57 7.68 -13.51
CA VAL F 92 -47.67 8.82 -13.32
C VAL F 92 -46.38 8.34 -13.99
N TYR F 93 -45.95 9.06 -15.04
CA TYR F 93 -44.75 8.74 -15.81
C TYR F 93 -43.56 9.48 -15.29
N TYR F 94 -42.49 8.74 -15.00
CA TYR F 94 -41.24 9.30 -14.49
C TYR F 94 -40.12 9.03 -15.48
N CYS F 95 -39.27 10.03 -15.75
CA CYS F 95 -38.08 9.77 -16.53
C CYS F 95 -36.96 9.51 -15.53
N LYS F 96 -36.08 8.58 -15.88
CA LYS F 96 -34.98 8.15 -15.04
C LYS F 96 -33.68 8.34 -15.79
N ALA F 97 -32.60 8.54 -15.05
CA ALA F 97 -31.25 8.63 -15.59
C ALA F 97 -30.35 7.73 -14.76
N PHE F 98 -29.67 6.77 -15.42
CA PHE F 98 -28.69 5.91 -14.78
C PHE F 98 -27.34 6.54 -15.09
N PHE F 99 -26.75 7.14 -14.07
CA PHE F 99 -25.51 7.89 -14.10
C PHE F 99 -24.31 7.08 -13.52
N ARG F 100 -23.07 7.38 -13.96
CA ARG F 100 -21.87 6.69 -13.50
C ARG F 100 -20.79 7.69 -13.08
N ARG F 101 -20.20 7.52 -11.88
CA ARG F 101 -19.11 8.35 -11.34
C ARG F 101 -18.20 7.39 -10.59
N ASP F 102 -16.91 7.31 -10.95
CA ASP F 102 -15.91 6.51 -10.23
C ASP F 102 -16.30 5.06 -10.01
N TYR F 103 -16.72 4.32 -11.05
CA TYR F 103 -17.02 2.89 -10.91
C TYR F 103 -18.27 2.57 -10.07
N VAL F 104 -19.09 3.59 -9.75
CA VAL F 104 -20.34 3.39 -9.01
C VAL F 104 -21.47 3.98 -9.85
N GLY F 105 -22.61 3.29 -9.88
CA GLY F 105 -23.82 3.75 -10.54
C GLY F 105 -24.75 4.48 -9.57
N TYR F 106 -25.50 5.49 -10.09
CA TYR F 106 -26.46 6.32 -9.34
C TYR F 106 -27.70 6.55 -10.19
N ASP F 107 -28.88 6.50 -9.56
CA ASP F 107 -30.18 6.70 -10.22
C ASP F 107 -30.70 8.07 -9.91
N TYR F 108 -31.13 8.79 -10.95
CA TYR F 108 -31.73 10.11 -10.82
C TYR F 108 -33.11 10.09 -11.42
N TRP F 109 -34.06 10.72 -10.74
CA TRP F 109 -35.45 10.71 -11.17
C TRP F 109 -36.06 12.09 -11.36
N GLY F 110 -37.12 12.10 -12.14
CA GLY F 110 -37.95 13.28 -12.36
C GLY F 110 -39.06 13.28 -11.33
N GLN F 111 -39.82 14.38 -11.24
CA GLN F 111 -40.89 14.54 -10.25
C GLN F 111 -42.13 13.65 -10.57
N GLY F 112 -42.38 13.42 -11.86
CA GLY F 112 -43.49 12.64 -12.39
C GLY F 112 -44.42 13.53 -13.18
N THR F 113 -45.10 12.95 -14.18
CA THR F 113 -46.08 13.64 -15.00
C THR F 113 -47.30 12.72 -15.17
N GLN F 114 -48.50 13.23 -14.82
CA GLN F 114 -49.71 12.42 -14.91
C GLN F 114 -50.19 12.28 -16.32
N VAL F 115 -50.49 11.03 -16.70
CA VAL F 115 -51.09 10.69 -17.99
C VAL F 115 -52.38 9.93 -17.69
N THR F 116 -53.53 10.46 -18.15
CA THR F 116 -54.84 9.84 -17.97
C THR F 116 -55.44 9.52 -19.33
N VAL F 117 -55.81 8.26 -19.53
CA VAL F 117 -56.44 7.84 -20.77
C VAL F 117 -57.88 7.43 -20.44
N SER F 118 -58.84 8.19 -20.99
CA SER F 118 -60.26 7.94 -20.79
C SER F 118 -60.79 6.93 -21.78
N SER F 119 -61.89 6.26 -21.40
CA SER F 119 -62.45 5.19 -22.23
C SER F 119 -63.80 5.44 -22.82
N HIS F 120 -64.04 4.79 -23.97
CA HIS F 120 -65.29 4.64 -24.71
C HIS F 120 -65.55 3.15 -24.49
N HIS F 121 -66.34 2.81 -23.45
CA HIS F 121 -66.53 1.41 -23.09
C HIS F 121 -67.06 0.55 -24.27
N HIS F 122 -68.23 0.89 -24.87
CA HIS F 122 -68.84 0.23 -26.03
C HIS F 122 -68.88 -1.31 -25.95
#